data_7BEP
#
_entry.id   7BEP
#
_cell.length_a   108.760
_cell.length_b   113.221
_cell.length_c   302.773
_cell.angle_alpha   90.000
_cell.angle_beta   90.000
_cell.angle_gamma   90.000
#
_symmetry.space_group_name_H-M   'P 21 21 21'
#
loop_
_entity.id
_entity.type
_entity.pdbx_description
1 polymer 'Spike glycoprotein'
2 polymer 'COVOX-384 heavy chain'
3 polymer 'COVOX-384 light chain'
4 polymer 'S309 heavy chain'
5 polymer 'S309 light chain'
6 branched alpha-D-mannopyranose-(1-3)-[alpha-D-mannopyranose-(1-6)]beta-D-mannopyranose-(1-4)-2-acetamido-2-deoxy-beta-D-glucopyranose-(1-4)-[alpha-L-fucopyranose-(1-6)]2-acetamido-2-deoxy-beta-D-glucopyranose
7 non-polymer IMIDAZOLE
8 non-polymer 'CHLORIDE ION'
9 non-polymer 'GLUTAMIC ACID'
10 non-polymer GLYCINE
11 non-polymer 'TRIETHYLENE GLYCOL'
12 non-polymer GLYCEROL
13 non-polymer 'TETRAETHYLENE GLYCOL'
14 non-polymer DI(HYDROXYETHYL)ETHER
15 water water
#
loop_
_entity_poly.entity_id
_entity_poly.type
_entity_poly.pdbx_seq_one_letter_code
_entity_poly.pdbx_strand_id
1 'polypeptide(L)'
;ETGHHHHHHTNLCPFGEVFNATRFASVYAWNRKRISNCVADYSVLYNSASFSTFKCYGVSPTKLNDLCFTNVYADSFVIR
GDEVRQIAPGQTGKIADYNYKLPDDFTGCVIAWNSNNLDSKVGGNYNYLYRLFRKSNLKPFERDISTEIYQAGSTPCNGV
EGFNCYFPLQSYGFQPTNGVGYQPYRVVVLSFELLHAPATVCGKK
;
E,C
2 'polypeptide(L)'
;ILFLVATATGVHSEVQLVESGGGLVKPGESLRLSCAASGFTFSDYYMTWIRQAPGKGLEWVSYIRSSGHTIYYADSVKGR
FTISRDNAKNSLYLQMNSLRVEDTAVYYCARGGVLRFLEWPLNAFDIWGQGTMVTVSSASTKGPSVFPLAPSSKSTSGGT
AALGCLVKDYFPEPVTVSWNSGALTSGVHTFPAVLQSSGLYSLSSVVTVPSSSLGTQTYICNVNHKPSNTKVDKKVEPKS
CDK
;
A,D
3 'polypeptide(L)'
;ILFLVATATGVHSDIQLTQSPSSLSASVGDRVTITCRASQGISNYLAWYQQKPGKVPKLLIYAASTLQSGVPSRFSGSGS
GTDFTLTISSLQPEDVATYYCQKYNNALGTFGQGTKVEIKRTVAAPSVFIFPPSDEQLKSGTASVVCLLNNFYPREAKVQ
WKVDNALQSGNSQESVTEQDSKDSTYSLSSTLTLSKADYEKHKVYACEVTHQGLSSPVTKSFNRGEC
;
B,F
4 'polypeptide(L)'
;QVQLVQSGAEVKKPGASVKVSCKASGYPFTSYGISWVRQAPGQGLEWMGWISTYNGNTNYAQKFQGRVTMTTDTSTTTGY
MELRRLRSDDTAVYYCARDYTRGAWFGESLIGGFDNWGQGTLVTVSSASTKGPSVFPLAPSSKSTSGGTAALGCLVKDYF
PEPVTVSWNSGALTSGVHTFPAVLQSSGLYSLSSVVTVPSSSLGTQTYICNVNHKPSNTKVDKKVEPKSCDK
;
H,G
5 'polypeptide(L)'
;EIVLTQSPGTLSLSPGERATLSCRASQTVSSTSLAWYQQKPGQAPRLLIYGASSRATGIPDRFSGSGSGTDFTLTISRLE
PEDFAVYYCQQHDTSLTFGGGTKVEIKRTVAAPSVFIFPPSDEQLKSGTASVVCLLNNFYPREAKVQWKVDNALQSGNSQ
ESVTEQDSKDSTYSLSSTLTLSKADYEKHKVYACEVTHQGLSSPVTKSFNRGEC
;
L,I
#
loop_
_chem_comp.id
_chem_comp.type
_chem_comp.name
_chem_comp.formula
BMA D-saccharide, beta linking beta-D-mannopyranose 'C6 H12 O6'
CL non-polymer 'CHLORIDE ION' 'Cl -1'
FUC L-saccharide, alpha linking alpha-L-fucopyranose 'C6 H12 O5'
GOL non-polymer GLYCEROL 'C3 H8 O3'
IMD non-polymer IMIDAZOLE 'C3 H5 N2 1'
MAN D-saccharide, alpha linking alpha-D-mannopyranose 'C6 H12 O6'
NAG D-saccharide, beta linking 2-acetamido-2-deoxy-beta-D-glucopyranose 'C8 H15 N O6'
PEG non-polymer DI(HYDROXYETHYL)ETHER 'C4 H10 O3'
PG4 non-polymer 'TETRAETHYLENE GLYCOL' 'C8 H18 O5'
PGE non-polymer 'TRIETHYLENE GLYCOL' 'C6 H14 O4'
#
# COMPACT_ATOMS: atom_id res chain seq x y z
N HIS A 9 41.30 -22.25 13.04
CA HIS A 9 40.38 -21.31 12.39
C HIS A 9 40.54 -21.36 10.87
N THR A 10 39.47 -21.02 10.14
CA THR A 10 39.48 -21.14 8.69
C THR A 10 38.83 -19.95 7.98
N ASN A 11 38.66 -18.82 8.64
CA ASN A 11 38.05 -17.66 7.99
C ASN A 11 39.08 -16.91 7.16
N LEU A 12 38.65 -16.44 5.99
CA LEU A 12 39.52 -15.69 5.09
C LEU A 12 39.71 -14.28 5.60
N CYS A 13 40.91 -13.74 5.43
CA CYS A 13 41.19 -12.39 5.88
C CYS A 13 40.39 -11.40 5.04
N PRO A 14 39.77 -10.39 5.65
CA PRO A 14 38.85 -9.53 4.90
C PRO A 14 39.55 -8.53 3.98
N PHE A 15 40.43 -9.02 3.10
CA PHE A 15 41.03 -8.15 2.10
C PHE A 15 40.00 -7.60 1.12
N GLY A 16 38.84 -8.26 1.01
CA GLY A 16 37.82 -7.78 0.10
C GLY A 16 37.27 -6.42 0.53
N GLU A 17 36.90 -6.30 1.80
CA GLU A 17 36.25 -5.08 2.25
C GLU A 17 37.23 -3.95 2.52
N VAL A 18 38.53 -4.18 2.37
CA VAL A 18 39.50 -3.09 2.41
C VAL A 18 39.73 -2.50 1.03
N PHE A 19 39.89 -3.35 0.01
CA PHE A 19 40.08 -2.88 -1.36
C PHE A 19 38.75 -2.46 -2.00
N ASN A 20 37.69 -3.23 -1.80
CA ASN A 20 36.42 -2.98 -2.43
C ASN A 20 35.48 -2.10 -1.60
N ALA A 21 36.03 -1.32 -0.66
CA ALA A 21 35.20 -0.43 0.12
C ALA A 21 34.78 0.80 -0.70
N THR A 22 33.56 1.27 -0.45
CA THR A 22 32.99 2.35 -1.25
C THR A 22 33.78 3.64 -1.06
N ARG A 23 33.99 4.07 0.18
CA ARG A 23 34.63 5.34 0.47
C ARG A 23 35.94 5.11 1.19
N PHE A 24 36.97 5.84 0.76
CA PHE A 24 38.28 5.86 1.39
C PHE A 24 38.47 7.17 2.15
N ALA A 25 39.35 7.12 3.14
CA ALA A 25 39.64 8.30 3.94
C ALA A 25 40.67 9.19 3.25
N SER A 26 40.63 10.48 3.57
CA SER A 26 41.64 11.41 3.08
C SER A 26 43.00 11.08 3.66
N VAL A 27 44.05 11.34 2.88
CA VAL A 27 45.37 10.85 3.24
C VAL A 27 45.84 11.44 4.56
N TYR A 28 45.40 12.64 4.91
CA TYR A 28 45.80 13.21 6.19
C TYR A 28 45.18 12.45 7.35
N ALA A 29 43.98 11.89 7.14
CA ALA A 29 43.34 11.04 8.13
C ALA A 29 43.24 9.61 7.63
N TRP A 30 44.39 9.01 7.30
CA TRP A 30 44.38 7.69 6.71
C TRP A 30 43.80 6.65 7.68
N ASN A 31 42.99 5.75 7.14
CA ASN A 31 42.33 4.71 7.91
C ASN A 31 43.22 3.49 8.01
N ARG A 32 43.33 2.93 9.22
CA ARG A 32 44.08 1.70 9.46
C ARG A 32 43.15 0.60 9.91
N LYS A 33 43.21 -0.55 9.24
CA LYS A 33 42.46 -1.74 9.60
C LYS A 33 43.43 -2.80 10.12
N ARG A 34 43.07 -3.44 11.23
CA ARG A 34 43.89 -4.47 11.83
C ARG A 34 43.36 -5.85 11.44
N ILE A 35 44.23 -6.69 10.90
CA ILE A 35 43.86 -8.01 10.40
C ILE A 35 44.56 -9.05 11.24
N SER A 36 43.77 -9.96 11.84
CA SER A 36 44.31 -10.97 12.74
C SER A 36 43.43 -12.20 12.74
N ASN A 37 44.05 -13.36 12.98
CA ASN A 37 43.35 -14.63 13.19
C ASN A 37 42.51 -15.01 11.97
N CYS A 38 43.19 -15.14 10.84
CA CYS A 38 42.53 -15.49 9.59
C CYS A 38 43.56 -16.05 8.62
N VAL A 39 43.07 -16.74 7.60
CA VAL A 39 43.91 -17.26 6.54
C VAL A 39 44.02 -16.21 5.45
N ALA A 40 45.24 -15.80 5.13
CA ALA A 40 45.48 -14.71 4.18
C ALA A 40 45.69 -15.29 2.79
N ASP A 41 44.75 -15.01 1.89
CA ASP A 41 44.82 -15.45 0.51
C ASP A 41 45.38 -14.29 -0.33
N TYR A 42 46.71 -14.22 -0.40
CA TYR A 42 47.36 -13.15 -1.17
C TYR A 42 47.24 -13.36 -2.68
N SER A 43 46.69 -14.48 -3.13
CA SER A 43 46.64 -14.75 -4.57
C SER A 43 45.71 -13.78 -5.28
N VAL A 44 44.57 -13.44 -4.66
CA VAL A 44 43.63 -12.51 -5.28
C VAL A 44 44.30 -11.18 -5.59
N LEU A 45 45.23 -10.75 -4.76
CA LEU A 45 45.87 -9.46 -4.93
C LEU A 45 46.78 -9.44 -6.16
N TYR A 46 47.90 -10.15 -6.10
CA TYR A 46 48.89 -10.05 -7.18
C TYR A 46 48.40 -10.66 -8.49
N ASN A 47 47.26 -11.36 -8.49
CA ASN A 47 46.69 -11.88 -9.74
C ASN A 47 45.64 -10.96 -10.34
N SER A 48 45.08 -10.04 -9.54
CA SER A 48 44.14 -9.07 -10.08
C SER A 48 44.90 -7.99 -10.85
N ALA A 49 44.47 -7.74 -12.09
CA ALA A 49 45.12 -6.74 -12.94
C ALA A 49 44.52 -5.36 -12.76
N SER A 50 43.73 -5.14 -11.72
CA SER A 50 43.10 -3.84 -11.52
C SER A 50 44.08 -2.79 -11.01
N PHE A 51 45.24 -3.19 -10.52
CA PHE A 51 46.13 -2.30 -9.80
C PHE A 51 47.15 -1.67 -10.75
N SER A 52 47.30 -0.35 -10.64
CA SER A 52 48.32 0.36 -11.40
C SER A 52 49.69 0.26 -10.74
N THR A 53 49.71 0.23 -9.41
CA THR A 53 50.94 0.17 -8.62
C THR A 53 50.87 -1.02 -7.68
N PHE A 54 51.92 -1.83 -7.67
CA PHE A 54 52.01 -3.00 -6.78
C PHE A 54 53.49 -3.26 -6.54
N LYS A 55 54.02 -2.68 -5.47
CA LYS A 55 55.43 -2.78 -5.12
C LYS A 55 55.54 -3.27 -3.69
N CYS A 56 56.39 -4.27 -3.47
CA CYS A 56 56.56 -4.89 -2.16
C CYS A 56 57.98 -4.67 -1.67
N TYR A 57 58.11 -4.26 -0.41
CA TYR A 57 59.38 -3.98 0.21
C TYR A 57 59.57 -4.91 1.41
N GLY A 58 60.78 -5.46 1.54
CA GLY A 58 61.09 -6.33 2.65
C GLY A 58 60.68 -7.77 2.49
N VAL A 59 59.86 -8.11 1.48
CA VAL A 59 59.45 -9.50 1.26
C VAL A 59 58.90 -9.59 -0.16
N SER A 60 58.91 -10.81 -0.71
CA SER A 60 58.46 -11.17 -2.05
C SER A 60 56.98 -11.53 -2.05
N PRO A 61 56.22 -11.07 -3.04
CA PRO A 61 54.80 -11.43 -3.10
C PRO A 61 54.59 -12.91 -3.34
N THR A 62 55.46 -13.54 -4.13
CA THR A 62 55.36 -14.98 -4.36
C THR A 62 55.61 -15.75 -3.07
N LYS A 63 56.66 -15.38 -2.34
CA LYS A 63 57.02 -16.01 -1.07
C LYS A 63 56.14 -15.53 0.10
N LEU A 64 55.03 -14.85 -0.20
CA LEU A 64 54.17 -14.32 0.86
C LEU A 64 53.08 -15.29 1.27
N ASN A 65 52.58 -16.12 0.34
CA ASN A 65 51.53 -17.07 0.68
C ASN A 65 52.01 -18.07 1.72
N ASP A 66 53.29 -18.43 1.69
CA ASP A 66 53.85 -19.40 2.64
C ASP A 66 54.68 -18.68 3.70
N LEU A 67 54.04 -17.74 4.39
CA LEU A 67 54.72 -16.99 5.44
C LEU A 67 53.69 -16.52 6.46
N CYS A 68 54.00 -16.70 7.74
CA CYS A 68 53.12 -16.34 8.84
C CYS A 68 53.53 -15.01 9.44
N PHE A 69 52.55 -14.34 10.06
CA PHE A 69 52.79 -13.07 10.74
C PHE A 69 51.87 -12.97 11.94
N THR A 70 52.27 -12.15 12.91
CA THR A 70 51.43 -11.94 14.08
C THR A 70 50.24 -11.04 13.75
N ASN A 71 50.48 -9.95 13.02
CA ASN A 71 49.42 -9.03 12.63
C ASN A 71 49.72 -8.47 11.25
N VAL A 72 48.65 -8.13 10.54
CA VAL A 72 48.74 -7.45 9.25
C VAL A 72 47.87 -6.20 9.35
N TYR A 73 48.43 -5.05 8.96
CA TYR A 73 47.74 -3.77 9.03
C TYR A 73 47.47 -3.26 7.62
N ALA A 74 46.22 -2.84 7.38
CA ALA A 74 45.78 -2.36 6.07
C ALA A 74 45.45 -0.87 6.18
N ASP A 75 46.38 -0.03 5.73
CA ASP A 75 46.20 1.41 5.72
C ASP A 75 45.75 1.86 4.33
N SER A 76 44.64 2.58 4.27
CA SER A 76 44.03 2.97 3.01
C SER A 76 43.74 4.47 3.00
N PHE A 77 43.95 5.10 1.85
CA PHE A 77 43.73 6.55 1.70
C PHE A 77 43.68 6.88 0.21
N VAL A 78 43.51 8.17 -0.08
CA VAL A 78 43.41 8.68 -1.44
C VAL A 78 44.38 9.85 -1.61
N ILE A 79 45.13 9.84 -2.73
CA ILE A 79 46.03 10.92 -3.11
C ILE A 79 45.90 11.13 -4.62
N ARG A 80 46.77 11.92 -5.22
CA ARG A 80 46.75 12.12 -6.66
C ARG A 80 47.94 11.41 -7.31
N GLY A 81 47.84 11.25 -8.63
CA GLY A 81 48.75 10.36 -9.34
C GLY A 81 50.23 10.64 -9.09
N ASP A 82 50.63 11.90 -9.27
CA ASP A 82 52.05 12.25 -9.12
C ASP A 82 52.55 12.11 -7.69
N GLU A 83 51.66 11.88 -6.74
CA GLU A 83 52.03 11.66 -5.35
C GLU A 83 52.16 10.18 -5.00
N VAL A 84 51.77 9.29 -5.91
CA VAL A 84 51.85 7.85 -5.62
C VAL A 84 53.30 7.43 -5.39
N ARG A 85 54.25 8.08 -6.07
CA ARG A 85 55.66 7.76 -5.89
C ARG A 85 56.19 8.12 -4.50
N GLN A 86 55.41 8.82 -3.68
CA GLN A 86 55.84 9.13 -2.33
C GLN A 86 55.44 8.08 -1.31
N ILE A 87 54.57 7.15 -1.68
CA ILE A 87 54.20 6.05 -0.80
C ILE A 87 55.23 4.94 -0.94
N ALA A 88 56.44 5.22 -0.44
CA ALA A 88 57.56 4.29 -0.50
C ALA A 88 58.61 4.75 0.49
N PRO A 89 59.39 3.84 1.06
CA PRO A 89 60.40 4.26 2.04
C PRO A 89 61.41 5.22 1.42
N GLY A 90 61.83 6.21 2.21
CA GLY A 90 62.87 7.11 1.79
C GLY A 90 62.44 8.18 0.81
N GLN A 91 61.17 8.54 0.80
CA GLN A 91 60.64 9.55 -0.10
C GLN A 91 60.39 10.85 0.64
N THR A 92 60.34 11.93 -0.13
CA THR A 92 60.01 13.26 0.40
C THR A 92 58.93 13.89 -0.47
N GLY A 93 58.29 14.91 0.09
CA GLY A 93 57.16 15.56 -0.55
C GLY A 93 56.08 15.92 0.46
N LYS A 94 55.00 16.56 0.03
CA LYS A 94 53.98 16.96 0.99
C LYS A 94 53.36 15.75 1.67
N ILE A 95 53.10 14.68 0.91
CA ILE A 95 52.44 13.51 1.47
C ILE A 95 53.38 12.76 2.40
N ALA A 96 54.61 12.53 1.96
CA ALA A 96 55.56 11.77 2.76
C ALA A 96 55.96 12.52 4.02
N ASP A 97 55.97 13.85 3.98
CA ASP A 97 56.42 14.63 5.15
C ASP A 97 55.27 14.99 6.08
N TYR A 98 54.07 15.27 5.55
CA TYR A 98 52.99 15.81 6.35
C TYR A 98 51.76 14.93 6.43
N ASN A 99 51.72 13.78 5.76
CA ASN A 99 50.47 13.03 5.71
C ASN A 99 50.64 11.54 6.03
N TYR A 100 51.48 10.83 5.28
CA TYR A 100 51.65 9.39 5.47
C TYR A 100 53.09 9.01 5.14
N LYS A 101 53.87 8.64 6.15
CA LYS A 101 55.28 8.31 5.98
C LYS A 101 55.51 6.84 6.32
N LEU A 102 56.22 6.14 5.43
CA LEU A 102 56.70 4.78 5.66
C LEU A 102 58.12 4.80 6.20
N PRO A 103 58.46 3.89 7.11
CA PRO A 103 59.81 3.88 7.66
C PRO A 103 60.84 3.44 6.62
N ASP A 104 62.09 3.82 6.88
CA ASP A 104 63.16 3.45 5.97
C ASP A 104 63.34 1.95 5.90
N ASP A 105 62.95 1.22 6.95
CA ASP A 105 63.03 -0.24 7.01
C ASP A 105 61.66 -0.89 6.77
N PHE A 106 60.87 -0.34 5.85
CA PHE A 106 59.51 -0.83 5.64
C PHE A 106 59.51 -2.23 5.05
N THR A 107 58.75 -3.12 5.68
CA THR A 107 58.57 -4.48 5.20
C THR A 107 57.07 -4.65 4.91
N GLY A 108 56.68 -4.40 3.66
CA GLY A 108 55.30 -4.51 3.28
C GLY A 108 55.12 -4.27 1.81
N CYS A 109 53.87 -3.99 1.42
CA CYS A 109 53.54 -3.75 0.02
C CYS A 109 52.66 -2.51 -0.10
N VAL A 110 52.79 -1.84 -1.25
CA VAL A 110 52.00 -0.65 -1.56
C VAL A 110 51.22 -0.94 -2.84
N ILE A 111 49.91 -0.79 -2.77
CA ILE A 111 49.02 -1.10 -3.88
C ILE A 111 48.17 0.13 -4.15
N ALA A 112 48.08 0.53 -5.42
CA ALA A 112 47.35 1.73 -5.79
C ALA A 112 46.74 1.54 -7.16
N TRP A 113 45.62 2.23 -7.40
CA TRP A 113 44.93 2.17 -8.67
C TRP A 113 44.16 3.47 -8.88
N ASN A 114 43.96 3.83 -10.14
CA ASN A 114 43.28 5.07 -10.48
C ASN A 114 41.79 4.94 -10.20
N SER A 115 41.26 5.84 -9.38
CA SER A 115 39.85 5.87 -9.03
C SER A 115 39.19 7.15 -9.51
N ASN A 116 39.55 7.60 -10.72
CA ASN A 116 38.95 8.81 -11.27
C ASN A 116 37.46 8.62 -11.53
N ASN A 117 37.03 7.39 -11.84
CA ASN A 117 35.63 7.12 -12.11
C ASN A 117 34.79 7.06 -10.84
N LEU A 118 35.42 7.11 -9.66
CA LEU A 118 34.69 7.05 -8.38
C LEU A 118 34.84 8.32 -7.56
N ASP A 119 36.01 8.96 -7.59
CA ASP A 119 36.33 10.05 -6.68
C ASP A 119 36.42 11.41 -7.38
N SER A 120 35.77 11.56 -8.52
CA SER A 120 35.70 12.83 -9.23
C SER A 120 34.24 13.24 -9.37
N LYS A 121 33.98 14.53 -9.23
CA LYS A 121 32.66 15.09 -9.45
C LYS A 121 32.74 16.14 -10.54
N VAL A 122 31.63 16.33 -11.25
CA VAL A 122 31.61 17.26 -12.38
C VAL A 122 32.02 18.66 -11.94
N GLY A 123 31.70 19.03 -10.71
CA GLY A 123 32.13 20.30 -10.16
C GLY A 123 33.37 20.24 -9.30
N GLY A 124 34.10 19.13 -9.33
CA GLY A 124 35.27 18.99 -8.47
C GLY A 124 34.94 18.37 -7.13
N ASN A 125 35.54 17.22 -6.83
CA ASN A 125 35.31 16.53 -5.56
C ASN A 125 36.17 17.18 -4.48
N TYR A 126 35.53 17.91 -3.57
CA TYR A 126 36.21 18.62 -2.50
C TYR A 126 36.09 17.91 -1.16
N ASN A 127 35.97 16.58 -1.18
CA ASN A 127 35.91 15.83 0.07
C ASN A 127 37.27 15.29 0.50
N TYR A 128 38.17 15.04 -0.46
CA TYR A 128 39.49 14.50 -0.15
C TYR A 128 40.45 15.63 0.15
N LEU A 129 41.11 15.55 1.31
CA LEU A 129 42.01 16.59 1.77
C LEU A 129 43.40 16.01 2.03
N TYR A 130 44.39 16.89 2.04
CA TYR A 130 45.74 16.57 2.47
C TYR A 130 46.30 17.72 3.29
N ARG A 131 47.26 17.41 4.16
CA ARG A 131 47.86 18.43 5.01
C ARG A 131 48.91 19.20 4.23
N LEU A 132 48.75 20.52 4.18
CA LEU A 132 49.67 21.38 3.43
C LEU A 132 50.75 22.01 4.29
N PHE A 133 50.45 22.33 5.55
CA PHE A 133 51.40 22.99 6.44
C PHE A 133 51.53 22.22 7.74
N ARG A 134 52.77 22.01 8.18
CA ARG A 134 53.05 21.38 9.47
C ARG A 134 54.44 21.81 9.91
N LYS A 135 54.59 22.02 11.23
CA LYS A 135 55.85 22.56 11.74
C LYS A 135 57.00 21.56 11.61
N SER A 136 56.71 20.27 11.60
CA SER A 136 57.74 19.25 11.48
C SER A 136 57.20 18.10 10.64
N ASN A 137 58.13 17.28 10.16
CA ASN A 137 57.77 16.12 9.35
C ASN A 137 57.27 14.99 10.23
N LEU A 138 56.35 14.20 9.69
CA LEU A 138 55.77 13.08 10.42
C LEU A 138 56.79 11.97 10.62
N LYS A 139 56.78 11.38 11.81
CA LYS A 139 57.48 10.12 12.03
C LYS A 139 56.76 9.02 11.26
N PRO A 140 57.43 7.89 11.01
CA PRO A 140 56.81 6.80 10.25
C PRO A 140 55.53 6.31 10.92
N PHE A 141 54.48 6.14 10.10
CA PHE A 141 53.18 5.64 10.53
C PHE A 141 52.51 6.56 11.54
N GLU A 142 52.82 7.86 11.50
CA GLU A 142 52.17 8.82 12.37
C GLU A 142 50.94 9.40 11.67
N ARG A 143 49.95 9.78 12.47
CA ARG A 143 48.68 10.28 11.97
C ARG A 143 48.38 11.61 12.65
N ASP A 144 48.16 12.65 11.85
CA ASP A 144 47.89 14.00 12.34
C ASP A 144 46.59 14.47 11.71
N ILE A 145 45.53 14.57 12.52
CA ILE A 145 44.23 15.01 12.04
C ILE A 145 43.84 16.35 12.65
N SER A 146 44.77 17.04 13.30
CA SER A 146 44.45 18.34 13.87
C SER A 146 44.20 19.36 12.77
N THR A 147 43.37 20.36 13.09
CA THR A 147 43.07 21.45 12.18
C THR A 147 43.42 22.79 12.80
N GLU A 148 44.46 22.83 13.61
CA GLU A 148 44.91 24.07 14.23
C GLU A 148 45.43 25.03 13.16
N ILE A 149 45.19 26.33 13.36
CA ILE A 149 45.62 27.33 12.39
C ILE A 149 47.14 27.45 12.42
N TYR A 150 47.75 27.28 11.25
CA TYR A 150 49.21 27.25 11.15
C TYR A 150 49.76 28.66 11.19
N GLN A 151 50.69 28.91 12.12
CA GLN A 151 51.31 30.22 12.27
C GLN A 151 52.55 30.25 11.39
N ALA A 152 52.47 30.98 10.28
CA ALA A 152 53.59 31.08 9.35
C ALA A 152 54.48 32.29 9.62
N GLY A 153 54.03 33.23 10.45
CA GLY A 153 54.80 34.42 10.72
C GLY A 153 55.07 34.64 12.19
N SER A 154 55.64 35.80 12.54
CA SER A 154 55.95 36.07 13.94
C SER A 154 54.70 36.38 14.76
N THR A 155 53.70 37.00 14.16
CA THR A 155 52.48 37.32 14.88
C THR A 155 51.69 36.05 15.19
N PRO A 156 51.32 35.81 16.44
CA PRO A 156 50.49 34.65 16.75
C PRO A 156 49.12 34.74 16.10
N CYS A 157 48.49 33.59 15.92
CA CYS A 157 47.24 33.51 15.17
C CYS A 157 46.00 33.50 16.03
N ASN A 158 46.11 33.02 17.28
CA ASN A 158 44.97 32.89 18.18
C ASN A 158 43.87 32.02 17.57
N GLY A 159 44.25 31.06 16.75
CA GLY A 159 43.29 30.16 16.13
C GLY A 159 42.40 30.77 15.07
N VAL A 160 42.72 31.98 14.61
CA VAL A 160 41.91 32.67 13.61
C VAL A 160 42.68 32.67 12.30
N GLU A 161 42.04 32.18 11.24
CA GLU A 161 42.65 32.17 9.93
C GLU A 161 42.81 33.60 9.40
N GLY A 162 43.90 33.84 8.68
CA GLY A 162 44.10 35.15 8.10
C GLY A 162 45.49 35.28 7.51
N PHE A 163 45.99 36.51 7.50
CA PHE A 163 47.32 36.80 6.96
C PHE A 163 48.37 36.04 7.75
N ASN A 164 49.20 35.27 7.03
CA ASN A 164 50.24 34.42 7.62
C ASN A 164 49.68 33.44 8.65
N CYS A 165 48.38 33.17 8.60
CA CYS A 165 47.71 32.20 9.47
C CYS A 165 46.87 31.28 8.58
N TYR A 166 47.41 30.10 8.30
CA TYR A 166 46.86 29.21 7.28
C TYR A 166 46.00 28.12 7.89
N PHE A 167 44.90 27.80 7.22
CA PHE A 167 44.22 26.53 7.48
C PHE A 167 45.10 25.40 6.95
N PRO A 168 45.45 24.40 7.76
CA PRO A 168 46.53 23.48 7.38
C PRO A 168 46.15 22.44 6.33
N LEU A 169 44.88 22.26 6.02
CA LEU A 169 44.46 21.23 5.08
C LEU A 169 44.08 21.85 3.74
N GLN A 170 44.44 21.17 2.66
CA GLN A 170 44.08 21.58 1.32
C GLN A 170 43.19 20.54 0.66
N SER A 171 42.27 20.99 -0.16
CA SER A 171 41.34 20.12 -0.85
C SER A 171 41.89 19.78 -2.24
N TYR A 172 41.84 18.50 -2.59
CA TYR A 172 42.16 18.08 -3.95
C TYR A 172 41.08 18.57 -4.91
N GLY A 173 41.49 18.83 -6.14
CA GLY A 173 40.54 19.24 -7.17
C GLY A 173 39.61 18.12 -7.53
N PHE A 174 40.16 17.07 -8.15
CA PHE A 174 39.45 15.86 -8.55
C PHE A 174 38.23 16.20 -9.41
N GLN A 175 38.54 16.55 -10.63
CA GLN A 175 37.57 16.69 -11.70
C GLN A 175 37.82 15.61 -12.74
N PRO A 176 36.77 15.09 -13.37
CA PRO A 176 36.97 14.00 -14.33
C PRO A 176 37.91 14.38 -15.46
N THR A 177 38.01 15.67 -15.77
CA THR A 177 38.83 16.15 -16.88
C THR A 177 40.28 16.42 -16.50
N ASN A 178 40.65 16.21 -15.24
CA ASN A 178 42.03 16.48 -14.81
C ASN A 178 43.00 15.53 -15.50
N GLY A 179 44.23 16.00 -15.66
CA GLY A 179 45.29 15.13 -16.14
C GLY A 179 45.59 14.02 -15.16
N VAL A 180 46.23 12.97 -15.68
CA VAL A 180 46.39 11.74 -14.89
C VAL A 180 47.13 12.03 -13.59
N GLY A 181 48.09 12.95 -13.62
CA GLY A 181 48.84 13.26 -12.42
C GLY A 181 48.01 13.86 -11.32
N TYR A 182 46.85 14.40 -11.65
CA TYR A 182 45.98 15.06 -10.68
C TYR A 182 44.68 14.31 -10.45
N GLN A 183 44.49 13.18 -11.12
CA GLN A 183 43.33 12.34 -10.89
C GLN A 183 43.50 11.58 -9.56
N PRO A 184 42.40 11.18 -8.94
CA PRO A 184 42.50 10.47 -7.65
C PRO A 184 42.99 9.05 -7.83
N TYR A 185 43.71 8.57 -6.81
CA TYR A 185 44.21 7.22 -6.75
C TYR A 185 43.94 6.67 -5.36
N ARG A 186 43.39 5.46 -5.29
CA ARG A 186 43.16 4.81 -4.00
C ARG A 186 44.35 3.92 -3.68
N VAL A 187 44.82 4.00 -2.45
CA VAL A 187 46.06 3.36 -2.02
C VAL A 187 45.77 2.45 -0.85
N VAL A 188 46.39 1.27 -0.83
CA VAL A 188 46.34 0.35 0.29
C VAL A 188 47.77 -0.01 0.64
N VAL A 189 48.14 0.13 1.90
CA VAL A 189 49.49 -0.15 2.38
C VAL A 189 49.42 -1.30 3.37
N LEU A 190 49.83 -2.48 2.95
CA LEU A 190 49.87 -3.65 3.81
C LEU A 190 51.24 -3.73 4.47
N SER A 191 51.27 -3.59 5.79
CA SER A 191 52.48 -3.76 6.58
C SER A 191 52.34 -5.01 7.42
N PHE A 192 53.35 -5.88 7.38
CA PHE A 192 53.35 -7.14 8.10
C PHE A 192 54.31 -7.04 9.27
N GLU A 193 53.82 -7.34 10.47
CA GLU A 193 54.65 -7.35 11.66
C GLU A 193 54.77 -8.77 12.20
N LEU A 194 55.93 -9.08 12.77
CA LEU A 194 56.24 -10.39 13.33
C LEU A 194 56.77 -10.16 14.74
N LEU A 195 55.85 -9.97 15.68
CA LEU A 195 56.22 -9.77 17.07
C LEU A 195 56.47 -11.11 17.75
N HIS A 196 57.11 -11.05 18.91
CA HIS A 196 57.34 -12.26 19.71
C HIS A 196 56.04 -12.69 20.37
N ALA A 197 55.08 -13.13 19.55
CA ALA A 197 53.75 -13.50 19.99
C ALA A 197 53.22 -14.54 19.00
N PRO A 198 52.16 -15.27 19.36
CA PRO A 198 51.61 -16.26 18.43
C PRO A 198 51.21 -15.63 17.10
N ALA A 199 51.62 -16.27 16.01
CA ALA A 199 51.30 -15.79 14.67
C ALA A 199 49.86 -16.16 14.31
N THR A 200 49.04 -15.15 14.09
CA THR A 200 47.62 -15.36 13.82
C THR A 200 47.25 -15.26 12.35
N VAL A 201 48.09 -14.66 11.52
CA VAL A 201 47.81 -14.49 10.10
C VAL A 201 48.84 -15.30 9.32
N CYS A 202 48.40 -16.39 8.70
CA CYS A 202 49.24 -17.22 7.84
C CYS A 202 48.59 -17.32 6.46
N GLY A 203 49.21 -18.11 5.58
CA GLY A 203 48.67 -18.39 4.28
C GLY A 203 48.02 -19.77 4.21
N LYS A 204 47.72 -20.18 2.98
CA LYS A 204 47.07 -21.46 2.77
C LYS A 204 48.03 -22.61 3.06
N LYS A 205 47.46 -23.83 3.13
CA LYS A 205 48.24 -25.03 3.42
C LYS A 205 48.72 -25.72 2.15
N GLU B 14 25.77 39.61 -14.35
CA GLU B 14 25.86 40.75 -13.45
C GLU B 14 26.30 40.31 -12.06
N VAL B 15 27.41 40.88 -11.57
CA VAL B 15 27.98 40.45 -10.30
C VAL B 15 27.17 41.09 -9.19
N GLN B 16 26.54 40.26 -8.35
CA GLN B 16 25.61 40.78 -7.37
C GLN B 16 25.36 39.74 -6.29
N LEU B 17 24.80 40.21 -5.18
CA LEU B 17 24.34 39.36 -4.08
C LEU B 17 22.95 39.82 -3.70
N VAL B 18 21.98 38.91 -3.73
CA VAL B 18 20.60 39.21 -3.43
C VAL B 18 20.22 38.49 -2.14
N GLU B 19 19.77 39.26 -1.15
CA GLU B 19 19.43 38.72 0.16
C GLU B 19 17.94 38.48 0.27
N SER B 20 17.56 37.64 1.24
CA SER B 20 16.17 37.32 1.49
C SER B 20 16.04 36.66 2.86
N GLY B 21 14.82 36.70 3.40
CA GLY B 21 14.51 36.05 4.65
C GLY B 21 14.23 36.97 5.81
N GLY B 22 14.40 38.28 5.65
CA GLY B 22 14.12 39.19 6.74
C GLY B 22 12.64 39.27 7.07
N GLY B 23 12.35 39.50 8.34
CA GLY B 23 10.97 39.61 8.75
C GLY B 23 10.86 39.86 10.24
N LEU B 24 9.64 39.75 10.75
CA LEU B 24 9.33 40.00 12.15
C LEU B 24 9.27 38.67 12.91
N VAL B 25 9.98 38.62 14.03
CA VAL B 25 10.15 37.41 14.81
C VAL B 25 9.95 37.75 16.28
N LYS B 26 9.40 36.77 17.06
CA LYS B 26 9.33 37.04 18.48
C LYS B 26 10.61 36.60 19.18
N PRO B 27 10.95 37.23 20.30
CA PRO B 27 12.18 36.86 21.01
C PRO B 27 12.21 35.38 21.34
N GLY B 28 13.37 34.76 21.12
CA GLY B 28 13.54 33.35 21.36
C GLY B 28 13.32 32.47 20.14
N GLU B 29 12.63 32.98 19.12
CA GLU B 29 12.33 32.18 17.94
C GLU B 29 13.58 32.07 17.06
N SER B 30 13.39 31.60 15.82
CA SER B 30 14.48 31.38 14.89
CA SER B 30 14.48 31.38 14.89
C SER B 30 14.10 31.92 13.52
N LEU B 31 15.11 32.41 12.80
CA LEU B 31 14.92 32.96 11.46
C LEU B 31 16.17 32.69 10.64
N ARG B 32 15.98 32.42 9.35
CA ARG B 32 17.06 31.99 8.46
C ARG B 32 17.14 32.95 7.27
N LEU B 33 18.32 33.53 7.07
CA LEU B 33 18.55 34.46 5.97
C LEU B 33 19.27 33.75 4.83
N SER B 34 19.03 34.26 3.62
CA SER B 34 19.63 33.69 2.41
C SER B 34 20.32 34.80 1.62
N CYS B 35 21.40 34.42 0.93
CA CYS B 35 22.18 35.32 0.10
C CYS B 35 22.53 34.57 -1.18
N ALA B 36 21.96 35.00 -2.30
CA ALA B 36 22.16 34.34 -3.58
C ALA B 36 23.20 35.08 -4.41
N ALA B 37 24.19 34.36 -4.89
CA ALA B 37 25.31 34.95 -5.61
C ALA B 37 25.17 34.70 -7.11
N SER B 38 25.51 35.71 -7.90
CA SER B 38 25.38 35.64 -9.35
C SER B 38 26.53 36.41 -9.97
N GLY B 39 27.00 35.91 -11.12
CA GLY B 39 28.00 36.62 -11.89
C GLY B 39 29.43 36.40 -11.46
N PHE B 40 29.69 35.47 -10.55
CA PHE B 40 31.05 35.17 -10.15
C PHE B 40 31.10 33.78 -9.55
N THR B 41 32.31 33.20 -9.56
CA THR B 41 32.55 31.90 -8.94
C THR B 41 32.40 32.03 -7.43
N PHE B 42 31.21 31.71 -6.93
CA PHE B 42 30.90 31.89 -5.51
C PHE B 42 31.80 31.03 -4.63
N SER B 43 32.20 29.85 -5.11
CA SER B 43 32.99 28.93 -4.31
C SER B 43 34.43 29.39 -4.10
N ASP B 44 34.88 30.41 -4.82
CA ASP B 44 36.24 30.90 -4.67
C ASP B 44 36.39 31.94 -3.57
N TYR B 45 35.29 32.49 -3.06
CA TYR B 45 35.33 33.57 -2.09
C TYR B 45 34.92 33.07 -0.71
N TYR B 46 35.43 33.75 0.31
CA TYR B 46 34.87 33.59 1.65
C TYR B 46 33.80 34.64 1.84
N MET B 47 32.75 34.29 2.56
CA MET B 47 31.59 35.16 2.73
C MET B 47 31.48 35.62 4.17
N THR B 48 30.78 36.73 4.35
CA THR B 48 30.59 37.30 5.68
C THR B 48 29.16 37.82 5.79
N TRP B 49 28.67 37.88 7.03
CA TRP B 49 27.43 38.56 7.36
C TRP B 49 27.75 39.79 8.19
N ILE B 50 27.12 40.91 7.86
CA ILE B 50 27.34 42.18 8.52
C ILE B 50 25.98 42.80 8.79
N ARG B 51 25.76 43.22 10.02
CA ARG B 51 24.47 43.81 10.40
C ARG B 51 24.68 45.23 10.91
N GLN B 52 23.57 45.96 11.01
CA GLN B 52 23.58 47.34 11.47
C GLN B 52 22.28 47.61 12.20
N ALA B 53 22.35 47.72 13.53
CA ALA B 53 21.19 48.06 14.33
C ALA B 53 20.74 49.48 14.02
N PRO B 54 19.46 49.79 14.25
CA PRO B 54 18.97 51.14 13.93
C PRO B 54 19.75 52.22 14.67
N GLY B 55 20.20 53.22 13.92
CA GLY B 55 20.96 54.33 14.48
C GLY B 55 22.34 53.98 14.99
N LYS B 56 22.86 52.81 14.65
CA LYS B 56 24.16 52.34 15.13
C LYS B 56 25.08 52.12 13.94
N GLY B 57 26.33 51.73 14.24
CA GLY B 57 27.32 51.52 13.23
C GLY B 57 27.29 50.11 12.65
N LEU B 58 28.25 49.84 11.77
CA LEU B 58 28.37 48.53 11.15
C LEU B 58 29.01 47.55 12.12
N GLU B 59 28.47 46.33 12.16
CA GLU B 59 28.98 45.28 13.03
C GLU B 59 29.23 44.03 12.22
N TRP B 60 30.47 43.54 12.26
CA TRP B 60 30.78 42.26 11.64
C TRP B 60 30.16 41.15 12.47
N VAL B 61 29.49 40.21 11.79
CA VAL B 61 28.74 39.14 12.46
C VAL B 61 29.46 37.81 12.34
N SER B 62 29.68 37.33 11.12
CA SER B 62 30.21 35.98 10.93
C SER B 62 31.06 35.91 9.67
N TYR B 63 31.79 34.81 9.55
CA TYR B 63 32.69 34.55 8.43
C TYR B 63 32.69 33.05 8.16
N ILE B 64 32.61 32.68 6.89
CA ILE B 64 32.73 31.28 6.48
C ILE B 64 33.76 31.20 5.37
N ARG B 65 34.58 30.15 5.41
CA ARG B 65 35.68 30.02 4.46
C ARG B 65 35.14 29.70 3.07
N SER B 66 36.05 29.65 2.10
CA SER B 66 35.69 29.37 0.71
C SER B 66 34.82 28.12 0.60
N SER B 67 35.12 27.08 1.37
CA SER B 67 34.31 25.87 1.35
C SER B 67 33.84 25.47 2.75
N GLY B 68 33.96 26.36 3.73
CA GLY B 68 33.33 26.19 5.03
C GLY B 68 34.13 25.43 6.07
N HIS B 69 35.43 25.20 5.86
CA HIS B 69 36.22 24.48 6.84
C HIS B 69 36.66 25.34 8.02
N THR B 70 36.58 26.67 7.90
CA THR B 70 36.77 27.57 9.03
C THR B 70 35.57 28.49 9.15
N ILE B 71 35.15 28.76 10.38
CA ILE B 71 33.99 29.60 10.66
C ILE B 71 34.29 30.43 11.89
N TYR B 72 33.85 31.70 11.89
CA TYR B 72 34.06 32.59 13.01
C TYR B 72 32.83 33.46 13.22
N TYR B 73 32.53 33.75 14.48
CA TYR B 73 31.37 34.55 14.87
C TYR B 73 31.79 35.62 15.86
N ALA B 74 31.14 36.78 15.76
CA ALA B 74 31.28 37.78 16.81
C ALA B 74 30.72 37.24 18.12
N ASP B 75 31.29 37.72 19.23
CA ASP B 75 30.89 37.20 20.55
C ASP B 75 29.42 37.42 20.83
N SER B 76 28.82 38.47 20.25
CA SER B 76 27.41 38.74 20.51
C SER B 76 26.48 37.69 19.90
N VAL B 77 26.97 36.84 19.00
CA VAL B 77 26.12 35.87 18.32
C VAL B 77 26.63 34.45 18.44
N LYS B 78 27.75 34.21 19.12
CA LYS B 78 28.24 32.85 19.27
C LYS B 78 27.22 31.98 19.99
N GLY B 79 27.05 30.75 19.50
CA GLY B 79 26.12 29.80 20.08
C GLY B 79 24.69 29.93 19.62
N ARG B 80 24.30 31.08 19.07
CA ARG B 80 22.94 31.29 18.60
C ARG B 80 22.83 31.40 17.09
N PHE B 81 23.85 31.91 16.41
CA PHE B 81 23.85 32.07 14.97
C PHE B 81 24.70 30.98 14.32
N THR B 82 24.31 30.58 13.13
CA THR B 82 25.03 29.57 12.38
C THR B 82 25.13 30.00 10.92
N ILE B 83 26.35 30.09 10.43
CA ILE B 83 26.60 30.46 9.04
C ILE B 83 26.87 29.17 8.26
N SER B 84 26.43 29.16 7.01
CA SER B 84 26.62 28.01 6.14
C SER B 84 26.54 28.48 4.70
N ARG B 85 27.03 27.63 3.80
CA ARG B 85 26.96 27.93 2.38
C ARG B 85 26.67 26.65 1.61
N ASP B 86 26.07 26.83 0.44
CA ASP B 86 25.79 25.73 -0.50
C ASP B 86 26.41 26.16 -1.82
N ASN B 87 27.67 25.77 -2.04
CA ASN B 87 28.38 26.20 -3.24
C ASN B 87 27.68 25.75 -4.51
N ALA B 88 26.98 24.61 -4.48
CA ALA B 88 26.22 24.17 -5.64
C ALA B 88 25.03 25.09 -5.90
N LYS B 89 24.32 25.48 -4.85
CA LYS B 89 23.20 26.40 -4.99
C LYS B 89 23.63 27.87 -5.10
N ASN B 90 24.94 28.15 -5.03
CA ASN B 90 25.45 29.51 -5.10
C ASN B 90 24.81 30.40 -4.04
N SER B 91 24.67 29.88 -2.83
CA SER B 91 23.92 30.55 -1.79
C SER B 91 24.70 30.59 -0.47
N LEU B 92 24.41 31.61 0.32
CA LEU B 92 24.96 31.78 1.65
C LEU B 92 23.81 31.87 2.63
N TYR B 93 23.96 31.27 3.81
CA TYR B 93 22.89 31.23 4.78
C TYR B 93 23.40 31.73 6.13
N LEU B 94 22.47 32.31 6.91
CA LEU B 94 22.72 32.64 8.31
C LEU B 94 21.52 32.15 9.10
N GLN B 95 21.68 31.04 9.81
CA GLN B 95 20.63 30.51 10.67
C GLN B 95 20.72 31.19 12.03
N MET B 96 19.67 31.93 12.39
CA MET B 96 19.64 32.72 13.61
C MET B 96 18.66 32.09 14.58
N ASN B 97 19.17 31.47 15.64
CA ASN B 97 18.34 30.90 16.69
C ASN B 97 18.44 31.73 17.95
N SER B 98 17.46 31.56 18.85
CA SER B 98 17.41 32.25 20.13
C SER B 98 17.56 33.76 19.94
N LEU B 99 16.81 34.30 18.99
CA LEU B 99 16.91 35.71 18.66
C LEU B 99 16.53 36.57 19.87
N ARG B 100 17.16 37.73 19.94
CA ARG B 100 16.96 38.70 21.01
C ARG B 100 16.55 40.04 20.41
N VAL B 101 16.04 40.92 21.26
CA VAL B 101 15.56 42.21 20.79
C VAL B 101 16.70 43.00 20.14
N GLU B 102 17.88 42.98 20.77
CA GLU B 102 19.03 43.68 20.22
C GLU B 102 19.53 43.09 18.91
N ASP B 103 19.07 41.91 18.53
CA ASP B 103 19.39 41.38 17.21
C ASP B 103 18.64 42.11 16.10
N THR B 104 17.74 43.03 16.43
CA THR B 104 17.06 43.81 15.42
C THR B 104 18.04 44.67 14.65
N ALA B 105 18.12 44.46 13.34
CA ALA B 105 19.10 45.15 12.52
C ALA B 105 18.81 44.85 11.05
N VAL B 106 19.44 45.61 10.19
CA VAL B 106 19.53 45.28 8.77
C VAL B 106 20.75 44.40 8.58
N TYR B 107 20.55 43.25 7.96
CA TYR B 107 21.63 42.28 7.76
C TYR B 107 22.12 42.32 6.33
N TYR B 108 23.44 42.36 6.15
CA TYR B 108 24.08 42.36 4.85
C TYR B 108 24.99 41.13 4.71
N CYS B 109 25.05 40.57 3.51
CA CYS B 109 26.13 39.65 3.15
C CYS B 109 27.14 40.38 2.29
N ALA B 110 28.42 40.09 2.52
CA ALA B 110 29.49 40.72 1.76
C ALA B 110 30.50 39.64 1.38
N ARG B 111 30.89 39.61 0.11
CA ARG B 111 31.87 38.64 -0.35
C ARG B 111 33.27 39.17 -0.05
N GLY B 112 34.10 38.31 0.54
CA GLY B 112 35.45 38.70 0.87
C GLY B 112 36.36 38.65 -0.34
N GLY B 113 37.43 37.84 -0.25
CA GLY B 113 38.39 37.71 -1.33
C GLY B 113 38.63 36.26 -1.67
N VAL B 114 39.53 36.05 -2.61
CA VAL B 114 39.84 34.73 -3.16
C VAL B 114 41.07 34.20 -2.42
N LEU B 115 40.86 33.19 -1.58
CA LEU B 115 41.98 32.54 -0.93
C LEU B 115 42.85 31.84 -1.96
N ARG B 116 44.09 32.29 -2.09
CA ARG B 116 45.07 31.66 -2.95
C ARG B 116 46.25 31.17 -2.12
N PHE B 117 47.19 30.52 -2.81
CA PHE B 117 48.30 29.89 -2.12
C PHE B 117 49.24 30.95 -1.56
N LEU B 118 49.42 30.93 -0.24
CA LEU B 118 50.32 31.84 0.45
C LEU B 118 49.96 33.31 0.23
N GLU B 119 48.67 33.63 0.24
CA GLU B 119 48.27 35.02 0.07
C GLU B 119 46.88 35.23 0.65
N TRP B 120 46.79 36.10 1.65
CA TRP B 120 45.52 36.62 2.13
C TRP B 120 45.06 37.74 1.20
N PRO B 121 43.86 37.67 0.62
CA PRO B 121 43.51 38.56 -0.50
C PRO B 121 43.35 40.02 -0.08
N LEU B 122 43.98 40.91 -0.83
CA LEU B 122 43.79 42.35 -0.66
C LEU B 122 42.50 42.85 -1.32
N ASN B 123 42.04 42.15 -2.35
CA ASN B 123 40.77 42.47 -3.02
C ASN B 123 39.65 41.75 -2.27
N ALA B 124 38.89 42.50 -1.47
CA ALA B 124 37.82 41.89 -0.71
C ALA B 124 36.73 42.91 -0.44
N PHE B 125 35.57 42.41 -0.02
CA PHE B 125 34.46 43.21 0.48
C PHE B 125 34.00 44.27 -0.52
N ASP B 126 34.16 43.99 -1.81
CA ASP B 126 33.79 44.95 -2.84
C ASP B 126 32.37 44.75 -3.35
N ILE B 127 31.66 43.72 -2.89
CA ILE B 127 30.30 43.43 -3.33
C ILE B 127 29.47 43.01 -2.14
N TRP B 128 28.38 43.73 -1.89
CA TRP B 128 27.47 43.48 -0.78
C TRP B 128 26.07 43.20 -1.31
N GLY B 129 25.25 42.62 -0.45
CA GLY B 129 23.83 42.50 -0.74
C GLY B 129 23.12 43.82 -0.56
N GLN B 130 21.83 43.82 -0.90
CA GLN B 130 21.02 45.01 -0.70
C GLN B 130 20.58 45.18 0.74
N GLY B 131 20.83 44.19 1.60
CA GLY B 131 20.37 44.27 2.97
C GLY B 131 18.98 43.69 3.13
N THR B 132 18.73 43.13 4.31
CA THR B 132 17.40 42.66 4.67
C THR B 132 17.17 42.96 6.14
N MET B 133 15.95 43.37 6.47
CA MET B 133 15.63 43.85 7.81
C MET B 133 15.10 42.73 8.69
N VAL B 134 15.68 42.60 9.89
CA VAL B 134 15.23 41.63 10.89
C VAL B 134 14.79 42.41 12.11
N THR B 135 13.54 42.18 12.54
CA THR B 135 12.99 42.84 13.71
C THR B 135 12.55 41.79 14.71
N VAL B 136 13.13 41.81 15.90
CA VAL B 136 12.79 40.88 16.97
C VAL B 136 11.98 41.65 18.01
N SER B 137 10.70 41.32 18.14
CA SER B 137 9.81 42.03 19.03
C SER B 137 8.63 41.14 19.36
N SER B 138 7.96 41.46 20.48
CA SER B 138 6.74 40.78 20.87
C SER B 138 5.51 41.37 20.19
N ALA B 139 5.62 42.54 19.57
CA ALA B 139 4.48 43.19 18.95
C ALA B 139 4.13 42.51 17.63
N SER B 140 2.90 42.72 17.20
CA SER B 140 2.36 42.07 16.01
C SER B 140 2.36 43.03 14.83
N THR B 141 2.34 42.44 13.63
CA THR B 141 2.38 43.23 12.41
C THR B 141 1.12 44.08 12.28
N LYS B 142 1.27 45.24 11.64
CA LYS B 142 0.13 46.07 11.30
C LYS B 142 0.46 46.90 10.07
N GLY B 143 -0.43 46.86 9.08
CA GLY B 143 -0.29 47.65 7.88
C GLY B 143 -0.63 49.10 8.13
N PRO B 144 -0.06 49.98 7.33
CA PRO B 144 -0.30 51.42 7.52
C PRO B 144 -1.55 51.91 6.82
N SER B 145 -2.04 53.05 7.30
CA SER B 145 -3.05 53.83 6.60
C SER B 145 -2.35 54.96 5.87
N VAL B 146 -2.76 55.20 4.63
CA VAL B 146 -2.12 56.21 3.78
C VAL B 146 -3.13 57.33 3.54
N PHE B 147 -2.84 58.50 4.08
CA PHE B 147 -3.70 59.66 3.92
C PHE B 147 -2.97 60.74 3.14
N PRO B 148 -3.67 61.46 2.26
CA PRO B 148 -3.01 62.48 1.45
C PRO B 148 -2.75 63.75 2.24
N LEU B 149 -1.66 64.42 1.87
CA LEU B 149 -1.34 65.77 2.32
C LEU B 149 -1.60 66.67 1.12
N ALA B 150 -2.84 67.17 1.02
CA ALA B 150 -3.28 67.86 -0.19
C ALA B 150 -2.56 69.20 -0.34
N PRO B 151 -2.26 69.61 -1.58
CA PRO B 151 -1.58 70.89 -1.78
C PRO B 151 -2.42 72.07 -1.31
N SER B 152 -1.75 73.19 -1.05
CA SER B 152 -2.42 74.36 -0.52
C SER B 152 -3.46 74.88 -1.51
N SER B 153 -4.64 75.24 -1.00
CA SER B 153 -5.64 75.89 -1.84
C SER B 153 -5.25 77.31 -2.17
N LYS B 154 -4.54 77.98 -1.26
CA LYS B 154 -4.00 79.30 -1.58
C LYS B 154 -2.87 79.19 -2.58
N SER B 155 -1.85 78.38 -2.26
CA SER B 155 -0.68 78.18 -3.10
C SER B 155 -0.03 79.52 -3.44
N THR B 156 0.52 79.64 -4.65
CA THR B 156 1.17 80.88 -5.05
C THR B 156 0.97 81.05 -6.55
N SER B 157 1.04 82.31 -6.99
CA SER B 157 0.99 82.61 -8.42
C SER B 157 2.33 82.36 -9.10
N GLY B 158 3.43 82.40 -8.34
CA GLY B 158 4.75 82.14 -8.88
C GLY B 158 5.01 80.66 -9.10
N GLY B 159 4.65 79.84 -8.11
CA GLY B 159 4.82 78.41 -8.19
C GLY B 159 5.31 77.85 -6.87
N THR B 160 5.88 76.64 -6.95
CA THR B 160 6.43 75.93 -5.80
C THR B 160 5.39 75.71 -4.71
N ALA B 161 4.60 74.66 -4.85
CA ALA B 161 3.66 74.21 -3.84
C ALA B 161 4.15 72.89 -3.26
N ALA B 162 3.45 72.38 -2.26
CA ALA B 162 3.86 71.17 -1.56
C ALA B 162 2.68 70.24 -1.37
N LEU B 163 2.92 68.95 -1.63
CA LEU B 163 1.95 67.89 -1.40
C LEU B 163 2.70 66.67 -0.88
N GLY B 164 1.96 65.71 -0.35
CA GLY B 164 2.63 64.54 0.20
C GLY B 164 1.64 63.50 0.68
N CYS B 165 2.18 62.49 1.36
CA CYS B 165 1.40 61.38 1.89
C CYS B 165 1.78 61.12 3.34
N LEU B 166 0.77 60.81 4.15
CA LEU B 166 0.98 60.40 5.54
C LEU B 166 0.80 58.89 5.64
N VAL B 167 1.86 58.19 6.05
CA VAL B 167 1.84 56.75 6.23
C VAL B 167 1.80 56.51 7.72
N LYS B 168 0.62 56.26 8.26
CA LYS B 168 0.40 56.29 9.70
C LYS B 168 0.06 54.90 10.25
N ASP B 169 0.60 54.61 11.42
CA ASP B 169 0.22 53.46 12.24
C ASP B 169 0.57 52.13 11.59
N TYR B 170 1.87 51.83 11.47
CA TYR B 170 2.32 50.56 10.94
C TYR B 170 3.41 49.98 11.83
N PHE B 171 3.62 48.67 11.68
CA PHE B 171 4.65 47.94 12.40
C PHE B 171 4.84 46.58 11.73
N PRO B 172 6.08 46.11 11.59
CA PRO B 172 7.28 46.86 11.97
C PRO B 172 7.82 47.67 10.81
N GLU B 173 9.00 48.24 11.00
CA GLU B 173 9.71 48.87 9.90
C GLU B 173 10.16 47.79 8.90
N PRO B 174 10.39 48.18 7.64
CA PRO B 174 10.20 49.53 7.11
C PRO B 174 9.06 49.63 6.10
N VAL B 175 8.68 50.86 5.77
CA VAL B 175 7.83 51.12 4.62
C VAL B 175 8.69 51.83 3.58
N THR B 176 8.36 51.62 2.32
CA THR B 176 9.05 52.27 1.21
C THR B 176 8.04 53.12 0.47
N VAL B 177 8.41 54.35 0.15
CA VAL B 177 7.53 55.29 -0.53
C VAL B 177 8.19 55.74 -1.81
N SER B 178 7.47 55.63 -2.92
CA SER B 178 7.89 56.17 -4.20
C SER B 178 6.75 57.00 -4.76
N TRP B 179 7.10 57.89 -5.70
CA TRP B 179 6.13 58.80 -6.30
C TRP B 179 6.05 58.56 -7.80
N ASN B 180 4.82 58.49 -8.31
CA ASN B 180 4.56 58.31 -9.74
C ASN B 180 5.35 57.14 -10.31
N SER B 181 5.37 56.04 -9.56
CA SER B 181 6.04 54.81 -9.99
C SER B 181 7.51 55.04 -10.31
N GLY B 182 8.14 55.92 -9.54
CA GLY B 182 9.54 56.24 -9.73
C GLY B 182 9.83 57.37 -10.70
N ALA B 183 8.82 57.87 -11.41
CA ALA B 183 9.03 58.95 -12.36
C ALA B 183 9.08 60.33 -11.73
N LEU B 184 8.80 60.43 -10.43
CA LEU B 184 8.93 61.69 -9.69
C LEU B 184 9.89 61.44 -8.54
N THR B 185 11.13 61.90 -8.72
CA THR B 185 12.16 61.80 -7.70
C THR B 185 12.73 63.13 -7.29
N SER B 186 12.76 64.11 -8.20
CA SER B 186 13.33 65.41 -7.88
C SER B 186 12.45 66.15 -6.88
N GLY B 187 13.04 66.57 -5.77
CA GLY B 187 12.32 67.35 -4.79
C GLY B 187 11.50 66.56 -3.81
N VAL B 188 11.74 65.26 -3.70
CA VAL B 188 11.01 64.42 -2.77
C VAL B 188 11.75 64.37 -1.45
N HIS B 189 11.01 64.35 -0.35
CA HIS B 189 11.59 64.15 0.98
C HIS B 189 10.74 63.13 1.73
N THR B 190 11.26 61.92 1.90
CA THR B 190 10.62 60.90 2.72
C THR B 190 11.29 60.90 4.10
N PHE B 191 10.55 61.32 5.11
CA PHE B 191 11.13 61.57 6.43
C PHE B 191 11.38 60.25 7.16
N PRO B 192 12.35 60.24 8.06
CA PRO B 192 12.53 59.07 8.94
C PRO B 192 11.28 58.85 9.78
N ALA B 193 10.91 57.57 9.92
CA ALA B 193 9.73 57.23 10.69
C ALA B 193 9.92 57.64 12.15
N VAL B 194 8.80 57.93 12.80
CA VAL B 194 8.77 58.22 14.22
C VAL B 194 7.93 57.14 14.91
N LEU B 195 8.36 56.72 16.09
CA LEU B 195 7.64 55.72 16.87
C LEU B 195 6.63 56.44 17.75
N GLN B 196 5.35 56.24 17.48
CA GLN B 196 4.30 56.88 18.26
C GLN B 196 4.08 56.16 19.58
N SER B 197 3.45 56.86 20.52
CA SER B 197 3.22 56.30 21.85
C SER B 197 2.38 55.04 21.81
N SER B 198 1.65 54.80 20.71
CA SER B 198 0.87 53.59 20.57
C SER B 198 1.73 52.37 20.29
N GLY B 199 3.03 52.53 20.11
CA GLY B 199 3.87 51.45 19.65
C GLY B 199 3.91 51.29 18.15
N LEU B 200 3.18 52.11 17.41
CA LEU B 200 3.14 52.07 15.96
C LEU B 200 3.96 53.20 15.36
N TYR B 201 4.45 52.97 14.15
CA TYR B 201 5.25 53.96 13.44
C TYR B 201 4.39 54.85 12.57
N SER B 202 4.90 56.04 12.29
CA SER B 202 4.26 57.00 11.41
C SER B 202 5.33 57.68 10.56
N LEU B 203 5.04 57.86 9.28
CA LEU B 203 6.02 58.38 8.34
C LEU B 203 5.33 59.27 7.34
N SER B 204 6.01 60.34 6.93
CA SER B 204 5.49 61.26 5.93
CA SER B 204 5.49 61.27 5.94
C SER B 204 6.49 61.39 4.79
N SER B 205 5.96 61.61 3.59
CA SER B 205 6.77 61.81 2.39
C SER B 205 6.14 62.94 1.59
N VAL B 206 6.96 63.95 1.27
CA VAL B 206 6.47 65.16 0.62
C VAL B 206 7.33 65.47 -0.60
N VAL B 207 6.76 66.25 -1.50
CA VAL B 207 7.46 66.68 -2.71
C VAL B 207 6.96 68.08 -3.08
N THR B 208 7.88 68.93 -3.52
CA THR B 208 7.54 70.29 -3.95
C THR B 208 7.49 70.35 -5.47
N VAL B 209 6.38 70.87 -6.00
CA VAL B 209 6.15 70.92 -7.44
C VAL B 209 5.65 72.30 -7.81
N PRO B 210 5.75 72.68 -9.09
CA PRO B 210 5.20 73.97 -9.53
C PRO B 210 3.70 74.06 -9.29
N SER B 211 3.26 75.27 -8.92
CA SER B 211 1.83 75.47 -8.69
C SER B 211 1.03 75.42 -9.99
N SER B 212 1.66 75.78 -11.11
CA SER B 212 0.99 75.67 -12.41
C SER B 212 0.82 74.23 -12.86
N SER B 213 1.45 73.27 -12.19
CA SER B 213 1.29 71.86 -12.51
C SER B 213 0.12 71.22 -11.79
N LEU B 214 -0.44 71.87 -10.77
CA LEU B 214 -1.46 71.24 -9.94
C LEU B 214 -2.74 70.93 -10.71
N GLY B 215 -2.99 71.60 -11.82
CA GLY B 215 -4.17 71.31 -12.61
C GLY B 215 -3.89 70.40 -13.80
N THR B 216 -2.62 70.21 -14.13
CA THR B 216 -2.23 69.46 -15.32
C THR B 216 -1.50 68.15 -15.03
N GLN B 217 -1.00 67.96 -13.82
CA GLN B 217 -0.14 66.83 -13.48
C GLN B 217 -0.78 65.98 -12.39
N THR B 218 -0.76 64.67 -12.58
CA THR B 218 -1.24 63.74 -11.57
C THR B 218 -0.09 63.36 -10.64
N TYR B 219 -0.40 63.24 -9.35
CA TYR B 219 0.59 62.90 -8.34
C TYR B 219 0.06 61.75 -7.50
N ILE B 220 0.81 60.64 -7.49
CA ILE B 220 0.44 59.45 -6.74
C ILE B 220 1.65 58.97 -5.96
N CYS B 221 1.45 58.73 -4.66
CA CYS B 221 2.50 58.15 -3.82
C CYS B 221 2.25 56.65 -3.70
N ASN B 222 3.33 55.88 -3.76
CA ASN B 222 3.27 54.43 -3.75
C ASN B 222 3.87 53.94 -2.44
N VAL B 223 3.01 53.56 -1.51
CA VAL B 223 3.43 53.09 -0.20
C VAL B 223 3.42 51.57 -0.20
N ASN B 224 4.53 50.97 0.22
CA ASN B 224 4.68 49.53 0.27
C ASN B 224 5.13 49.13 1.67
N HIS B 225 4.43 48.17 2.28
CA HIS B 225 4.77 47.64 3.60
C HIS B 225 4.80 46.12 3.48
N LYS B 226 5.95 45.58 3.10
CA LYS B 226 6.05 44.14 2.88
C LYS B 226 5.74 43.30 4.12
N PRO B 227 6.12 43.68 5.34
CA PRO B 227 5.80 42.83 6.49
C PRO B 227 4.33 42.46 6.62
N SER B 228 3.42 43.35 6.23
CA SER B 228 1.99 43.08 6.31
C SER B 228 1.38 42.79 4.94
N ASN B 229 2.20 42.71 3.90
CA ASN B 229 1.73 42.57 2.52
C ASN B 229 0.69 43.63 2.21
N THR B 230 1.11 44.89 2.34
CA THR B 230 0.27 46.05 2.12
C THR B 230 0.91 46.93 1.05
N LYS B 231 0.25 47.04 -0.11
CA LYS B 231 0.65 47.97 -1.16
C LYS B 231 -0.51 48.91 -1.41
N VAL B 232 -0.26 50.21 -1.29
CA VAL B 232 -1.28 51.24 -1.45
C VAL B 232 -0.74 52.32 -2.37
N ASP B 233 -1.52 52.68 -3.39
CA ASP B 233 -1.26 53.83 -4.24
C ASP B 233 -2.35 54.86 -3.97
N LYS B 234 -1.97 55.98 -3.39
CA LYS B 234 -2.92 57.02 -2.99
C LYS B 234 -2.76 58.23 -3.89
N LYS B 235 -3.88 58.65 -4.51
CA LYS B 235 -3.89 59.83 -5.34
C LYS B 235 -3.91 61.08 -4.45
N VAL B 236 -3.01 62.01 -4.72
CA VAL B 236 -2.92 63.26 -3.97
C VAL B 236 -3.27 64.38 -4.93
N GLU B 237 -4.39 65.05 -4.66
CA GLU B 237 -4.91 66.10 -5.53
C GLU B 237 -5.42 67.26 -4.68
N PRO B 238 -5.55 68.45 -5.26
CA PRO B 238 -6.15 69.57 -4.53
C PRO B 238 -7.57 69.24 -4.09
N LYS B 239 -8.00 69.92 -3.04
CA LYS B 239 -9.30 69.64 -2.44
C LYS B 239 -10.41 70.35 -3.19
N SER B 240 -11.60 69.75 -3.13
CA SER B 240 -12.74 70.16 -3.97
C SER B 240 -13.24 71.57 -3.67
N CYS B 241 -12.46 72.58 -4.03
CA CYS B 241 -12.88 73.98 -3.93
C CYS B 241 -11.92 74.90 -4.68
N LEU C 2 38.23 27.83 18.43
CA LEU C 2 38.95 28.78 19.25
C LEU C 2 38.85 30.21 18.70
N PHE C 3 38.28 31.10 19.50
CA PHE C 3 38.23 32.53 19.17
C PHE C 3 37.83 33.30 20.43
N LEU C 4 38.83 33.72 21.20
CA LEU C 4 38.60 34.59 22.36
C LEU C 4 39.97 35.15 22.77
N VAL C 5 40.17 36.46 22.58
CA VAL C 5 41.40 37.12 22.97
C VAL C 5 41.03 38.48 23.57
N ALA C 6 41.70 38.84 24.66
CA ALA C 6 41.42 40.08 25.38
C ALA C 6 42.60 40.48 26.26
N ASP C 14 41.43 40.71 20.33
CA ASP C 14 41.11 41.05 18.95
C ASP C 14 41.49 42.49 18.67
N ILE C 15 42.05 42.74 17.48
CA ILE C 15 42.46 44.09 17.11
C ILE C 15 41.26 45.02 17.06
N GLN C 16 41.38 46.16 17.73
CA GLN C 16 40.32 47.16 17.78
C GLN C 16 40.69 48.32 16.88
N LEU C 17 39.67 48.92 16.26
CA LEU C 17 39.84 50.10 15.41
C LEU C 17 39.23 51.31 16.10
N THR C 18 39.98 52.41 16.12
CA THR C 18 39.53 53.67 16.70
C THR C 18 39.51 54.73 15.61
N GLN C 19 38.34 55.28 15.34
CA GLN C 19 38.17 56.28 14.32
C GLN C 19 38.10 57.67 14.96
N SER C 20 38.65 58.67 14.25
CA SER C 20 38.71 60.04 14.76
C SER C 20 38.72 60.97 13.55
N PRO C 21 37.91 62.04 13.57
CA PRO C 21 37.03 62.41 14.66
C PRO C 21 35.73 61.63 14.66
N SER C 22 34.90 61.86 15.68
CA SER C 22 33.58 61.24 15.72
C SER C 22 32.64 61.91 14.72
N SER C 23 32.62 63.24 14.71
CA SER C 23 31.78 64.01 13.82
C SER C 23 32.55 65.26 13.40
N LEU C 24 32.27 65.73 12.19
CA LEU C 24 32.92 66.93 11.68
C LEU C 24 32.03 67.62 10.67
N SER C 25 32.03 68.94 10.69
CA SER C 25 31.33 69.76 9.71
C SER C 25 32.36 70.60 8.98
N ALA C 26 32.29 70.62 7.65
CA ALA C 26 33.23 71.38 6.84
C ALA C 26 32.45 72.07 5.72
N SER C 27 33.17 72.74 4.83
CA SER C 27 32.57 73.50 3.75
C SER C 27 32.98 72.91 2.42
N VAL C 28 32.17 73.18 1.38
CA VAL C 28 32.46 72.66 0.06
C VAL C 28 33.82 73.16 -0.40
N GLY C 29 34.68 72.24 -0.80
CA GLY C 29 36.03 72.55 -1.23
C GLY C 29 37.10 72.33 -0.18
N ASP C 30 36.72 72.24 1.09
CA ASP C 30 37.68 72.01 2.15
C ASP C 30 38.26 70.60 2.08
N ARG C 31 39.47 70.44 2.61
CA ARG C 31 40.09 69.14 2.72
C ARG C 31 39.69 68.50 4.03
N VAL C 32 39.14 67.28 3.96
CA VAL C 32 38.66 66.56 5.12
C VAL C 32 39.58 65.37 5.35
N THR C 33 39.94 65.14 6.61
CA THR C 33 40.84 64.05 7.00
C THR C 33 40.20 63.26 8.12
N ILE C 34 40.01 61.96 7.89
CA ILE C 34 39.50 61.03 8.89
C ILE C 34 40.59 60.03 9.22
N THR C 35 40.75 59.72 10.50
CA THR C 35 41.81 58.85 10.97
C THR C 35 41.24 57.53 11.48
N CYS C 36 41.90 56.43 11.14
CA CYS C 36 41.57 55.12 11.68
C CYS C 36 42.81 54.53 12.33
N ARG C 37 42.68 54.13 13.59
CA ARG C 37 43.81 53.66 14.40
C ARG C 37 43.57 52.22 14.80
N ALA C 38 44.51 51.33 14.48
CA ALA C 38 44.41 49.91 14.80
C ALA C 38 45.24 49.61 16.05
N SER C 39 44.64 48.86 16.99
CA SER C 39 45.34 48.57 18.24
C SER C 39 46.61 47.75 18.01
N GLN C 40 46.63 46.95 16.95
CA GLN C 40 47.83 46.22 16.54
C GLN C 40 47.94 46.29 15.04
N GLY C 41 49.12 45.96 14.53
CA GLY C 41 49.38 45.99 13.11
C GLY C 41 48.42 45.16 12.27
N ILE C 42 47.93 45.74 11.19
CA ILE C 42 47.06 45.02 10.26
C ILE C 42 47.61 45.15 8.86
N SER C 43 48.91 45.41 8.74
CA SER C 43 49.60 45.58 7.45
C SER C 43 48.82 46.63 6.66
N ASN C 44 48.40 46.35 5.42
CA ASN C 44 47.59 47.28 4.64
C ASN C 44 46.19 46.73 4.39
N TYR C 45 45.73 45.84 5.26
CA TYR C 45 44.42 45.21 5.11
C TYR C 45 43.35 46.08 5.77
N LEU C 46 43.14 47.25 5.18
CA LEU C 46 42.15 48.20 5.67
C LEU C 46 41.32 48.73 4.50
N ALA C 47 40.04 48.96 4.75
CA ALA C 47 39.12 49.47 3.74
C ALA C 47 38.32 50.63 4.30
N TRP C 48 37.90 51.53 3.40
CA TRP C 48 37.12 52.71 3.77
C TRP C 48 35.77 52.66 3.07
N TYR C 49 34.70 52.91 3.82
CA TYR C 49 33.35 52.90 3.29
C TYR C 49 32.68 54.25 3.46
N GLN C 50 31.84 54.59 2.48
CA GLN C 50 30.89 55.69 2.59
C GLN C 50 29.49 55.10 2.69
N GLN C 51 28.70 55.58 3.64
CA GLN C 51 27.33 55.09 3.84
C GLN C 51 26.40 56.29 4.01
N LYS C 52 25.66 56.59 2.95
CA LYS C 52 24.57 57.56 3.05
C LYS C 52 23.46 56.98 3.92
N PRO C 53 22.64 57.84 4.56
CA PRO C 53 21.65 57.34 5.52
C PRO C 53 20.71 56.32 4.91
N GLY C 54 20.58 55.18 5.56
CA GLY C 54 19.71 54.12 5.09
C GLY C 54 20.04 53.61 3.70
N LYS C 55 21.31 53.29 3.47
CA LYS C 55 21.79 52.83 2.18
C LYS C 55 22.84 51.75 2.41
N VAL C 56 23.14 51.00 1.36
CA VAL C 56 24.19 49.99 1.48
C VAL C 56 25.54 50.69 1.55
N PRO C 57 26.42 50.33 2.48
CA PRO C 57 27.76 50.92 2.50
C PRO C 57 28.46 50.71 1.16
N LYS C 58 29.11 51.78 0.69
CA LYS C 58 29.83 51.78 -0.58
C LYS C 58 31.32 51.77 -0.30
N LEU C 59 32.03 50.83 -0.92
CA LEU C 59 33.48 50.73 -0.73
C LEU C 59 34.18 51.82 -1.52
N LEU C 60 35.03 52.60 -0.84
CA LEU C 60 35.81 53.65 -1.47
C LEU C 60 37.26 53.23 -1.67
N ILE C 61 37.94 52.85 -0.59
CA ILE C 61 39.34 52.44 -0.64
C ILE C 61 39.43 51.02 -0.10
N TYR C 62 40.34 50.24 -0.67
CA TYR C 62 40.75 48.97 -0.09
C TYR C 62 42.26 48.88 -0.21
N ALA C 63 42.84 47.90 0.49
CA ALA C 63 44.29 47.77 0.58
C ALA C 63 44.93 49.07 1.05
N ALA C 64 44.24 49.76 1.97
CA ALA C 64 44.70 50.99 2.61
C ALA C 64 44.74 52.19 1.68
N SER C 65 45.07 51.97 0.41
CA SER C 65 45.32 53.09 -0.49
C SER C 65 44.79 52.89 -1.90
N THR C 66 44.19 51.75 -2.23
CA THR C 66 43.75 51.48 -3.59
C THR C 66 42.31 51.95 -3.77
N LEU C 67 42.09 52.80 -4.76
CA LEU C 67 40.78 53.37 -5.02
C LEU C 67 39.90 52.36 -5.75
N GLN C 68 38.68 52.18 -5.28
CA GLN C 68 37.74 51.31 -5.96
C GLN C 68 37.26 51.95 -7.26
N SER C 69 36.99 51.11 -8.26
CA SER C 69 36.54 51.61 -9.55
C SER C 69 35.27 52.43 -9.40
N GLY C 70 35.21 53.56 -10.10
CA GLY C 70 34.06 54.44 -10.05
C GLY C 70 34.10 55.48 -8.95
N VAL C 71 34.95 55.31 -7.96
CA VAL C 71 35.04 56.30 -6.87
C VAL C 71 35.76 57.54 -7.39
N PRO C 72 35.27 58.74 -7.07
CA PRO C 72 35.95 59.96 -7.54
C PRO C 72 37.38 60.06 -7.02
N SER C 73 38.25 60.62 -7.85
CA SER C 73 39.66 60.70 -7.53
C SER C 73 39.98 61.67 -6.39
N ARG C 74 39.00 62.44 -5.92
CA ARG C 74 39.26 63.30 -4.77
C ARG C 74 39.34 62.52 -3.47
N PHE C 75 38.94 61.26 -3.46
CA PHE C 75 39.15 60.38 -2.34
C PHE C 75 40.51 59.71 -2.46
N SER C 76 41.19 59.54 -1.33
CA SER C 76 42.49 58.89 -1.31
C SER C 76 42.72 58.30 0.07
N GLY C 77 43.45 57.20 0.10
CA GLY C 77 43.77 56.52 1.34
C GLY C 77 45.26 56.32 1.47
N SER C 78 45.71 56.30 2.72
CA SER C 78 47.13 56.10 2.99
C SER C 78 47.29 55.47 4.37
N GLY C 79 48.45 54.88 4.58
CA GLY C 79 48.77 54.29 5.87
C GLY C 79 49.12 52.83 5.80
N SER C 80 49.74 52.32 6.85
CA SER C 80 50.14 50.93 6.94
C SER C 80 50.51 50.62 8.37
N GLY C 81 50.14 49.43 8.83
CA GLY C 81 50.40 49.05 10.20
C GLY C 81 49.26 49.40 11.14
N THR C 82 49.28 50.63 11.69
CA THR C 82 48.28 51.04 12.67
C THR C 82 47.66 52.40 12.40
N ASP C 83 48.29 53.27 11.62
CA ASP C 83 47.75 54.60 11.31
C ASP C 83 47.27 54.62 9.87
N PHE C 84 46.01 54.96 9.67
CA PHE C 84 45.41 55.08 8.35
C PHE C 84 44.59 56.36 8.31
N THR C 85 44.62 57.04 7.16
CA THR C 85 43.88 58.28 7.01
C THR C 85 43.14 58.28 5.69
N LEU C 86 41.84 58.52 5.75
CA LEU C 86 41.04 58.80 4.57
C LEU C 86 41.02 60.30 4.32
N THR C 87 41.19 60.69 3.06
CA THR C 87 41.33 62.10 2.72
C THR C 87 40.39 62.43 1.58
N ILE C 88 39.55 63.45 1.78
CA ILE C 88 38.73 64.03 0.73
C ILE C 88 39.37 65.36 0.38
N SER C 89 40.07 65.41 -0.76
CA SER C 89 40.86 66.59 -1.10
C SER C 89 40.00 67.83 -1.21
N SER C 90 38.86 67.72 -1.88
CA SER C 90 37.93 68.85 -2.07
C SER C 90 36.53 68.35 -1.75
N LEU C 91 36.04 68.70 -0.57
CA LEU C 91 34.74 68.22 -0.12
C LEU C 91 33.64 68.71 -1.04
N GLN C 92 32.69 67.82 -1.34
CA GLN C 92 31.61 68.10 -2.26
C GLN C 92 30.26 67.86 -1.59
N PRO C 93 29.19 68.53 -2.05
CA PRO C 93 27.90 68.40 -1.36
C PRO C 93 27.42 66.97 -1.21
N GLU C 94 27.67 66.13 -2.22
CA GLU C 94 27.23 64.73 -2.22
C GLU C 94 28.15 63.82 -1.42
N ASP C 95 29.08 64.35 -0.66
CA ASP C 95 29.93 63.54 0.20
C ASP C 95 29.36 63.41 1.61
N VAL C 96 28.24 64.09 1.90
CA VAL C 96 27.61 64.03 3.22
C VAL C 96 27.20 62.61 3.53
N ALA C 97 27.89 61.98 4.48
CA ALA C 97 27.62 60.59 4.85
C ALA C 97 28.38 60.30 6.13
N THR C 98 28.30 59.05 6.58
CA THR C 98 29.14 58.54 7.64
C THR C 98 30.14 57.59 7.02
N TYR C 99 31.40 57.70 7.44
CA TYR C 99 32.50 56.95 6.86
C TYR C 99 33.02 55.96 7.89
N TYR C 100 33.21 54.71 7.48
CA TYR C 100 33.69 53.66 8.35
C TYR C 100 34.99 53.09 7.79
N CYS C 101 35.87 52.70 8.69
CA CYS C 101 37.01 51.88 8.31
C CYS C 101 36.77 50.45 8.73
N GLN C 102 37.32 49.51 7.96
CA GLN C 102 37.18 48.10 8.24
C GLN C 102 38.53 47.43 8.08
N LYS C 103 38.94 46.66 9.08
CA LYS C 103 40.12 45.83 8.97
C LYS C 103 39.72 44.48 8.38
N TYR C 104 40.64 43.89 7.62
CA TYR C 104 40.43 42.53 7.14
C TYR C 104 41.76 41.82 7.02
N ASN C 105 42.62 41.99 8.03
CA ASN C 105 43.87 41.24 8.06
C ASN C 105 43.63 39.76 8.30
N ASN C 106 42.52 39.41 8.92
CA ASN C 106 42.14 38.01 9.14
C ASN C 106 40.64 37.89 8.94
N ALA C 107 40.06 36.79 9.45
CA ALA C 107 38.64 36.53 9.24
C ALA C 107 37.73 37.48 9.98
N LEU C 108 38.23 38.18 11.00
CA LEU C 108 37.42 39.11 11.78
C LEU C 108 37.42 40.47 11.10
N GLY C 109 36.45 40.66 10.20
CA GLY C 109 36.36 41.92 9.47
C GLY C 109 35.77 43.07 10.27
N THR C 110 36.45 43.43 11.36
CA THR C 110 35.94 44.41 12.32
C THR C 110 35.88 45.81 11.71
N PHE C 111 34.88 46.59 12.15
CA PHE C 111 34.69 47.96 11.72
C PHE C 111 35.10 48.95 12.80
N GLY C 112 35.29 50.20 12.38
CA GLY C 112 35.39 51.31 13.31
C GLY C 112 34.01 51.84 13.67
N GLN C 113 34.01 52.87 14.52
CA GLN C 113 32.76 53.43 14.99
C GLN C 113 32.11 54.34 13.96
N GLY C 114 32.87 54.83 13.00
CA GLY C 114 32.31 55.66 11.95
C GLY C 114 32.53 57.14 12.22
N THR C 115 32.64 57.91 11.13
CA THR C 115 32.85 59.35 11.21
C THR C 115 31.78 60.03 10.37
N LYS C 116 30.92 60.81 11.03
CA LYS C 116 29.87 61.53 10.32
C LYS C 116 30.42 62.82 9.76
N VAL C 117 30.24 63.03 8.45
CA VAL C 117 30.73 64.21 7.77
C VAL C 117 29.54 65.10 7.44
N GLU C 118 29.49 66.26 8.08
CA GLU C 118 28.49 67.27 7.83
C GLU C 118 29.09 68.33 6.91
N ILE C 119 28.23 69.18 6.35
CA ILE C 119 28.66 70.24 5.46
C ILE C 119 28.09 71.56 5.95
N LYS C 120 28.96 72.55 6.11
CA LYS C 120 28.56 73.89 6.48
C LYS C 120 28.30 74.70 5.21
N ARG C 121 27.15 75.36 5.15
CA ARG C 121 26.80 76.18 4.00
C ARG C 121 26.24 77.51 4.46
N THR C 122 25.77 78.33 3.52
CA THR C 122 25.11 79.57 3.89
C THR C 122 23.74 79.29 4.48
N VAL C 123 23.24 80.24 5.27
CA VAL C 123 21.94 80.08 5.93
C VAL C 123 20.84 80.10 4.88
N ALA C 124 19.83 79.26 5.08
CA ALA C 124 18.69 79.17 4.17
C ALA C 124 17.39 79.15 4.96
N ALA C 125 16.47 80.05 4.62
CA ALA C 125 15.19 80.09 5.31
C ALA C 125 14.29 78.95 4.83
N PRO C 126 13.50 78.36 5.72
CA PRO C 126 12.63 77.25 5.31
C PRO C 126 11.36 77.74 4.63
N SER C 127 10.92 76.98 3.63
CA SER C 127 9.59 77.15 3.08
C SER C 127 8.62 76.38 3.98
N VAL C 128 7.61 77.06 4.49
CA VAL C 128 6.72 76.50 5.50
C VAL C 128 5.37 76.20 4.85
N PHE C 129 4.88 74.98 5.06
CA PHE C 129 3.60 74.54 4.56
C PHE C 129 2.83 73.86 5.69
N ILE C 130 1.51 73.97 5.65
CA ILE C 130 0.65 73.32 6.63
C ILE C 130 -0.39 72.49 5.86
N PHE C 131 -0.72 71.33 6.41
CA PHE C 131 -1.62 70.39 5.74
C PHE C 131 -2.74 70.00 6.70
N PRO C 132 -3.99 70.22 6.33
CA PRO C 132 -5.10 69.76 7.17
C PRO C 132 -5.21 68.26 7.15
N PRO C 133 -5.89 67.66 8.13
CA PRO C 133 -6.09 66.20 8.08
C PRO C 133 -7.04 65.81 6.96
N SER C 134 -6.74 64.69 6.32
CA SER C 134 -7.54 64.21 5.20
C SER C 134 -8.94 63.84 5.66
N ASP C 135 -9.89 63.95 4.73
CA ASP C 135 -11.27 63.58 5.03
C ASP C 135 -11.37 62.09 5.34
N GLU C 136 -10.59 61.26 4.64
CA GLU C 136 -10.63 59.82 4.90
C GLU C 136 -10.15 59.50 6.31
N GLN C 137 -9.11 60.19 6.78
CA GLN C 137 -8.63 59.96 8.13
C GLN C 137 -9.65 60.42 9.17
N LEU C 138 -10.36 61.51 8.88
CA LEU C 138 -11.36 62.01 9.82
C LEU C 138 -12.47 60.98 10.04
N LYS C 139 -12.77 60.16 9.02
CA LYS C 139 -13.73 59.09 9.21
C LYS C 139 -13.26 58.07 10.24
N SER C 140 -11.95 57.98 10.48
CA SER C 140 -11.41 57.03 11.44
C SER C 140 -11.44 57.54 12.89
N GLY C 141 -11.67 58.83 13.10
CA GLY C 141 -11.75 59.38 14.44
C GLY C 141 -10.50 60.05 14.95
N THR C 142 -9.47 60.21 14.12
CA THR C 142 -8.24 60.88 14.50
C THR C 142 -7.86 61.88 13.43
N ALA C 143 -7.38 63.05 13.86
CA ALA C 143 -6.96 64.11 12.97
C ALA C 143 -5.46 64.33 13.13
N SER C 144 -4.73 64.32 12.03
CA SER C 144 -3.30 64.62 12.01
C SER C 144 -3.06 65.86 11.17
N VAL C 145 -2.54 66.90 11.80
CA VAL C 145 -2.15 68.13 11.11
C VAL C 145 -0.63 68.12 10.95
N VAL C 146 -0.15 68.49 9.78
CA VAL C 146 1.26 68.40 9.44
C VAL C 146 1.78 69.78 9.07
N CYS C 147 2.97 70.11 9.58
CA CYS C 147 3.68 71.35 9.26
C CYS C 147 5.00 70.95 8.63
N LEU C 148 5.24 71.41 7.40
CA LEU C 148 6.44 71.05 6.65
C LEU C 148 7.39 72.24 6.60
N LEU C 149 8.65 71.99 6.95
CA LEU C 149 9.73 72.97 6.83
C LEU C 149 10.70 72.44 5.79
N ASN C 150 10.73 73.07 4.62
CA ASN C 150 11.40 72.52 3.45
C ASN C 150 12.68 73.31 3.15
N ASN C 151 13.80 72.59 3.08
CA ASN C 151 15.08 73.11 2.60
C ASN C 151 15.54 74.33 3.37
N PHE C 152 16.08 74.11 4.58
CA PHE C 152 16.64 75.17 5.39
C PHE C 152 17.99 74.74 5.93
N TYR C 153 18.76 75.73 6.41
CA TYR C 153 20.04 75.48 7.06
C TYR C 153 20.33 76.67 7.96
N PRO C 154 20.84 76.46 9.18
CA PRO C 154 21.22 75.17 9.77
C PRO C 154 20.06 74.35 10.32
N ARG C 155 20.39 73.24 10.98
CA ARG C 155 19.39 72.28 11.43
C ARG C 155 18.55 72.81 12.58
N GLU C 156 19.04 73.77 13.34
CA GLU C 156 18.30 74.29 14.48
C GLU C 156 17.04 75.00 14.01
N ALA C 157 15.88 74.50 14.42
CA ALA C 157 14.61 75.09 14.05
C ALA C 157 13.57 74.77 15.11
N LYS C 158 12.63 75.67 15.31
CA LYS C 158 11.57 75.52 16.30
C LYS C 158 10.22 75.64 15.62
N VAL C 159 9.36 74.66 15.87
CA VAL C 159 7.98 74.66 15.38
C VAL C 159 7.05 74.82 16.57
N GLN C 160 6.15 75.79 16.49
CA GLN C 160 5.21 76.10 17.56
C GLN C 160 3.79 75.95 17.02
N TRP C 161 3.07 74.93 17.50
CA TRP C 161 1.68 74.74 17.11
C TRP C 161 0.76 75.64 17.92
N LYS C 162 -0.25 76.21 17.25
CA LYS C 162 -1.27 77.01 17.89
C LYS C 162 -2.63 76.55 17.41
N VAL C 163 -3.53 76.31 18.35
CA VAL C 163 -4.91 75.90 18.06
C VAL C 163 -5.81 76.93 18.72
N ASP C 164 -6.43 77.79 17.91
CA ASP C 164 -7.18 78.95 18.40
C ASP C 164 -6.29 79.83 19.27
N ASN C 165 -5.08 80.10 18.76
CA ASN C 165 -4.04 80.87 19.43
C ASN C 165 -3.63 80.27 20.78
N ALA C 166 -4.05 79.05 21.08
CA ALA C 166 -3.61 78.34 22.28
C ALA C 166 -2.36 77.52 21.90
N LEU C 167 -1.22 77.90 22.46
CA LEU C 167 0.03 77.24 22.11
C LEU C 167 0.01 75.80 22.59
N GLN C 168 0.23 74.87 21.68
CA GLN C 168 0.12 73.44 21.96
C GLN C 168 1.47 72.87 22.39
N SER C 169 1.41 71.88 23.27
CA SER C 169 2.62 71.19 23.74
C SER C 169 2.25 69.77 24.14
N GLY C 170 3.10 68.82 23.75
CA GLY C 170 2.96 67.43 24.17
C GLY C 170 2.16 66.54 23.26
N ASN C 171 1.53 67.09 22.22
CA ASN C 171 0.69 66.29 21.33
C ASN C 171 1.23 66.26 19.91
N SER C 172 2.53 66.44 19.73
CA SER C 172 3.13 66.47 18.41
C SER C 172 4.48 65.76 18.45
N GLN C 173 4.86 65.21 17.31
CA GLN C 173 6.19 64.63 17.10
C GLN C 173 6.75 65.22 15.82
N GLU C 174 8.08 65.28 15.73
CA GLU C 174 8.73 65.77 14.53
C GLU C 174 9.82 64.82 14.08
N SER C 175 10.28 65.04 12.86
CA SER C 175 11.32 64.22 12.24
C SER C 175 12.07 65.09 11.25
N VAL C 176 13.39 64.89 11.17
CA VAL C 176 14.26 65.72 10.35
C VAL C 176 15.04 64.82 9.40
N THR C 177 15.05 65.18 8.12
CA THR C 177 15.87 64.47 7.16
C THR C 177 17.35 64.75 7.42
N GLU C 178 18.21 64.03 6.72
CA GLU C 178 19.62 64.34 6.73
C GLU C 178 19.93 65.38 5.65
N GLN C 179 21.18 65.85 5.65
CA GLN C 179 21.59 66.84 4.68
C GLN C 179 21.34 66.34 3.27
N ASP C 180 20.69 67.17 2.46
CA ASP C 180 20.45 66.83 1.07
C ASP C 180 21.77 66.72 0.32
N SER C 181 21.85 65.72 -0.58
CA SER C 181 23.10 65.48 -1.30
C SER C 181 23.42 66.56 -2.33
N LYS C 182 22.47 67.44 -2.65
CA LYS C 182 22.68 68.46 -3.66
C LYS C 182 22.84 69.86 -3.11
N ASP C 183 21.99 70.27 -2.17
CA ASP C 183 22.05 71.62 -1.62
C ASP C 183 22.44 71.67 -0.16
N SER C 184 22.67 70.52 0.48
CA SER C 184 23.15 70.42 1.85
C SER C 184 22.18 71.03 2.86
N THR C 185 20.89 71.11 2.53
CA THR C 185 19.89 71.65 3.44
C THR C 185 19.19 70.53 4.20
N TYR C 186 18.36 70.94 5.16
CA TYR C 186 17.55 70.02 5.94
C TYR C 186 16.06 70.25 5.66
N SER C 187 15.24 69.28 6.06
CA SER C 187 13.79 69.41 6.03
C SER C 187 13.21 68.79 7.30
N LEU C 188 12.07 69.33 7.73
CA LEU C 188 11.47 68.95 9.00
C LEU C 188 9.97 68.74 8.84
N SER C 189 9.46 67.70 9.48
CA SER C 189 8.05 67.35 9.44
C SER C 189 7.52 67.23 10.86
N SER C 190 6.58 68.10 11.23
CA SER C 190 5.95 68.05 12.54
C SER C 190 4.48 67.67 12.38
N THR C 191 4.06 66.64 13.10
CA THR C 191 2.71 66.09 13.00
C THR C 191 1.98 66.31 14.33
N LEU C 192 0.94 67.14 14.28
CA LEU C 192 0.10 67.40 15.45
C LEU C 192 -1.08 66.44 15.42
N THR C 193 -1.26 65.68 16.50
CA THR C 193 -2.27 64.63 16.57
C THR C 193 -3.35 64.99 17.58
N LEU C 194 -4.60 64.96 17.13
CA LEU C 194 -5.76 65.19 17.98
C LEU C 194 -6.84 64.17 17.64
N SER C 195 -7.80 64.03 18.55
CA SER C 195 -8.96 63.21 18.25
C SER C 195 -9.93 63.99 17.35
N LYS C 196 -10.80 63.24 16.67
CA LYS C 196 -11.79 63.87 15.80
C LYS C 196 -12.69 64.82 16.59
N ALA C 197 -13.04 64.43 17.82
CA ALA C 197 -13.86 65.31 18.66
C ALA C 197 -13.13 66.59 19.00
N ASP C 198 -11.86 66.47 19.39
CA ASP C 198 -11.08 67.65 19.71
C ASP C 198 -10.77 68.49 18.48
N TYR C 199 -10.63 67.85 17.31
CA TYR C 199 -10.32 68.60 16.10
C TYR C 199 -11.47 69.53 15.71
N GLU C 200 -12.70 69.07 15.85
CA GLU C 200 -13.86 69.87 15.48
C GLU C 200 -14.26 70.87 16.56
N LYS C 201 -13.56 70.88 17.70
CA LYS C 201 -13.80 71.86 18.75
C LYS C 201 -13.09 73.17 18.51
N HIS C 202 -12.35 73.31 17.41
CA HIS C 202 -11.55 74.49 17.17
C HIS C 202 -11.60 74.86 15.68
N LYS C 203 -11.21 76.09 15.39
CA LYS C 203 -11.28 76.64 14.03
C LYS C 203 -9.90 76.87 13.42
N VAL C 204 -9.12 77.78 13.98
CA VAL C 204 -7.86 78.21 13.38
C VAL C 204 -6.74 77.29 13.86
N TYR C 205 -6.07 76.64 12.91
CA TYR C 205 -4.91 75.82 13.16
C TYR C 205 -3.70 76.44 12.45
N ALA C 206 -2.60 76.60 13.19
CA ALA C 206 -1.43 77.26 12.62
C ALA C 206 -0.17 76.77 13.32
N CYS C 207 0.92 76.74 12.57
CA CYS C 207 2.25 76.45 13.11
CA CYS C 207 2.25 76.45 13.11
C CYS C 207 3.15 77.64 12.84
N GLU C 208 3.85 78.09 13.87
CA GLU C 208 4.75 79.24 13.79
C GLU C 208 6.20 78.76 13.79
N VAL C 209 6.91 79.03 12.70
CA VAL C 209 8.26 78.54 12.51
C VAL C 209 9.25 79.66 12.77
N THR C 210 10.19 79.41 13.67
CA THR C 210 11.28 80.34 13.95
C THR C 210 12.59 79.70 13.53
N HIS C 211 13.40 80.44 12.77
CA HIS C 211 14.65 79.92 12.24
C HIS C 211 15.59 81.10 11.98
N GLN C 212 16.89 80.80 12.05
CA GLN C 212 17.91 81.84 11.86
C GLN C 212 17.73 82.58 10.53
N GLY C 213 17.31 81.86 9.50
CA GLY C 213 17.09 82.46 8.20
C GLY C 213 15.86 83.34 8.11
N LEU C 214 15.05 83.43 9.16
CA LEU C 214 13.86 84.27 9.17
C LEU C 214 14.10 85.48 10.07
N SER C 215 13.87 86.67 9.52
CA SER C 215 13.98 87.88 10.34
C SER C 215 12.89 87.93 11.39
N SER C 216 11.73 87.33 11.11
CA SER C 216 10.61 87.25 12.03
C SER C 216 9.94 85.90 11.85
N PRO C 217 9.29 85.38 12.90
CA PRO C 217 8.64 84.07 12.78
C PRO C 217 7.57 84.06 11.69
N VAL C 218 7.53 82.95 10.94
CA VAL C 218 6.57 82.76 9.86
C VAL C 218 5.47 81.82 10.35
N THR C 219 4.22 82.19 10.05
CA THR C 219 3.06 81.42 10.47
C THR C 219 2.25 81.02 9.24
N LYS C 220 1.99 79.72 9.11
CA LYS C 220 1.07 79.21 8.09
C LYS C 220 -0.13 78.60 8.78
N SER C 221 -1.33 79.02 8.37
CA SER C 221 -2.56 78.68 9.06
C SER C 221 -3.63 78.23 8.06
N PHE C 222 -4.64 77.54 8.60
CA PHE C 222 -5.82 77.19 7.83
C PHE C 222 -7.01 77.16 8.78
N ASN C 223 -8.19 77.43 8.23
CA ASN C 223 -9.45 77.37 8.97
C ASN C 223 -10.19 76.09 8.62
N ARG C 224 -10.63 75.37 9.64
CA ARG C 224 -11.36 74.12 9.44
C ARG C 224 -12.64 74.35 8.64
N GLY C 225 -12.68 73.85 7.41
CA GLY C 225 -13.83 74.03 6.56
C GLY C 225 -13.52 74.63 5.20
N GLU C 226 -12.50 75.49 5.13
CA GLU C 226 -12.07 76.04 3.84
C GLU C 226 -11.31 75.01 3.01
N GLN D 1 30.52 -24.12 -7.30
CA GLN D 1 29.38 -23.31 -7.68
C GLN D 1 28.64 -22.80 -6.45
N VAL D 2 28.48 -21.49 -6.35
CA VAL D 2 27.75 -20.90 -5.23
C VAL D 2 26.27 -21.16 -5.40
N GLN D 3 25.61 -21.56 -4.32
CA GLN D 3 24.19 -21.87 -4.38
C GLN D 3 23.57 -21.64 -3.01
N LEU D 4 22.39 -21.04 -3.00
CA LEU D 4 21.62 -20.79 -1.79
C LEU D 4 20.24 -21.42 -1.96
N VAL D 5 19.88 -22.32 -1.05
CA VAL D 5 18.56 -22.95 -1.05
C VAL D 5 17.87 -22.62 0.27
N GLN D 6 16.59 -22.23 0.18
CA GLN D 6 15.80 -21.77 1.31
C GLN D 6 14.80 -22.85 1.71
N SER D 7 14.08 -22.58 2.80
CA SER D 7 13.07 -23.52 3.28
C SER D 7 11.84 -23.49 2.37
N GLY D 8 10.93 -24.42 2.63
CA GLY D 8 9.75 -24.54 1.81
C GLY D 8 8.69 -23.52 2.20
N ALA D 9 7.66 -23.44 1.35
CA ALA D 9 6.57 -22.51 1.59
C ALA D 9 5.90 -22.82 2.91
N GLU D 10 5.33 -21.79 3.53
CA GLU D 10 4.65 -21.96 4.80
C GLU D 10 3.40 -21.09 4.83
N VAL D 11 2.33 -21.64 5.40
CA VAL D 11 1.07 -20.94 5.59
C VAL D 11 0.96 -20.63 7.08
N LYS D 12 0.68 -19.36 7.40
CA LYS D 12 0.64 -18.92 8.78
C LYS D 12 -0.64 -18.13 9.03
N LYS D 13 -1.09 -18.16 10.29
CA LYS D 13 -2.26 -17.40 10.67
C LYS D 13 -1.84 -16.04 11.23
N PRO D 14 -2.70 -15.03 11.09
CA PRO D 14 -2.34 -13.68 11.57
C PRO D 14 -1.95 -13.72 13.05
N GLY D 15 -0.82 -13.10 13.36
CA GLY D 15 -0.28 -13.09 14.69
C GLY D 15 0.84 -14.08 14.92
N ALA D 16 0.97 -15.10 14.07
CA ALA D 16 1.97 -16.12 14.24
C ALA D 16 3.34 -15.61 13.79
N SER D 17 4.34 -16.48 13.85
CA SER D 17 5.69 -16.15 13.42
C SER D 17 6.18 -17.22 12.46
N VAL D 18 7.11 -16.83 11.59
CA VAL D 18 7.70 -17.72 10.60
C VAL D 18 9.21 -17.54 10.65
N LYS D 19 9.94 -18.66 10.68
CA LYS D 19 11.40 -18.64 10.66
C LYS D 19 11.85 -19.36 9.39
N VAL D 20 12.30 -18.58 8.41
CA VAL D 20 12.74 -19.09 7.11
C VAL D 20 14.24 -19.33 7.16
N SER D 21 14.67 -20.46 6.61
CA SER D 21 16.07 -20.84 6.59
C SER D 21 16.68 -20.52 5.23
N CYS D 22 18.02 -20.52 5.19
CA CYS D 22 18.75 -20.28 3.96
C CYS D 22 20.12 -20.92 4.10
N LYS D 23 20.36 -22.00 3.37
CA LYS D 23 21.62 -22.73 3.43
C LYS D 23 22.45 -22.43 2.19
N ALA D 24 23.68 -21.95 2.41
CA ALA D 24 24.59 -21.57 1.34
C ALA D 24 25.73 -22.57 1.21
N SER D 25 26.37 -22.56 0.05
CA SER D 25 27.45 -23.50 -0.22
C SER D 25 28.28 -22.99 -1.39
N GLY D 26 29.52 -23.46 -1.45
CA GLY D 26 30.39 -23.15 -2.56
C GLY D 26 31.23 -21.90 -2.40
N TYR D 27 31.26 -21.30 -1.22
CA TYR D 27 32.05 -20.09 -0.98
C TYR D 27 32.30 -19.96 0.51
N PRO D 28 33.31 -19.17 0.91
CA PRO D 28 33.56 -18.96 2.34
C PRO D 28 32.40 -18.23 3.01
N PHE D 29 31.76 -18.91 3.95
CA PHE D 29 30.57 -18.37 4.60
C PHE D 29 30.87 -17.11 5.39
N THR D 30 32.02 -17.08 6.07
CA THR D 30 32.36 -15.98 6.95
C THR D 30 32.61 -14.69 6.18
N SER D 31 33.20 -14.80 4.99
CA SER D 31 33.64 -13.61 4.25
C SER D 31 32.48 -12.73 3.80
N TYR D 32 31.29 -13.28 3.63
CA TYR D 32 30.15 -12.53 3.13
C TYR D 32 29.08 -12.43 4.20
N GLY D 33 28.23 -11.42 4.07
CA GLY D 33 27.03 -11.32 4.86
C GLY D 33 25.82 -11.80 4.06
N ILE D 34 24.70 -11.92 4.75
CA ILE D 34 23.45 -12.36 4.15
C ILE D 34 22.46 -11.21 4.21
N SER D 35 21.85 -10.89 3.08
CA SER D 35 20.78 -9.92 3.00
C SER D 35 19.48 -10.63 2.65
N TRP D 36 18.37 -10.06 3.13
CA TRP D 36 17.05 -10.63 2.92
C TRP D 36 16.17 -9.61 2.21
N VAL D 37 15.48 -10.04 1.16
CA VAL D 37 14.62 -9.19 0.35
C VAL D 37 13.25 -9.83 0.26
N ARG D 38 12.21 -8.99 0.26
CA ARG D 38 10.82 -9.41 0.25
C ARG D 38 10.15 -8.94 -1.03
N GLN D 39 9.17 -9.71 -1.50
CA GLN D 39 8.44 -9.30 -2.71
C GLN D 39 7.01 -9.76 -2.58
N ALA D 40 6.10 -8.80 -2.37
CA ALA D 40 4.68 -9.11 -2.30
C ALA D 40 4.16 -9.47 -3.69
N PRO D 41 3.06 -10.21 -3.77
CA PRO D 41 2.54 -10.65 -5.07
C PRO D 41 2.23 -9.46 -5.98
N GLY D 42 2.87 -9.45 -7.15
CA GLY D 42 2.66 -8.40 -8.11
C GLY D 42 3.32 -7.07 -7.78
N GLN D 43 4.25 -7.06 -6.85
CA GLN D 43 4.92 -5.86 -6.39
C GLN D 43 6.42 -5.98 -6.62
N GLY D 44 7.15 -4.95 -6.20
CA GLY D 44 8.58 -4.89 -6.38
C GLY D 44 9.34 -5.53 -5.23
N LEU D 45 10.64 -5.32 -5.25
CA LEU D 45 11.50 -5.83 -4.19
C LEU D 45 11.51 -4.89 -2.99
N GLU D 46 11.62 -5.47 -1.80
CA GLU D 46 11.61 -4.72 -0.55
C GLU D 46 12.72 -5.23 0.34
N TRP D 47 13.68 -4.37 0.66
CA TRP D 47 14.79 -4.77 1.52
C TRP D 47 14.31 -4.98 2.94
N MET D 48 14.84 -6.02 3.60
CA MET D 48 14.46 -6.38 4.96
C MET D 48 15.58 -6.16 5.97
N GLY D 49 16.82 -6.50 5.64
CA GLY D 49 17.89 -6.33 6.59
C GLY D 49 19.17 -6.99 6.09
N TRP D 50 20.15 -7.03 6.98
CA TRP D 50 21.48 -7.53 6.67
C TRP D 50 22.08 -8.08 7.95
N ILE D 51 22.81 -9.19 7.83
CA ILE D 51 23.48 -9.81 8.96
C ILE D 51 24.90 -10.18 8.55
N SER D 52 25.84 -9.98 9.48
CA SER D 52 27.21 -10.43 9.29
C SER D 52 27.34 -11.88 9.72
N THR D 53 27.86 -12.71 8.83
CA THR D 53 28.14 -14.09 9.19
C THR D 53 29.37 -14.23 10.05
N TYR D 54 30.11 -13.15 10.28
CA TYR D 54 31.33 -13.16 11.07
C TYR D 54 31.11 -12.81 12.53
N ASN D 55 30.30 -11.78 12.82
CA ASN D 55 30.07 -11.38 14.21
C ASN D 55 28.59 -11.26 14.56
N GLY D 56 27.68 -11.46 13.62
CA GLY D 56 26.26 -11.45 13.89
C GLY D 56 25.62 -10.09 13.95
N ASN D 57 26.36 -9.01 13.67
CA ASN D 57 25.76 -7.68 13.66
C ASN D 57 24.66 -7.61 12.63
N THR D 58 23.57 -6.93 12.96
CA THR D 58 22.40 -6.83 12.10
C THR D 58 21.86 -5.42 12.12
N ASN D 59 21.60 -4.86 10.94
CA ASN D 59 20.74 -3.70 10.82
C ASN D 59 19.57 -4.06 9.91
N TYR D 60 18.36 -3.75 10.36
CA TYR D 60 17.14 -4.07 9.64
C TYR D 60 16.53 -2.80 9.07
N ALA D 61 15.60 -2.98 8.13
CA ALA D 61 14.81 -1.86 7.67
C ALA D 61 13.92 -1.34 8.80
N GLN D 62 13.70 -0.02 8.80
CA GLN D 62 12.90 0.60 9.86
C GLN D 62 11.50 0.01 9.90
N LYS D 63 10.98 -0.42 8.76
CA LYS D 63 9.63 -0.98 8.70
C LYS D 63 9.51 -2.25 9.53
N PHE D 64 10.61 -3.00 9.68
CA PHE D 64 10.58 -4.29 10.36
C PHE D 64 11.32 -4.30 11.68
N GLN D 65 11.86 -3.16 12.12
CA GLN D 65 12.55 -3.13 13.41
C GLN D 65 11.56 -3.38 14.53
N GLY D 66 11.84 -4.39 15.35
CA GLY D 66 10.93 -4.82 16.39
C GLY D 66 10.10 -6.04 16.05
N ARG D 67 10.15 -6.50 14.81
CA ARG D 67 9.48 -7.73 14.41
C ARG D 67 10.40 -8.77 13.83
N VAL D 68 11.48 -8.37 13.15
CA VAL D 68 12.35 -9.30 12.44
C VAL D 68 13.61 -9.55 13.26
N THR D 69 14.08 -10.80 13.23
CA THR D 69 15.33 -11.17 13.87
C THR D 69 16.10 -12.10 12.93
N MET D 70 17.32 -11.73 12.62
CA MET D 70 18.18 -12.52 11.74
C MET D 70 19.31 -13.14 12.55
N THR D 71 19.58 -14.41 12.29
CA THR D 71 20.61 -15.16 12.99
C THR D 71 21.46 -15.91 11.98
N THR D 72 22.54 -16.52 12.48
CA THR D 72 23.49 -17.23 11.64
C THR D 72 24.12 -18.35 12.44
N ASP D 73 24.13 -19.55 11.84
CA ASP D 73 24.83 -20.71 12.38
C ASP D 73 25.96 -21.04 11.41
N THR D 74 27.20 -20.74 11.82
CA THR D 74 28.34 -20.93 10.94
C THR D 74 28.74 -22.39 10.81
N SER D 75 28.44 -23.22 11.82
CA SER D 75 28.72 -24.65 11.72
C SER D 75 27.91 -25.34 10.64
N THR D 76 26.79 -24.74 10.22
CA THR D 76 25.95 -25.31 9.19
C THR D 76 25.87 -24.47 7.92
N THR D 77 26.59 -23.35 7.84
CA THR D 77 26.59 -22.48 6.66
C THR D 77 25.17 -22.07 6.30
N THR D 78 24.36 -21.83 7.33
CA THR D 78 22.93 -21.56 7.19
C THR D 78 22.58 -20.26 7.87
N GLY D 79 21.74 -19.46 7.22
CA GLY D 79 21.24 -18.22 7.77
C GLY D 79 19.75 -18.33 8.03
N TYR D 80 19.28 -17.58 9.02
CA TYR D 80 17.89 -17.64 9.46
C TYR D 80 17.30 -16.24 9.52
N MET D 81 16.05 -16.12 9.08
CA MET D 81 15.29 -14.88 9.15
C MET D 81 13.95 -15.19 9.79
N GLU D 82 13.62 -14.49 10.87
CA GLU D 82 12.39 -14.72 11.61
C GLU D 82 11.56 -13.43 11.62
N LEU D 83 10.30 -13.55 11.21
CA LEU D 83 9.35 -12.43 11.22
C LEU D 83 8.23 -12.78 12.18
N ARG D 84 8.08 -12.00 13.24
CA ARG D 84 7.06 -12.23 14.25
C ARG D 84 5.84 -11.34 13.99
N ARG D 85 4.77 -11.62 14.71
CA ARG D 85 3.49 -10.89 14.61
C ARG D 85 3.09 -10.72 13.14
N LEU D 86 2.93 -11.86 12.48
CA LEU D 86 2.62 -11.86 11.04
C LEU D 86 1.25 -11.26 10.77
N ARG D 87 1.18 -10.50 9.69
CA ARG D 87 -0.04 -9.87 9.22
C ARG D 87 -0.33 -10.38 7.82
N SER D 88 -1.61 -10.34 7.44
CA SER D 88 -1.95 -10.61 6.04
C SER D 88 -1.17 -9.68 5.11
N ASP D 89 -0.80 -8.51 5.62
CA ASP D 89 0.06 -7.57 4.91
C ASP D 89 1.41 -8.17 4.55
N ASP D 90 1.83 -9.25 5.23
CA ASP D 90 3.17 -9.81 5.08
C ASP D 90 3.23 -10.96 4.09
N THR D 91 2.12 -11.31 3.45
CA THR D 91 2.13 -12.36 2.44
C THR D 91 3.04 -11.95 1.29
N ALA D 92 4.14 -12.67 1.10
CA ALA D 92 5.13 -12.32 0.08
C ALA D 92 6.11 -13.47 -0.06
N VAL D 93 6.95 -13.38 -1.09
CA VAL D 93 8.03 -14.33 -1.32
C VAL D 93 9.30 -13.77 -0.71
N TYR D 94 9.89 -14.49 0.23
CA TYR D 94 11.04 -14.00 0.97
C TYR D 94 12.31 -14.58 0.39
N TYR D 95 13.20 -13.70 -0.08
CA TYR D 95 14.44 -14.09 -0.72
C TYR D 95 15.64 -13.95 0.21
N CYS D 96 16.72 -14.60 -0.18
CA CYS D 96 17.95 -14.67 0.58
C CYS D 96 19.09 -14.58 -0.42
N ALA D 97 20.06 -13.71 -0.17
CA ALA D 97 21.11 -13.49 -1.15
C ALA D 97 22.45 -13.29 -0.45
N ARG D 98 23.52 -13.58 -1.19
CA ARG D 98 24.87 -13.33 -0.70
C ARG D 98 25.20 -11.86 -0.85
N ASP D 99 25.59 -11.21 0.24
CA ASP D 99 25.72 -9.77 0.30
C ASP D 99 27.14 -9.31 0.01
N TYR D 100 27.27 -8.32 -0.86
CA TYR D 100 28.53 -7.60 -1.06
C TYR D 100 28.27 -6.11 -1.04
N THR D 101 27.40 -5.65 -0.12
CA THR D 101 27.15 -4.24 0.11
C THR D 101 27.67 -3.74 1.45
N ARG D 102 27.92 -4.64 2.40
CA ARG D 102 28.50 -4.28 3.68
C ARG D 102 29.39 -5.42 4.17
N GLY D 103 30.63 -5.10 4.51
CA GLY D 103 31.58 -6.12 4.89
C GLY D 103 31.17 -6.82 6.18
N ALA D 104 31.40 -8.13 6.22
CA ALA D 104 31.03 -8.89 7.41
C ALA D 104 31.99 -8.65 8.56
N TRP D 105 33.23 -8.25 8.28
CA TRP D 105 34.25 -8.12 9.31
C TRP D 105 34.21 -6.76 10.00
N PHE D 106 34.07 -5.67 9.24
CA PHE D 106 34.08 -4.33 9.80
C PHE D 106 32.80 -3.56 9.58
N GLY D 107 31.84 -4.10 8.82
CA GLY D 107 30.54 -3.48 8.72
C GLY D 107 30.51 -2.16 7.97
N GLU D 108 31.37 -2.00 6.98
CA GLU D 108 31.43 -0.77 6.19
C GLU D 108 30.95 -1.05 4.76
N SER D 109 30.40 -0.01 4.13
CA SER D 109 29.78 -0.16 2.82
C SER D 109 30.78 -0.66 1.79
N LEU D 110 30.31 -1.50 0.86
CA LEU D 110 31.16 -2.12 -0.15
C LEU D 110 30.68 -1.77 -1.55
N ILE D 111 31.56 -1.94 -2.51
CA ILE D 111 31.23 -1.74 -3.93
C ILE D 111 30.74 -3.08 -4.45
N GLY D 112 29.41 -3.26 -4.45
CA GLY D 112 28.84 -4.49 -4.93
C GLY D 112 27.35 -4.54 -4.64
N GLY D 113 26.78 -5.73 -4.81
CA GLY D 113 25.37 -5.93 -4.59
C GLY D 113 25.04 -7.32 -4.10
N PHE D 114 23.77 -7.71 -4.21
CA PHE D 114 23.31 -9.05 -3.85
C PHE D 114 23.49 -9.98 -5.05
N ASP D 115 24.22 -11.07 -4.86
CA ASP D 115 24.38 -12.08 -5.91
C ASP D 115 24.05 -13.45 -5.35
N ASN D 116 23.83 -14.40 -6.25
CA ASN D 116 23.51 -15.78 -5.90
C ASN D 116 22.33 -15.84 -4.93
N TRP D 117 21.19 -15.41 -5.41
CA TRP D 117 19.98 -15.40 -4.59
C TRP D 117 19.47 -16.83 -4.40
N GLY D 118 18.65 -17.00 -3.36
CA GLY D 118 17.95 -18.25 -3.16
C GLY D 118 16.71 -18.34 -4.03
N GLN D 119 16.14 -19.54 -4.08
CA GLN D 119 14.96 -19.75 -4.91
C GLN D 119 13.75 -18.97 -4.39
N GLY D 120 13.73 -18.66 -3.10
CA GLY D 120 12.63 -17.92 -2.52
C GLY D 120 11.74 -18.80 -1.66
N THR D 121 11.07 -18.17 -0.69
CA THR D 121 10.15 -18.84 0.20
C THR D 121 8.86 -18.06 0.24
N LEU D 122 7.76 -18.68 -0.19
CA LEU D 122 6.46 -18.03 -0.18
C LEU D 122 5.78 -18.26 1.17
N VAL D 123 5.53 -17.18 1.89
CA VAL D 123 4.83 -17.22 3.16
C VAL D 123 3.45 -16.61 2.95
N THR D 124 2.40 -17.40 3.17
CA THR D 124 1.03 -16.94 3.05
C THR D 124 0.46 -16.74 4.44
N VAL D 125 -0.05 -15.54 4.71
CA VAL D 125 -0.60 -15.20 6.01
C VAL D 125 -2.08 -14.90 5.81
N SER D 126 -2.93 -15.80 6.30
CA SER D 126 -4.36 -15.53 6.38
C SER D 126 -4.96 -16.55 7.33
N SER D 127 -6.20 -16.29 7.73
CA SER D 127 -6.93 -17.19 8.62
C SER D 127 -7.64 -18.31 7.86
N ALA D 128 -7.58 -18.30 6.53
CA ALA D 128 -8.23 -19.34 5.76
C ALA D 128 -7.62 -20.70 6.07
N SER D 129 -8.42 -21.74 5.86
CA SER D 129 -7.98 -23.12 6.03
C SER D 129 -7.93 -23.82 4.69
N THR D 130 -7.19 -24.94 4.65
CA THR D 130 -6.97 -25.67 3.42
C THR D 130 -8.30 -26.08 2.80
N LYS D 131 -8.55 -25.67 1.57
CA LYS D 131 -9.78 -26.00 0.87
C LYS D 131 -9.47 -26.26 -0.60
N GLY D 132 -10.02 -27.36 -1.12
CA GLY D 132 -9.89 -27.67 -2.53
C GLY D 132 -10.82 -26.84 -3.39
N PRO D 133 -10.47 -26.70 -4.67
CA PRO D 133 -11.27 -25.86 -5.55
C PRO D 133 -12.49 -26.58 -6.11
N SER D 134 -13.49 -25.78 -6.46
CA SER D 134 -14.60 -26.23 -7.29
C SER D 134 -14.30 -25.84 -8.72
N VAL D 135 -14.45 -26.77 -9.66
CA VAL D 135 -14.15 -26.53 -11.06
C VAL D 135 -15.47 -26.45 -11.82
N PHE D 136 -15.75 -25.27 -12.37
CA PHE D 136 -16.98 -25.08 -13.14
C PHE D 136 -16.64 -24.84 -14.61
N PRO D 137 -17.51 -25.28 -15.52
CA PRO D 137 -17.19 -25.16 -16.95
C PRO D 137 -17.54 -23.80 -17.51
N LEU D 138 -16.65 -23.29 -18.36
CA LEU D 138 -16.94 -22.10 -19.16
C LEU D 138 -17.33 -22.63 -20.55
N ALA D 139 -18.62 -22.86 -20.72
CA ALA D 139 -19.11 -23.57 -21.90
C ALA D 139 -18.99 -22.69 -23.15
N PRO D 140 -18.66 -23.28 -24.30
CA PRO D 140 -18.58 -22.48 -25.52
C PRO D 140 -19.97 -22.03 -25.98
N SER D 141 -20.05 -20.78 -26.41
CA SER D 141 -21.32 -20.18 -26.78
C SER D 141 -21.78 -20.65 -28.16
N SER D 142 -23.07 -20.96 -28.27
CA SER D 142 -23.65 -21.20 -29.59
C SER D 142 -23.80 -19.89 -30.36
N LYS D 143 -23.84 -18.76 -29.67
CA LYS D 143 -23.78 -17.45 -30.32
C LYS D 143 -22.40 -17.27 -30.93
N SER D 144 -22.33 -17.19 -32.26
CA SER D 144 -21.09 -17.35 -32.98
C SER D 144 -20.26 -16.07 -32.98
N THR D 145 -18.99 -16.24 -33.31
CA THR D 145 -18.05 -15.15 -33.51
C THR D 145 -17.64 -15.09 -34.97
N SER D 146 -17.32 -13.88 -35.45
CA SER D 146 -17.09 -13.68 -36.87
C SER D 146 -15.89 -14.48 -37.38
N GLY D 147 -14.83 -14.58 -36.57
CA GLY D 147 -13.60 -15.19 -37.03
C GLY D 147 -13.64 -16.70 -37.14
N GLY D 148 -14.69 -17.35 -36.66
CA GLY D 148 -14.74 -18.80 -36.68
C GLY D 148 -13.89 -19.46 -35.61
N THR D 149 -13.70 -18.79 -34.47
CA THR D 149 -12.94 -19.35 -33.36
C THR D 149 -13.79 -19.30 -32.11
N ALA D 150 -13.87 -20.43 -31.41
CA ALA D 150 -14.64 -20.54 -30.18
C ALA D 150 -13.71 -20.58 -28.98
N ALA D 151 -14.21 -20.09 -27.85
CA ALA D 151 -13.46 -20.09 -26.61
C ALA D 151 -14.22 -20.87 -25.55
N LEU D 152 -13.50 -21.72 -24.83
CA LEU D 152 -14.06 -22.46 -23.70
C LEU D 152 -13.01 -22.49 -22.59
N GLY D 153 -13.43 -22.87 -21.39
CA GLY D 153 -12.47 -22.96 -20.32
C GLY D 153 -13.07 -23.53 -19.05
N CYS D 154 -12.27 -23.48 -17.99
CA CYS D 154 -12.65 -23.94 -16.67
C CYS D 154 -12.46 -22.82 -15.66
N LEU D 155 -13.40 -22.71 -14.73
CA LEU D 155 -13.31 -21.78 -13.62
C LEU D 155 -12.93 -22.56 -12.37
N VAL D 156 -11.77 -22.25 -11.81
CA VAL D 156 -11.24 -22.93 -10.63
C VAL D 156 -11.42 -21.98 -9.46
N LYS D 157 -12.47 -22.20 -8.67
CA LYS D 157 -12.94 -21.20 -7.71
C LYS D 157 -12.84 -21.73 -6.28
N ASP D 158 -12.49 -20.82 -5.36
CA ASP D 158 -12.60 -21.02 -3.92
C ASP D 158 -11.67 -22.11 -3.39
N TYR D 159 -10.37 -21.90 -3.58
CA TYR D 159 -9.37 -22.81 -3.03
C TYR D 159 -8.37 -22.03 -2.19
N PHE D 160 -7.65 -22.76 -1.33
CA PHE D 160 -6.64 -22.18 -0.48
C PHE D 160 -5.80 -23.30 0.08
N PRO D 161 -4.46 -23.15 0.14
CA PRO D 161 -3.75 -21.99 -0.37
C PRO D 161 -3.30 -22.18 -1.81
N GLU D 162 -2.39 -21.34 -2.30
CA GLU D 162 -1.83 -21.54 -3.62
C GLU D 162 -0.85 -22.72 -3.59
N PRO D 163 -0.61 -23.35 -4.75
CA PRO D 163 -1.18 -23.08 -6.07
C PRO D 163 -2.09 -24.18 -6.60
N VAL D 164 -2.70 -23.92 -7.74
CA VAL D 164 -3.40 -24.95 -8.50
C VAL D 164 -2.71 -25.07 -9.85
N THR D 165 -2.77 -26.27 -10.41
CA THR D 165 -2.25 -26.54 -11.74
C THR D 165 -3.40 -26.97 -12.63
N VAL D 166 -3.49 -26.38 -13.82
CA VAL D 166 -4.55 -26.70 -14.77
C VAL D 166 -3.91 -27.11 -16.09
N SER D 167 -4.31 -28.27 -16.61
CA SER D 167 -3.91 -28.74 -17.92
C SER D 167 -5.16 -29.14 -18.70
N TRP D 168 -5.00 -29.29 -20.01
CA TRP D 168 -6.11 -29.62 -20.89
C TRP D 168 -5.82 -30.91 -21.64
N ASN D 169 -6.77 -31.84 -21.61
CA ASN D 169 -6.67 -33.12 -22.31
C ASN D 169 -5.40 -33.87 -21.90
N SER D 170 -5.16 -33.90 -20.60
CA SER D 170 -4.02 -34.62 -20.01
C SER D 170 -2.69 -34.13 -20.58
N GLY D 171 -2.60 -32.83 -20.90
CA GLY D 171 -1.40 -32.25 -21.46
C GLY D 171 -1.29 -32.29 -22.96
N ALA D 172 -2.24 -32.91 -23.66
CA ALA D 172 -2.17 -32.97 -25.12
C ALA D 172 -2.50 -31.63 -25.77
N LEU D 173 -3.23 -30.76 -25.08
CA LEU D 173 -3.68 -29.48 -25.63
C LEU D 173 -2.92 -28.37 -24.93
N THR D 174 -2.00 -27.74 -25.64
CA THR D 174 -1.28 -26.60 -25.12
C THR D 174 -1.43 -25.35 -25.96
N SER D 175 -1.62 -25.49 -27.27
CA SER D 175 -1.72 -24.33 -28.14
C SER D 175 -3.05 -23.61 -27.92
N GLY D 176 -2.97 -22.30 -27.75
CA GLY D 176 -4.14 -21.48 -27.53
C GLY D 176 -4.66 -21.45 -26.12
N VAL D 177 -3.92 -22.01 -25.17
CA VAL D 177 -4.35 -22.08 -23.78
C VAL D 177 -3.83 -20.87 -23.03
N HIS D 178 -4.66 -20.33 -22.14
CA HIS D 178 -4.27 -19.23 -21.26
C HIS D 178 -4.80 -19.56 -19.87
N THR D 179 -3.90 -19.87 -18.95
CA THR D 179 -4.24 -20.07 -17.54
C THR D 179 -3.92 -18.78 -16.80
N PHE D 180 -4.96 -18.09 -16.34
CA PHE D 180 -4.75 -16.77 -15.76
C PHE D 180 -4.21 -16.87 -14.34
N PRO D 181 -3.45 -15.87 -13.91
CA PRO D 181 -2.99 -15.85 -12.52
C PRO D 181 -4.16 -15.80 -11.55
N ALA D 182 -3.99 -16.46 -10.41
CA ALA D 182 -5.04 -16.48 -9.40
C ALA D 182 -5.26 -15.08 -8.84
N VAL D 183 -6.49 -14.82 -8.43
CA VAL D 183 -6.83 -13.60 -7.71
C VAL D 183 -7.36 -13.99 -6.34
N LEU D 184 -6.98 -13.21 -5.34
CA LEU D 184 -7.41 -13.47 -3.97
C LEU D 184 -8.75 -12.77 -3.74
N GLN D 185 -9.80 -13.57 -3.56
CA GLN D 185 -11.12 -13.01 -3.37
C GLN D 185 -11.28 -12.46 -1.96
N SER D 186 -12.31 -11.64 -1.77
CA SER D 186 -12.57 -11.06 -0.45
C SER D 186 -12.93 -12.13 0.57
N SER D 187 -13.23 -13.35 0.14
CA SER D 187 -13.49 -14.45 1.05
C SER D 187 -12.21 -15.04 1.65
N GLY D 188 -11.04 -14.57 1.20
CA GLY D 188 -9.80 -15.21 1.58
C GLY D 188 -9.43 -16.43 0.76
N LEU D 189 -10.30 -16.87 -0.14
CA LEU D 189 -10.03 -17.99 -1.04
C LEU D 189 -9.59 -17.48 -2.42
N TYR D 190 -8.73 -18.26 -3.08
CA TYR D 190 -8.26 -17.90 -4.40
C TYR D 190 -9.24 -18.37 -5.48
N SER D 191 -9.06 -17.85 -6.69
CA SER D 191 -9.90 -18.19 -7.82
C SER D 191 -9.12 -17.94 -9.10
N LEU D 192 -9.31 -18.81 -10.08
CA LEU D 192 -8.48 -18.83 -11.27
C LEU D 192 -9.29 -19.40 -12.42
N SER D 193 -9.12 -18.82 -13.61
CA SER D 193 -9.76 -19.31 -14.82
CA SER D 193 -9.76 -19.33 -14.81
C SER D 193 -8.69 -19.71 -15.82
N SER D 194 -8.95 -20.78 -16.56
CA SER D 194 -8.05 -21.26 -17.60
C SER D 194 -8.88 -21.51 -18.84
N VAL D 195 -8.58 -20.78 -19.93
CA VAL D 195 -9.36 -20.85 -21.15
C VAL D 195 -8.46 -21.27 -22.30
N VAL D 196 -9.11 -21.71 -23.38
CA VAL D 196 -8.45 -22.13 -24.60
C VAL D 196 -9.33 -21.73 -25.77
N THR D 197 -8.69 -21.26 -26.84
CA THR D 197 -9.36 -20.94 -28.10
C THR D 197 -9.10 -22.05 -29.10
N VAL D 198 -10.15 -22.53 -29.73
CA VAL D 198 -10.09 -23.64 -30.68
C VAL D 198 -10.95 -23.30 -31.88
N PRO D 199 -10.71 -23.97 -33.01
CA PRO D 199 -11.63 -23.81 -34.15
C PRO D 199 -13.03 -24.24 -33.75
N SER D 200 -14.01 -23.41 -34.12
CA SER D 200 -15.39 -23.70 -33.74
C SER D 200 -15.87 -25.01 -34.34
N SER D 201 -15.32 -25.42 -35.47
CA SER D 201 -15.69 -26.71 -36.05
C SER D 201 -15.21 -27.89 -35.22
N SER D 202 -14.16 -27.70 -34.40
CA SER D 202 -13.69 -28.79 -33.55
C SER D 202 -14.67 -29.11 -32.44
N LEU D 203 -15.64 -28.22 -32.16
CA LEU D 203 -16.57 -28.44 -31.06
C LEU D 203 -17.43 -29.67 -31.29
N GLY D 204 -17.66 -30.04 -32.55
CA GLY D 204 -18.49 -31.17 -32.88
C GLY D 204 -17.77 -32.50 -33.00
N THR D 205 -16.44 -32.51 -32.86
CA THR D 205 -15.66 -33.74 -33.00
C THR D 205 -14.65 -33.97 -31.89
N GLN D 206 -14.25 -32.96 -31.14
CA GLN D 206 -13.18 -33.08 -30.15
C GLN D 206 -13.74 -32.87 -28.75
N THR D 207 -13.26 -33.68 -27.81
CA THR D 207 -13.63 -33.57 -26.40
C THR D 207 -12.58 -32.76 -25.66
N TYR D 208 -13.04 -31.82 -24.84
CA TYR D 208 -12.16 -30.93 -24.09
C TYR D 208 -12.34 -31.18 -22.60
N ILE D 209 -11.26 -31.58 -21.94
CA ILE D 209 -11.28 -31.88 -20.51
C ILE D 209 -10.13 -31.12 -19.87
N CYS D 210 -10.45 -30.30 -18.87
CA CYS D 210 -9.43 -29.63 -18.08
C CYS D 210 -9.12 -30.47 -16.84
N ASN D 211 -7.84 -30.54 -16.51
CA ASN D 211 -7.35 -31.34 -15.38
C ASN D 211 -6.84 -30.40 -14.32
N VAL D 212 -7.60 -30.25 -13.24
CA VAL D 212 -7.26 -29.35 -12.14
C VAL D 212 -6.66 -30.16 -11.00
N ASN D 213 -5.52 -29.73 -10.50
CA ASN D 213 -4.82 -30.43 -9.43
C ASN D 213 -4.43 -29.41 -8.36
N HIS D 214 -4.85 -29.68 -7.12
CA HIS D 214 -4.57 -28.81 -5.97
C HIS D 214 -3.92 -29.67 -4.89
N LYS D 215 -2.60 -29.80 -4.97
CA LYS D 215 -1.85 -30.66 -4.04
C LYS D 215 -2.11 -30.34 -2.56
N PRO D 216 -2.18 -29.08 -2.11
CA PRO D 216 -2.38 -28.84 -0.67
C PRO D 216 -3.61 -29.51 -0.07
N SER D 217 -4.60 -29.87 -0.88
CA SER D 217 -5.81 -30.49 -0.36
C SER D 217 -6.06 -31.89 -0.93
N ASN D 218 -5.07 -32.49 -1.59
CA ASN D 218 -5.22 -33.81 -2.22
C ASN D 218 -6.39 -33.82 -3.20
N THR D 219 -6.55 -32.72 -3.95
CA THR D 219 -7.69 -32.53 -4.83
C THR D 219 -7.24 -32.72 -6.28
N LYS D 220 -7.77 -33.75 -6.93
CA LYS D 220 -7.60 -33.96 -8.37
C LYS D 220 -8.99 -33.98 -9.00
N VAL D 221 -9.25 -33.04 -9.91
CA VAL D 221 -10.54 -32.90 -10.55
C VAL D 221 -10.33 -32.82 -12.05
N ASP D 222 -11.13 -33.56 -12.81
CA ASP D 222 -11.21 -33.44 -14.26
C ASP D 222 -12.64 -33.06 -14.60
N LYS D 223 -12.80 -32.04 -15.45
CA LYS D 223 -14.13 -31.56 -15.82
C LYS D 223 -14.24 -31.48 -17.34
N LYS D 224 -15.33 -32.02 -17.87
CA LYS D 224 -15.61 -31.95 -19.30
C LYS D 224 -16.34 -30.65 -19.60
N VAL D 225 -15.93 -30.00 -20.68
CA VAL D 225 -16.50 -28.73 -21.11
C VAL D 225 -17.19 -28.98 -22.43
N GLU D 226 -18.50 -28.79 -22.46
CA GLU D 226 -19.29 -29.01 -23.66
C GLU D 226 -20.36 -27.93 -23.76
N PRO D 227 -20.92 -27.71 -24.97
CA PRO D 227 -21.93 -26.66 -25.15
C PRO D 227 -23.09 -26.73 -24.17
N LYS D 228 -23.81 -25.61 -24.05
CA LYS D 228 -24.88 -25.48 -23.07
C LYS D 228 -26.12 -26.25 -23.52
N SER D 229 -26.81 -26.85 -22.54
CA SER D 229 -28.03 -27.61 -22.78
C SER D 229 -29.26 -26.82 -22.35
N CYS D 230 -30.42 -27.26 -22.80
CA CYS D 230 -31.68 -26.58 -22.49
C CYS D 230 -32.51 -27.38 -21.47
N GLU E 1 16.04 9.12 4.04
CA GLU E 1 15.55 7.97 3.28
C GLU E 1 15.60 8.25 1.78
N ILE E 2 16.60 7.69 1.10
CA ILE E 2 16.75 7.92 -0.32
C ILE E 2 15.70 7.14 -1.08
N VAL E 3 14.99 7.82 -1.99
CA VAL E 3 13.95 7.22 -2.81
C VAL E 3 14.45 7.14 -4.24
N LEU E 4 14.32 5.97 -4.85
CA LEU E 4 14.68 5.77 -6.25
C LEU E 4 13.40 5.60 -7.05
N THR E 5 13.28 6.34 -8.15
CA THR E 5 12.12 6.28 -9.03
C THR E 5 12.61 5.96 -10.44
N GLN E 6 12.22 4.80 -10.95
CA GLN E 6 12.63 4.39 -12.28
C GLN E 6 11.66 4.93 -13.33
N SER E 7 12.17 5.05 -14.56
CA SER E 7 11.42 5.63 -15.65
C SER E 7 11.94 5.03 -16.95
N PRO E 8 11.04 4.64 -17.87
CA PRO E 8 9.60 4.68 -17.64
C PRO E 8 9.12 3.45 -16.88
N GLY E 9 7.82 3.35 -16.65
CA GLY E 9 7.29 2.14 -16.04
C GLY E 9 7.47 0.93 -16.95
N THR E 10 7.18 1.09 -18.23
CA THR E 10 7.28 0.00 -19.20
C THR E 10 7.97 0.51 -20.45
N LEU E 11 8.93 -0.28 -20.95
CA LEU E 11 9.65 0.00 -22.19
C LEU E 11 9.17 -0.96 -23.28
N SER E 12 8.54 -0.41 -24.31
CA SER E 12 8.03 -1.20 -25.43
C SER E 12 9.01 -1.12 -26.58
N LEU E 13 9.80 -2.17 -26.76
CA LEU E 13 10.80 -2.24 -27.81
C LEU E 13 10.76 -3.62 -28.45
N SER E 14 11.34 -3.72 -29.63
CA SER E 14 11.44 -4.99 -30.33
C SER E 14 12.86 -5.54 -30.22
N PRO E 15 13.04 -6.85 -30.43
CA PRO E 15 14.38 -7.43 -30.33
C PRO E 15 15.34 -6.77 -31.32
N GLY E 16 16.59 -6.64 -30.90
CA GLY E 16 17.59 -5.96 -31.68
C GLY E 16 17.72 -4.48 -31.41
N GLU E 17 16.71 -3.86 -30.80
CA GLU E 17 16.76 -2.43 -30.53
C GLU E 17 17.56 -2.15 -29.26
N ARG E 18 17.88 -0.87 -29.08
CA ARG E 18 18.63 -0.42 -27.91
C ARG E 18 17.66 0.06 -26.84
N ALA E 19 17.92 -0.32 -25.60
CA ALA E 19 17.05 -0.02 -24.46
C ALA E 19 17.82 0.76 -23.42
N THR E 20 17.33 1.94 -23.08
CA THR E 20 17.94 2.78 -22.05
C THR E 20 16.92 3.03 -20.96
N LEU E 21 17.20 2.55 -19.75
CA LEU E 21 16.33 2.75 -18.60
C LEU E 21 17.09 3.54 -17.54
N SER E 22 16.36 4.38 -16.81
CA SER E 22 16.96 5.29 -15.85
C SER E 22 16.23 5.22 -14.51
N CYS E 23 16.96 5.55 -13.44
CA CYS E 23 16.36 5.80 -12.13
C CYS E 23 16.95 7.06 -11.54
N ARG E 24 16.09 7.86 -10.91
CA ARG E 24 16.47 9.10 -10.28
C ARG E 24 16.40 8.95 -8.77
N ALA E 25 17.35 9.58 -8.08
CA ALA E 25 17.45 9.50 -6.62
C ALA E 25 16.99 10.82 -6.00
N SER E 26 16.26 10.70 -4.89
CA SER E 26 15.76 11.90 -4.21
C SER E 26 16.90 12.75 -3.67
N GLN E 27 18.04 12.13 -3.38
CA GLN E 27 19.23 12.80 -2.92
C GLN E 27 20.41 12.34 -3.75
N THR E 28 21.51 13.08 -3.67
CA THR E 28 22.72 12.65 -4.36
C THR E 28 23.26 11.37 -3.73
N VAL E 29 23.69 10.44 -4.58
CA VAL E 29 24.19 9.13 -4.15
C VAL E 29 25.50 8.84 -4.87
N SER E 30 26.50 8.35 -4.12
CA SER E 30 27.77 8.02 -4.72
C SER E 30 27.60 6.89 -5.74
N SER E 31 28.37 6.98 -6.83
CA SER E 31 28.26 5.97 -7.89
C SER E 31 28.68 4.58 -7.42
N THR E 32 29.52 4.49 -6.38
CA THR E 32 29.98 3.18 -5.94
C THR E 32 28.84 2.32 -5.40
N SER E 33 27.82 2.94 -4.82
CA SER E 33 26.77 2.21 -4.11
C SER E 33 25.48 2.08 -4.90
N LEU E 34 25.56 1.98 -6.22
CA LEU E 34 24.37 1.77 -7.05
C LEU E 34 24.47 0.44 -7.79
N ALA E 35 23.35 -0.29 -7.85
CA ALA E 35 23.33 -1.61 -8.47
C ALA E 35 22.04 -1.81 -9.25
N TRP E 36 22.13 -2.62 -10.31
CA TRP E 36 20.99 -2.96 -11.16
C TRP E 36 20.73 -4.46 -11.12
N TYR E 37 19.46 -4.85 -11.06
CA TYR E 37 19.05 -6.24 -11.06
C TYR E 37 18.02 -6.50 -12.13
N GLN E 38 18.01 -7.74 -12.64
CA GLN E 38 17.01 -8.19 -13.59
C GLN E 38 16.22 -9.34 -12.98
N GLN E 39 14.92 -9.36 -13.23
CA GLN E 39 14.05 -10.42 -12.70
C GLN E 39 13.13 -10.92 -13.80
N LYS E 40 13.39 -12.15 -14.26
CA LYS E 40 12.48 -12.76 -15.22
C LYS E 40 11.24 -13.29 -14.51
N PRO E 41 10.11 -13.39 -15.20
CA PRO E 41 8.85 -13.83 -14.55
C PRO E 41 9.01 -15.20 -13.91
N GLY E 42 8.78 -15.25 -12.60
CA GLY E 42 8.82 -16.50 -11.86
C GLY E 42 10.18 -16.90 -11.32
N GLN E 43 11.20 -16.06 -11.46
CA GLN E 43 12.54 -16.39 -11.02
C GLN E 43 13.00 -15.37 -9.98
N ALA E 44 14.07 -15.71 -9.29
CA ALA E 44 14.67 -14.77 -8.37
C ALA E 44 15.46 -13.71 -9.13
N PRO E 45 15.58 -12.50 -8.59
CA PRO E 45 16.38 -11.47 -9.25
C PRO E 45 17.86 -11.83 -9.26
N ARG E 46 18.54 -11.39 -10.31
CA ARG E 46 19.98 -11.58 -10.44
C ARG E 46 20.68 -10.23 -10.61
N LEU E 47 21.90 -10.15 -10.09
CA LEU E 47 22.68 -8.93 -10.16
C LEU E 47 23.21 -8.72 -11.57
N LEU E 48 22.98 -7.53 -12.12
CA LEU E 48 23.48 -7.16 -13.44
C LEU E 48 24.70 -6.25 -13.36
N ILE E 49 24.60 -5.16 -12.62
CA ILE E 49 25.65 -4.15 -12.54
C ILE E 49 25.77 -3.70 -11.10
N TYR E 50 27.01 -3.52 -10.65
CA TYR E 50 27.30 -2.95 -9.35
C TYR E 50 28.27 -1.81 -9.53
N GLY E 51 28.31 -0.92 -8.55
CA GLY E 51 29.15 0.27 -8.68
C GLY E 51 28.80 1.12 -9.88
N ALA E 52 27.51 1.19 -10.20
CA ALA E 52 26.96 2.01 -11.29
C ALA E 52 27.35 1.51 -12.67
N SER E 53 28.62 1.15 -12.88
CA SER E 53 29.09 0.81 -14.21
C SER E 53 29.77 -0.55 -14.32
N SER E 54 30.18 -1.17 -13.20
CA SER E 54 30.92 -2.42 -13.27
C SER E 54 29.99 -3.59 -13.49
N ARG E 55 30.35 -4.46 -14.44
CA ARG E 55 29.52 -5.58 -14.82
C ARG E 55 29.76 -6.78 -13.90
N ALA E 56 28.67 -7.41 -13.49
CA ALA E 56 28.77 -8.59 -12.64
C ALA E 56 29.26 -9.80 -13.44
N THR E 57 29.83 -10.76 -12.72
CA THR E 57 30.39 -11.94 -13.38
C THR E 57 29.32 -12.71 -14.12
N GLY E 58 29.57 -12.97 -15.40
CA GLY E 58 28.66 -13.75 -16.23
C GLY E 58 27.69 -12.93 -17.06
N ILE E 59 27.56 -11.64 -16.80
CA ILE E 59 26.63 -10.80 -17.58
C ILE E 59 27.24 -10.56 -18.95
N PRO E 60 26.47 -10.66 -20.03
CA PRO E 60 27.03 -10.45 -21.38
C PRO E 60 27.28 -8.97 -21.66
N ASP E 61 28.07 -8.73 -22.71
CA ASP E 61 28.61 -7.40 -23.00
C ASP E 61 27.55 -6.37 -23.39
N ARG E 62 26.29 -6.77 -23.57
CA ARG E 62 25.28 -5.83 -24.04
C ARG E 62 24.76 -4.90 -22.94
N PHE E 63 24.99 -5.23 -21.68
CA PHE E 63 24.52 -4.42 -20.57
C PHE E 63 25.61 -3.44 -20.16
N SER E 64 25.18 -2.27 -19.71
CA SER E 64 26.14 -1.23 -19.32
C SER E 64 25.42 -0.18 -18.49
N GLY E 65 26.11 0.32 -17.47
CA GLY E 65 25.53 1.30 -16.57
C GLY E 65 26.39 2.54 -16.50
N SER E 66 25.75 3.67 -16.23
CA SER E 66 26.43 4.95 -16.14
C SER E 66 25.56 5.88 -15.31
N GLY E 67 26.07 7.09 -15.08
CA GLY E 67 25.37 8.09 -14.32
C GLY E 67 26.15 8.51 -13.08
N SER E 68 25.60 9.54 -12.43
CA SER E 68 26.23 10.13 -11.26
C SER E 68 25.21 11.01 -10.56
N GLY E 69 25.59 11.50 -9.38
CA GLY E 69 24.75 12.40 -8.62
C GLY E 69 23.39 11.82 -8.29
N THR E 70 22.42 12.00 -9.21
CA THR E 70 21.07 11.51 -9.00
C THR E 70 20.47 10.79 -10.21
N ASP E 71 21.12 10.85 -11.38
CA ASP E 71 20.56 10.32 -12.62
C ASP E 71 21.46 9.17 -13.09
N PHE E 72 21.01 7.95 -12.89
CA PHE E 72 21.74 6.76 -13.32
C PHE E 72 20.94 6.00 -14.36
N THR E 73 21.63 5.48 -15.37
CA THR E 73 20.97 4.79 -16.48
C THR E 73 21.56 3.41 -16.69
N LEU E 74 20.69 2.47 -17.04
CA LEU E 74 21.07 1.14 -17.48
C LEU E 74 20.73 1.02 -18.97
N THR E 75 21.71 0.61 -19.77
CA THR E 75 21.52 0.52 -21.21
C THR E 75 21.75 -0.91 -21.69
N ILE E 76 21.00 -1.30 -22.72
CA ILE E 76 21.12 -2.61 -23.35
C ILE E 76 21.33 -2.37 -24.84
N SER E 77 22.53 -2.68 -25.34
CA SER E 77 22.90 -2.32 -26.70
C SER E 77 21.93 -2.90 -27.73
N ARG E 78 21.81 -4.23 -27.76
CA ARG E 78 20.90 -4.90 -28.70
C ARG E 78 20.02 -5.84 -27.89
N LEU E 79 18.72 -5.56 -27.87
CA LEU E 79 17.78 -6.38 -27.12
C LEU E 79 17.66 -7.79 -27.70
N GLU E 80 17.37 -8.74 -26.83
CA GLU E 80 17.19 -10.13 -27.22
C GLU E 80 15.95 -10.70 -26.53
N PRO E 81 15.44 -11.86 -26.97
CA PRO E 81 14.24 -12.41 -26.31
C PRO E 81 14.40 -12.58 -24.81
N GLU E 82 15.56 -13.07 -24.37
CA GLU E 82 15.80 -13.30 -22.94
C GLU E 82 15.98 -12.02 -22.16
N ASP E 83 16.09 -10.86 -22.83
CA ASP E 83 16.31 -9.59 -22.15
C ASP E 83 15.03 -8.93 -21.66
N PHE E 84 13.87 -9.39 -22.13
CA PHE E 84 12.61 -8.74 -21.78
C PHE E 84 12.16 -9.23 -20.41
N ALA E 85 12.31 -8.38 -19.40
CA ALA E 85 11.98 -8.74 -18.04
C ALA E 85 11.71 -7.44 -17.27
N VAL E 86 11.83 -7.49 -15.95
CA VAL E 86 11.70 -6.32 -15.10
C VAL E 86 13.05 -6.05 -14.48
N TYR E 87 13.45 -4.78 -14.45
CA TYR E 87 14.75 -4.37 -13.96
C TYR E 87 14.58 -3.45 -12.75
N TYR E 88 15.44 -3.63 -11.75
CA TYR E 88 15.35 -2.91 -10.49
C TYR E 88 16.63 -2.15 -10.24
N CYS E 89 16.48 -0.89 -9.84
CA CYS E 89 17.57 -0.01 -9.47
C CYS E 89 17.70 -0.01 -7.95
N GLN E 90 18.93 -0.08 -7.46
CA GLN E 90 19.16 -0.27 -6.02
C GLN E 90 20.37 0.54 -5.56
N GLN E 91 20.24 1.14 -4.37
CA GLN E 91 21.31 1.93 -3.78
C GLN E 91 21.50 1.54 -2.31
N HIS E 92 22.73 1.67 -1.83
CA HIS E 92 23.02 1.53 -0.41
C HIS E 92 24.01 2.59 0.03
N ASP E 93 23.84 3.82 -0.47
CA ASP E 93 24.58 4.96 0.05
C ASP E 93 24.22 5.14 1.51
N THR E 94 22.96 5.49 1.78
CA THR E 94 22.42 5.55 3.13
C THR E 94 21.31 4.51 3.23
N SER E 95 21.48 3.57 4.17
CA SER E 95 20.56 2.43 4.36
C SER E 95 20.56 1.62 3.05
N LEU E 96 19.40 1.13 2.60
CA LEU E 96 19.34 0.36 1.37
C LEU E 96 17.92 0.38 0.86
N THR E 97 17.72 0.83 -0.39
CA THR E 97 16.40 0.91 -0.98
C THR E 97 16.44 0.40 -2.42
N PHE E 98 15.26 0.06 -2.93
CA PHE E 98 15.09 -0.42 -4.29
C PHE E 98 14.25 0.58 -5.07
N GLY E 99 14.41 0.55 -6.40
CA GLY E 99 13.56 1.33 -7.27
C GLY E 99 12.23 0.64 -7.54
N GLY E 100 11.30 1.39 -8.12
CA GLY E 100 10.00 0.84 -8.43
C GLY E 100 10.05 -0.31 -9.41
N GLY E 101 11.06 -0.31 -10.29
CA GLY E 101 11.16 -1.35 -11.30
C GLY E 101 10.68 -0.89 -12.66
N THR E 102 11.38 -1.31 -13.71
CA THR E 102 11.02 -1.00 -15.09
C THR E 102 10.87 -2.31 -15.85
N LYS E 103 9.75 -2.48 -16.54
CA LYS E 103 9.51 -3.67 -17.35
C LYS E 103 9.79 -3.37 -18.81
N VAL E 104 10.54 -4.25 -19.46
CA VAL E 104 10.82 -4.14 -20.89
C VAL E 104 9.97 -5.19 -21.59
N GLU E 105 8.96 -4.75 -22.33
CA GLU E 105 8.04 -5.62 -23.03
C GLU E 105 8.40 -5.70 -24.50
N ILE E 106 7.97 -6.78 -25.14
CA ILE E 106 8.20 -6.96 -26.57
C ILE E 106 7.17 -6.15 -27.34
N LYS E 107 7.65 -5.17 -28.11
CA LYS E 107 6.77 -4.37 -28.94
C LYS E 107 6.34 -5.13 -30.18
N ARG E 108 5.09 -4.95 -30.58
CA ARG E 108 4.56 -5.55 -31.80
C ARG E 108 3.44 -4.64 -32.30
N THR E 109 2.86 -5.01 -33.43
CA THR E 109 1.75 -4.24 -33.98
C THR E 109 0.53 -4.35 -33.08
N VAL E 110 -0.34 -3.34 -33.19
CA VAL E 110 -1.54 -3.29 -32.37
C VAL E 110 -2.49 -4.42 -32.75
N ALA E 111 -3.11 -5.04 -31.74
CA ALA E 111 -4.04 -6.14 -31.97
C ALA E 111 -5.25 -5.96 -31.09
N ALA E 112 -6.43 -5.89 -31.72
CA ALA E 112 -7.66 -5.76 -30.96
C ALA E 112 -8.02 -7.10 -30.31
N PRO E 113 -8.60 -7.08 -29.13
CA PRO E 113 -8.90 -8.33 -28.43
C PRO E 113 -10.10 -9.04 -29.03
N SER E 114 -10.08 -10.36 -28.91
CA SER E 114 -11.26 -11.19 -29.17
C SER E 114 -11.98 -11.39 -27.85
N VAL E 115 -13.25 -10.98 -27.81
CA VAL E 115 -14.01 -10.91 -26.56
C VAL E 115 -15.06 -12.03 -26.56
N PHE E 116 -15.12 -12.77 -25.45
CA PHE E 116 -16.10 -13.83 -25.24
C PHE E 116 -16.67 -13.70 -23.84
N ILE E 117 -17.95 -14.06 -23.69
CA ILE E 117 -18.64 -13.95 -22.41
C ILE E 117 -19.22 -15.31 -22.05
N PHE E 118 -19.13 -15.66 -20.77
CA PHE E 118 -19.52 -16.98 -20.27
C PHE E 118 -20.55 -16.82 -19.14
N PRO E 119 -21.76 -17.33 -19.31
CA PRO E 119 -22.72 -17.31 -18.20
C PRO E 119 -22.29 -18.27 -17.11
N PRO E 120 -22.80 -18.11 -15.88
CA PRO E 120 -22.43 -19.06 -14.83
C PRO E 120 -23.01 -20.43 -15.14
N SER E 121 -22.21 -21.47 -14.87
CA SER E 121 -22.66 -22.82 -15.13
C SER E 121 -23.79 -23.20 -14.19
N ASP E 122 -24.64 -24.13 -14.66
CA ASP E 122 -25.71 -24.64 -13.82
C ASP E 122 -25.16 -25.36 -12.60
N GLU E 123 -23.98 -25.97 -12.70
CA GLU E 123 -23.36 -26.61 -11.55
C GLU E 123 -23.09 -25.59 -10.44
N GLN E 124 -22.50 -24.45 -10.80
CA GLN E 124 -22.20 -23.43 -9.81
C GLN E 124 -23.46 -22.81 -9.26
N LEU E 125 -24.47 -22.58 -10.11
CA LEU E 125 -25.71 -21.97 -9.65
C LEU E 125 -26.38 -22.79 -8.56
N LYS E 126 -26.20 -24.11 -8.59
CA LYS E 126 -26.74 -24.95 -7.54
C LYS E 126 -26.09 -24.67 -6.19
N SER E 127 -24.88 -24.12 -6.18
CA SER E 127 -24.20 -23.74 -4.95
C SER E 127 -24.68 -22.41 -4.38
N GLY E 128 -25.40 -21.60 -5.15
CA GLY E 128 -25.87 -20.32 -4.68
C GLY E 128 -25.04 -19.12 -5.08
N THR E 129 -24.04 -19.30 -5.95
CA THR E 129 -23.17 -18.23 -6.42
C THR E 129 -23.12 -18.25 -7.94
N ALA E 130 -23.12 -17.06 -8.54
CA ALA E 130 -23.04 -16.92 -9.98
C ALA E 130 -21.79 -16.13 -10.33
N SER E 131 -20.97 -16.68 -11.23
CA SER E 131 -19.78 -16.02 -11.74
C SER E 131 -19.90 -15.85 -13.24
N VAL E 132 -19.92 -14.60 -13.69
CA VAL E 132 -19.90 -14.29 -15.12
C VAL E 132 -18.47 -13.94 -15.49
N VAL E 133 -18.00 -14.49 -16.62
CA VAL E 133 -16.60 -14.34 -17.03
C VAL E 133 -16.56 -13.69 -18.40
N CYS E 134 -15.72 -12.66 -18.54
CA CYS E 134 -15.48 -11.95 -19.79
C CYS E 134 -14.02 -12.15 -20.15
N LEU E 135 -13.77 -12.71 -21.32
CA LEU E 135 -12.42 -13.05 -21.76
C LEU E 135 -11.99 -12.11 -22.87
N LEU E 136 -10.83 -11.47 -22.70
CA LEU E 136 -10.18 -10.68 -23.73
C LEU E 136 -8.93 -11.44 -24.15
N ASN E 137 -8.87 -11.84 -25.41
CA ASN E 137 -7.90 -12.83 -25.87
C ASN E 137 -6.94 -12.23 -26.89
N ASN E 138 -5.64 -12.39 -26.63
CA ASN E 138 -4.57 -12.13 -27.58
C ASN E 138 -4.69 -10.73 -28.21
N PHE E 139 -4.39 -9.74 -27.38
CA PHE E 139 -4.45 -8.34 -27.78
C PHE E 139 -3.14 -7.65 -27.42
N TYR E 140 -2.96 -6.47 -28.01
CA TYR E 140 -1.79 -5.64 -27.72
C TYR E 140 -2.11 -4.21 -28.13
N PRO E 141 -1.73 -3.19 -27.33
CA PRO E 141 -0.98 -3.32 -26.08
C PRO E 141 -1.81 -3.74 -24.87
N ARG E 142 -1.20 -3.68 -23.68
CA ARG E 142 -1.81 -4.25 -22.48
C ARG E 142 -3.01 -3.45 -21.98
N GLU E 143 -3.03 -2.15 -22.24
CA GLU E 143 -4.09 -1.29 -21.71
C GLU E 143 -5.44 -1.68 -22.28
N ALA E 144 -6.33 -2.20 -21.43
CA ALA E 144 -7.67 -2.55 -21.84
C ALA E 144 -8.62 -2.31 -20.68
N LYS E 145 -9.83 -1.82 -20.98
CA LYS E 145 -10.82 -1.53 -19.97
C LYS E 145 -12.04 -2.43 -20.18
N VAL E 146 -12.47 -3.11 -19.12
CA VAL E 146 -13.64 -3.96 -19.15
C VAL E 146 -14.70 -3.31 -18.27
N GLN E 147 -15.91 -3.19 -18.80
CA GLN E 147 -16.97 -2.47 -18.09
C GLN E 147 -18.21 -3.34 -18.09
N TRP E 148 -18.54 -3.92 -16.93
CA TRP E 148 -19.68 -4.81 -16.82
C TRP E 148 -20.99 -4.04 -16.75
N LYS E 149 -21.98 -4.50 -17.51
CA LYS E 149 -23.32 -3.91 -17.51
C LYS E 149 -24.36 -5.01 -17.33
N VAL E 150 -25.21 -4.85 -16.32
CA VAL E 150 -26.29 -5.79 -16.04
C VAL E 150 -27.58 -5.00 -16.18
N ASP E 151 -28.35 -5.32 -17.23
CA ASP E 151 -29.53 -4.54 -17.61
C ASP E 151 -29.18 -3.07 -17.81
N ASN E 152 -28.08 -2.84 -18.53
CA ASN E 152 -27.55 -1.52 -18.85
C ASN E 152 -27.12 -0.73 -17.62
N ALA E 153 -27.02 -1.38 -16.47
CA ALA E 153 -26.53 -0.75 -15.25
C ALA E 153 -25.05 -1.05 -15.10
N LEU E 154 -24.24 0.01 -15.03
CA LEU E 154 -22.79 -0.16 -14.90
C LEU E 154 -22.46 -0.74 -13.53
N GLN E 155 -21.74 -1.87 -13.53
CA GLN E 155 -21.37 -2.54 -12.29
C GLN E 155 -20.01 -2.07 -11.82
N SER E 156 -19.86 -1.91 -10.52
CA SER E 156 -18.59 -1.51 -9.93
C SER E 156 -18.43 -2.22 -8.60
N GLY E 157 -17.21 -2.68 -8.32
CA GLY E 157 -16.89 -3.31 -7.06
C GLY E 157 -17.22 -4.78 -6.95
N ASN E 158 -17.87 -5.37 -7.96
CA ASN E 158 -18.23 -6.79 -7.95
C ASN E 158 -17.49 -7.58 -9.02
N SER E 159 -16.34 -7.07 -9.49
CA SER E 159 -15.57 -7.76 -10.52
C SER E 159 -14.10 -7.69 -10.20
N GLN E 160 -13.39 -8.78 -10.48
CA GLN E 160 -11.94 -8.85 -10.43
C GLN E 160 -11.43 -9.28 -11.78
N GLU E 161 -10.22 -8.85 -12.13
CA GLU E 161 -9.61 -9.27 -13.38
C GLU E 161 -8.17 -9.69 -13.15
N SER E 162 -7.63 -10.39 -14.14
CA SER E 162 -6.28 -10.94 -14.10
C SER E 162 -5.75 -11.00 -15.52
N VAL E 163 -4.46 -10.72 -15.68
CA VAL E 163 -3.83 -10.61 -16.98
C VAL E 163 -2.64 -11.56 -17.06
N THR E 164 -2.50 -12.23 -18.20
CA THR E 164 -1.37 -13.11 -18.43
C THR E 164 -0.12 -12.31 -18.74
N GLU E 165 1.01 -13.01 -18.78
CA GLU E 165 2.24 -12.42 -19.28
C GLU E 165 2.23 -12.43 -20.80
N GLN E 166 3.17 -11.68 -21.39
CA GLN E 166 3.32 -11.68 -22.84
C GLN E 166 3.55 -13.09 -23.36
N ASP E 167 2.74 -13.49 -24.34
CA ASP E 167 2.88 -14.81 -24.92
C ASP E 167 4.23 -14.94 -25.60
N SER E 168 4.91 -16.07 -25.36
CA SER E 168 6.25 -16.26 -25.89
C SER E 168 6.25 -16.31 -27.41
N LYS E 169 5.11 -16.56 -28.04
CA LYS E 169 5.02 -16.72 -29.50
C LYS E 169 4.58 -15.45 -30.20
N ASP E 170 3.42 -14.89 -29.84
CA ASP E 170 2.88 -13.74 -30.55
C ASP E 170 2.94 -12.45 -29.72
N SER E 171 3.50 -12.50 -28.52
CA SER E 171 3.74 -11.32 -27.69
C SER E 171 2.46 -10.52 -27.41
N THR E 172 1.33 -11.22 -27.35
CA THR E 172 0.05 -10.59 -27.01
C THR E 172 -0.27 -10.82 -25.54
N TYR E 173 -1.28 -10.12 -25.06
CA TYR E 173 -1.80 -10.29 -23.71
C TYR E 173 -3.19 -10.90 -23.77
N SER E 174 -3.61 -11.46 -22.63
CA SER E 174 -4.98 -11.91 -22.46
C SER E 174 -5.43 -11.50 -21.06
N LEU E 175 -6.72 -11.16 -20.97
CA LEU E 175 -7.29 -10.64 -19.73
C LEU E 175 -8.58 -11.39 -19.43
N SER E 176 -8.79 -11.69 -18.14
CA SER E 176 -9.96 -12.41 -17.66
C SER E 176 -10.64 -11.60 -16.56
N SER E 177 -11.86 -11.15 -16.81
CA SER E 177 -12.63 -10.41 -15.81
C SER E 177 -13.78 -11.27 -15.30
N THR E 178 -13.85 -11.44 -13.98
CA THR E 178 -14.85 -12.31 -13.36
C THR E 178 -15.81 -11.47 -12.53
N LEU E 179 -17.06 -11.39 -12.96
CA LEU E 179 -18.12 -10.72 -12.23
C LEU E 179 -18.85 -11.72 -11.34
N THR E 180 -19.00 -11.39 -10.06
CA THR E 180 -19.59 -12.29 -9.08
C THR E 180 -20.84 -11.69 -8.47
N LEU E 181 -21.94 -12.42 -8.54
CA LEU E 181 -23.19 -12.10 -7.85
C LEU E 181 -23.68 -13.34 -7.12
N SER E 182 -24.61 -13.13 -6.21
CA SER E 182 -25.31 -14.27 -5.63
C SER E 182 -26.33 -14.81 -6.62
N LYS E 183 -26.74 -16.07 -6.40
CA LYS E 183 -27.77 -16.65 -7.26
C LYS E 183 -29.03 -15.79 -7.24
N ALA E 184 -29.39 -15.27 -6.07
CA ALA E 184 -30.57 -14.41 -5.97
C ALA E 184 -30.40 -13.15 -6.82
N ASP E 185 -29.28 -12.45 -6.65
CA ASP E 185 -29.05 -11.25 -7.44
C ASP E 185 -28.95 -11.57 -8.93
N TYR E 186 -28.35 -12.71 -9.27
CA TYR E 186 -28.18 -13.07 -10.67
C TYR E 186 -29.52 -13.29 -11.35
N GLU E 187 -30.50 -13.83 -10.63
CA GLU E 187 -31.82 -14.09 -11.21
C GLU E 187 -32.72 -12.86 -11.20
N LYS E 188 -32.26 -11.73 -10.66
CA LYS E 188 -33.06 -10.51 -10.67
C LYS E 188 -32.91 -9.72 -11.96
N HIS E 189 -32.03 -10.14 -12.86
CA HIS E 189 -31.70 -9.34 -14.03
C HIS E 189 -31.60 -10.23 -15.26
N LYS E 190 -31.78 -9.61 -16.43
CA LYS E 190 -31.88 -10.33 -17.69
C LYS E 190 -30.59 -10.26 -18.50
N VAL E 191 -30.21 -9.06 -18.93
CA VAL E 191 -29.13 -8.87 -19.89
C VAL E 191 -27.81 -8.67 -19.13
N TYR E 192 -26.85 -9.54 -19.38
CA TYR E 192 -25.52 -9.45 -18.81
C TYR E 192 -24.50 -9.20 -19.93
N ALA E 193 -23.69 -8.16 -19.78
CA ALA E 193 -22.77 -7.78 -20.84
C ALA E 193 -21.50 -7.17 -20.26
N CYS E 194 -20.41 -7.32 -21.00
CA CYS E 194 -19.15 -6.62 -20.73
CA CYS E 194 -19.16 -6.61 -20.72
C CYS E 194 -18.76 -5.81 -21.95
N GLU E 195 -18.29 -4.60 -21.72
CA GLU E 195 -17.92 -3.66 -22.77
C GLU E 195 -16.41 -3.45 -22.73
N VAL E 196 -15.75 -3.76 -23.83
CA VAL E 196 -14.29 -3.71 -23.91
C VAL E 196 -13.90 -2.51 -24.78
N THR E 197 -13.13 -1.59 -24.20
CA THR E 197 -12.54 -0.49 -24.95
C THR E 197 -11.04 -0.76 -25.05
N HIS E 198 -10.50 -0.63 -26.26
CA HIS E 198 -9.10 -0.94 -26.48
C HIS E 198 -8.62 -0.17 -27.71
N GLN E 199 -7.29 0.02 -27.78
CA GLN E 199 -6.72 0.81 -28.86
C GLN E 199 -7.02 0.20 -30.23
N GLY E 200 -7.02 -1.12 -30.33
CA GLY E 200 -7.30 -1.78 -31.59
C GLY E 200 -8.74 -1.75 -32.03
N LEU E 201 -9.65 -1.28 -31.17
CA LEU E 201 -11.07 -1.21 -31.50
C LEU E 201 -11.44 0.22 -31.84
N SER E 202 -12.02 0.42 -33.03
CA SER E 202 -12.48 1.76 -33.40
C SER E 202 -13.59 2.23 -32.48
N SER E 203 -14.44 1.32 -32.01
CA SER E 203 -15.51 1.61 -31.07
C SER E 203 -15.58 0.46 -30.08
N PRO E 204 -16.07 0.72 -28.87
CA PRO E 204 -16.12 -0.34 -27.85
C PRO E 204 -16.93 -1.54 -28.31
N VAL E 205 -16.40 -2.72 -28.03
CA VAL E 205 -17.05 -3.98 -28.38
C VAL E 205 -17.75 -4.52 -27.14
N THR E 206 -19.03 -4.87 -27.29
CA THR E 206 -19.83 -5.39 -26.20
C THR E 206 -20.31 -6.79 -26.56
N LYS E 207 -20.05 -7.74 -25.67
CA LYS E 207 -20.55 -9.10 -25.80
C LYS E 207 -21.53 -9.36 -24.66
N SER E 208 -22.69 -9.94 -24.98
CA SER E 208 -23.78 -10.05 -24.02
C SER E 208 -24.50 -11.37 -24.18
N PHE E 209 -25.25 -11.74 -23.13
CA PHE E 209 -26.16 -12.87 -23.17
C PHE E 209 -27.39 -12.54 -22.33
N ASN E 210 -28.47 -13.26 -22.60
CA ASN E 210 -29.70 -13.19 -21.82
C ASN E 210 -29.80 -14.41 -20.91
N ARG E 211 -30.28 -14.19 -19.68
CA ARG E 211 -30.38 -15.29 -18.73
C ARG E 211 -31.25 -16.43 -19.27
N GLY E 212 -32.18 -16.13 -20.16
CA GLY E 212 -33.00 -17.15 -20.79
C GLY E 212 -32.64 -17.35 -22.24
N GLU E 213 -31.45 -17.90 -22.51
CA GLU E 213 -30.97 -18.06 -23.87
C GLU E 213 -30.30 -19.43 -23.99
N CYS E 214 -30.83 -20.26 -24.89
CA CYS E 214 -30.30 -21.60 -25.10
C CYS E 214 -30.14 -21.89 -26.59
N HIS F 9 -21.32 6.25 44.48
CA HIS F 9 -21.10 5.90 43.08
C HIS F 9 -21.89 6.81 42.15
N THR F 10 -21.46 6.88 40.88
CA THR F 10 -22.07 7.80 39.94
C THR F 10 -22.32 7.22 38.55
N ASN F 11 -21.93 5.97 38.29
CA ASN F 11 -22.12 5.39 36.96
C ASN F 11 -23.58 5.02 36.74
N LEU F 12 -24.02 5.14 35.49
CA LEU F 12 -25.38 4.77 35.12
C LEU F 12 -25.48 3.28 34.83
N CYS F 13 -26.61 2.69 35.21
CA CYS F 13 -26.81 1.27 34.98
C CYS F 13 -26.91 0.98 33.48
N PRO F 14 -26.22 -0.05 33.00
CA PRO F 14 -26.13 -0.32 31.56
C PRO F 14 -27.40 -0.89 30.93
N PHE F 15 -28.53 -0.23 31.17
CA PHE F 15 -29.78 -0.64 30.51
C PHE F 15 -29.70 -0.48 29.01
N GLY F 16 -28.80 0.37 28.52
CA GLY F 16 -28.66 0.53 27.08
C GLY F 16 -28.17 -0.73 26.42
N GLU F 17 -27.09 -1.31 26.94
CA GLU F 17 -26.48 -2.44 26.26
C GLU F 17 -27.23 -3.74 26.49
N VAL F 18 -28.29 -3.73 27.29
CA VAL F 18 -29.18 -4.87 27.39
C VAL F 18 -30.31 -4.76 26.38
N PHE F 19 -30.93 -3.59 26.26
CA PHE F 19 -32.04 -3.39 25.34
C PHE F 19 -31.56 -3.17 23.91
N ASN F 20 -30.46 -2.44 23.74
CA ASN F 20 -29.95 -2.10 22.42
C ASN F 20 -28.88 -3.08 21.94
N ALA F 21 -28.85 -4.30 22.47
CA ALA F 21 -27.87 -5.29 22.04
C ALA F 21 -28.22 -5.83 20.66
N THR F 22 -27.18 -6.21 19.91
CA THR F 22 -27.39 -6.65 18.53
C THR F 22 -28.04 -8.03 18.47
N ARG F 23 -27.48 -9.00 19.20
CA ARG F 23 -27.91 -10.39 19.13
C ARG F 23 -28.45 -10.84 20.48
N PHE F 24 -29.67 -11.37 20.47
CA PHE F 24 -30.31 -11.92 21.65
C PHE F 24 -30.20 -13.44 21.67
N ALA F 25 -30.23 -14.01 22.86
CA ALA F 25 -30.13 -15.45 23.02
C ALA F 25 -31.47 -16.13 22.77
N SER F 26 -31.41 -17.39 22.33
CA SER F 26 -32.62 -18.19 22.22
C SER F 26 -33.22 -18.41 23.60
N VAL F 27 -34.55 -18.50 23.65
CA VAL F 27 -35.26 -18.47 24.92
C VAL F 27 -34.88 -19.66 25.80
N TYR F 28 -34.53 -20.79 25.19
CA TYR F 28 -34.15 -21.94 26.00
C TYR F 28 -32.83 -21.71 26.72
N ALA F 29 -31.96 -20.88 26.14
CA ALA F 29 -30.72 -20.51 26.81
C ALA F 29 -30.71 -19.01 27.10
N TRP F 30 -31.69 -18.54 27.85
CA TRP F 30 -31.89 -17.11 28.04
C TRP F 30 -30.71 -16.50 28.79
N ASN F 31 -30.30 -15.32 28.32
CA ASN F 31 -29.14 -14.62 28.90
C ASN F 31 -29.59 -13.80 30.10
N ARG F 32 -28.81 -13.85 31.17
CA ARG F 32 -29.05 -13.05 32.36
C ARG F 32 -27.89 -12.09 32.59
N LYS F 33 -28.20 -10.81 32.73
CA LYS F 33 -27.22 -9.80 33.10
C LYS F 33 -27.46 -9.36 34.54
N ARG F 34 -26.38 -9.26 35.30
CA ARG F 34 -26.44 -8.83 36.69
C ARG F 34 -26.08 -7.35 36.77
N ILE F 35 -26.96 -6.56 37.37
CA ILE F 35 -26.80 -5.11 37.47
C ILE F 35 -26.61 -4.75 38.93
N SER F 36 -25.49 -4.08 39.24
CA SER F 36 -25.16 -3.74 40.61
C SER F 36 -24.30 -2.48 40.63
N ASN F 37 -24.42 -1.72 41.71
CA ASN F 37 -23.55 -0.57 42.00
C ASN F 37 -23.63 0.47 40.89
N CYS F 38 -24.84 0.97 40.65
CA CYS F 38 -25.06 1.98 39.62
C CYS F 38 -26.38 2.67 39.91
N VAL F 39 -26.54 3.85 39.34
CA VAL F 39 -27.77 4.63 39.46
C VAL F 39 -28.67 4.24 38.30
N ALA F 40 -29.85 3.72 38.62
CA ALA F 40 -30.77 3.21 37.61
C ALA F 40 -31.71 4.34 37.18
N ASP F 41 -31.60 4.74 35.91
CA ASP F 41 -32.46 5.75 35.33
C ASP F 41 -33.56 5.02 34.55
N TYR F 42 -34.66 4.71 35.24
CA TYR F 42 -35.75 3.98 34.60
C TYR F 42 -36.56 4.85 33.64
N SER F 43 -36.27 6.15 33.55
CA SER F 43 -37.07 7.03 32.73
C SER F 43 -36.97 6.66 31.25
N VAL F 44 -35.78 6.24 30.80
CA VAL F 44 -35.59 5.87 29.40
C VAL F 44 -36.51 4.72 29.02
N LEU F 45 -36.82 3.85 29.97
CA LEU F 45 -37.63 2.67 29.66
C LEU F 45 -39.10 3.04 29.48
N TYR F 46 -39.78 3.41 30.57
CA TYR F 46 -41.23 3.58 30.49
C TYR F 46 -41.67 4.74 29.62
N ASN F 47 -40.76 5.63 29.23
CA ASN F 47 -41.10 6.71 28.32
C ASN F 47 -40.78 6.40 26.86
N SER F 48 -39.95 5.39 26.60
CA SER F 48 -39.70 4.98 25.22
C SER F 48 -40.94 4.31 24.64
N ALA F 49 -41.37 4.80 23.48
CA ALA F 49 -42.59 4.32 22.85
C ALA F 49 -42.34 3.15 21.91
N SER F 50 -41.14 2.57 21.93
CA SER F 50 -40.80 1.47 21.04
C SER F 50 -41.40 0.14 21.49
N PHE F 51 -41.90 0.04 22.72
CA PHE F 51 -42.28 -1.23 23.30
C PHE F 51 -43.75 -1.54 23.04
N SER F 52 -44.01 -2.78 22.62
CA SER F 52 -45.38 -3.25 22.43
C SER F 52 -45.95 -3.86 23.70
N THR F 53 -45.09 -4.40 24.56
CA THR F 53 -45.48 -5.01 25.83
C THR F 53 -44.66 -4.38 26.94
N PHE F 54 -45.35 -3.85 27.96
CA PHE F 54 -44.68 -3.28 29.14
C PHE F 54 -45.62 -3.49 30.32
N LYS F 55 -45.42 -4.60 31.04
CA LYS F 55 -46.26 -4.95 32.17
C LYS F 55 -45.37 -5.21 33.38
N CYS F 56 -45.70 -4.57 34.49
CA CYS F 56 -44.90 -4.63 35.71
C CYS F 56 -45.68 -5.35 36.81
N TYR F 57 -44.96 -6.12 37.61
CA TYR F 57 -45.52 -6.88 38.71
C TYR F 57 -44.74 -6.56 39.98
N GLY F 58 -45.46 -6.36 41.08
CA GLY F 58 -44.84 -6.11 42.35
C GLY F 58 -44.41 -4.69 42.62
N VAL F 59 -44.47 -3.80 41.61
CA VAL F 59 -44.09 -2.40 41.80
C VAL F 59 -44.66 -1.58 40.64
N SER F 60 -44.85 -0.29 40.88
CA SER F 60 -45.37 0.68 39.90
C SER F 60 -44.23 1.21 39.04
N PRO F 61 -44.46 1.40 37.74
CA PRO F 61 -43.39 1.98 36.90
C PRO F 61 -43.01 3.39 37.32
N THR F 62 -44.00 4.20 37.73
CA THR F 62 -43.69 5.55 38.20
C THR F 62 -42.96 5.50 39.54
N LYS F 63 -43.48 4.71 40.49
CA LYS F 63 -42.92 4.51 41.84
C LYS F 63 -41.60 3.69 41.83
N LEU F 64 -41.00 3.51 40.66
CA LEU F 64 -39.80 2.70 40.53
C LEU F 64 -38.53 3.52 40.68
N ASN F 65 -38.55 4.78 40.25
CA ASN F 65 -37.37 5.63 40.33
C ASN F 65 -36.95 5.87 41.77
N ASP F 66 -37.91 5.97 42.70
CA ASP F 66 -37.56 6.25 44.08
C ASP F 66 -37.63 5.00 44.95
N LEU F 67 -36.90 3.96 44.57
CA LEU F 67 -36.83 2.73 45.36
C LEU F 67 -35.51 2.05 45.09
N CYS F 68 -34.85 1.58 46.15
CA CYS F 68 -33.55 0.94 46.04
C CYS F 68 -33.67 -0.57 46.05
N PHE F 69 -32.65 -1.24 45.50
CA PHE F 69 -32.59 -2.69 45.46
C PHE F 69 -31.15 -3.13 45.62
N THR F 70 -30.97 -4.37 46.09
CA THR F 70 -29.62 -4.92 46.22
C THR F 70 -29.06 -5.31 44.86
N ASN F 71 -29.87 -5.97 44.04
CA ASN F 71 -29.46 -6.34 42.69
C ASN F 71 -30.65 -6.23 41.75
N VAL F 72 -30.35 -6.02 40.48
CA VAL F 72 -31.34 -6.03 39.42
C VAL F 72 -30.85 -6.99 38.34
N TYR F 73 -31.71 -7.89 37.91
CA TYR F 73 -31.33 -8.91 36.93
C TYR F 73 -32.08 -8.66 35.62
N ALA F 74 -31.34 -8.67 34.52
CA ALA F 74 -31.88 -8.42 33.18
C ALA F 74 -31.77 -9.72 32.39
N ASP F 75 -32.90 -10.39 32.23
CA ASP F 75 -32.99 -11.61 31.43
C ASP F 75 -33.54 -11.25 30.06
N SER F 76 -32.84 -11.64 29.01
CA SER F 76 -33.22 -11.28 27.65
C SER F 76 -33.20 -12.50 26.74
N PHE F 77 -34.20 -12.58 25.86
CA PHE F 77 -34.34 -13.70 24.94
C PHE F 77 -35.30 -13.31 23.81
N VAL F 78 -35.55 -14.26 22.92
CA VAL F 78 -36.44 -14.05 21.77
C VAL F 78 -37.45 -15.18 21.71
N ILE F 79 -38.71 -14.83 21.44
CA ILE F 79 -39.80 -15.78 21.23
C ILE F 79 -40.64 -15.28 20.07
N ARG F 80 -41.79 -15.90 19.83
CA ARG F 80 -42.70 -15.42 18.81
C ARG F 80 -43.93 -14.80 19.47
N GLY F 81 -44.74 -14.14 18.64
CA GLY F 81 -45.75 -13.23 19.17
C GLY F 81 -46.75 -13.90 20.09
N ASP F 82 -47.29 -15.04 19.66
CA ASP F 82 -48.33 -15.71 20.44
C ASP F 82 -47.80 -16.24 21.77
N GLU F 83 -46.49 -16.27 21.96
CA GLU F 83 -45.88 -16.70 23.22
C GLU F 83 -45.56 -15.54 24.15
N VAL F 84 -45.82 -14.30 23.75
CA VAL F 84 -45.54 -13.18 24.66
C VAL F 84 -46.41 -13.27 25.90
N ARG F 85 -47.69 -13.62 25.73
CA ARG F 85 -48.61 -13.71 26.87
C ARG F 85 -48.18 -14.74 27.90
N GLN F 86 -47.19 -15.57 27.60
CA GLN F 86 -46.70 -16.57 28.55
C GLN F 86 -45.58 -16.03 29.44
N ILE F 87 -44.99 -14.89 29.08
CA ILE F 87 -43.95 -14.27 29.91
C ILE F 87 -44.63 -13.46 31.00
N ALA F 88 -45.25 -14.17 31.95
CA ALA F 88 -45.98 -13.56 33.04
C ALA F 88 -46.20 -14.63 34.10
N PRO F 89 -46.31 -14.26 35.37
CA PRO F 89 -46.51 -15.28 36.40
C PRO F 89 -47.80 -16.05 36.20
N GLY F 90 -47.79 -17.32 36.58
CA GLY F 90 -48.97 -18.14 36.51
C GLY F 90 -49.44 -18.49 35.11
N GLN F 91 -48.52 -18.54 34.15
CA GLN F 91 -48.87 -18.88 32.78
C GLN F 91 -48.41 -20.29 32.45
N THR F 92 -49.09 -20.88 31.45
CA THR F 92 -48.70 -22.17 30.92
C THR F 92 -48.48 -22.06 29.41
N GLY F 93 -47.83 -23.09 28.87
CA GLY F 93 -47.41 -23.09 27.48
C GLY F 93 -46.04 -23.72 27.33
N LYS F 94 -45.59 -23.89 26.09
CA LYS F 94 -44.26 -24.47 25.87
C LYS F 94 -43.17 -23.60 26.48
N ILE F 95 -43.31 -22.27 26.36
CA ILE F 95 -42.26 -21.37 26.84
C ILE F 95 -42.30 -21.28 28.36
N ALA F 96 -43.49 -21.13 28.93
CA ALA F 96 -43.59 -20.95 30.38
C ALA F 96 -43.19 -22.21 31.13
N ASP F 97 -43.39 -23.38 30.52
CA ASP F 97 -43.13 -24.63 31.20
C ASP F 97 -41.75 -25.19 30.90
N TYR F 98 -41.21 -24.95 29.70
CA TYR F 98 -39.99 -25.60 29.26
C TYR F 98 -38.83 -24.65 28.97
N ASN F 99 -39.00 -23.34 29.13
CA ASN F 99 -37.94 -22.43 28.70
C ASN F 99 -37.66 -21.30 29.70
N TYR F 100 -38.68 -20.53 30.09
CA TYR F 100 -38.48 -19.41 31.00
C TYR F 100 -39.74 -19.24 31.85
N LYS F 101 -39.62 -19.48 33.16
CA LYS F 101 -40.76 -19.45 34.06
C LYS F 101 -40.57 -18.36 35.11
N LEU F 102 -41.57 -17.51 35.25
CA LEU F 102 -41.58 -16.51 36.32
C LEU F 102 -42.29 -17.07 37.55
N PRO F 103 -41.82 -16.73 38.74
CA PRO F 103 -42.48 -17.23 39.96
C PRO F 103 -43.85 -16.61 40.13
N ASP F 104 -44.66 -17.24 40.98
CA ASP F 104 -45.98 -16.69 41.26
C ASP F 104 -45.88 -15.36 42.00
N ASP F 105 -44.83 -15.16 42.78
CA ASP F 105 -44.60 -13.92 43.54
C ASP F 105 -43.62 -13.00 42.83
N PHE F 106 -43.71 -12.91 41.51
CA PHE F 106 -42.73 -12.16 40.74
C PHE F 106 -42.86 -10.66 41.02
N THR F 107 -41.73 -10.02 41.30
CA THR F 107 -41.66 -8.57 41.46
C THR F 107 -40.72 -8.05 40.37
N GLY F 108 -41.30 -7.54 39.30
CA GLY F 108 -40.49 -7.04 38.19
C GLY F 108 -41.37 -6.57 37.05
N CYS F 109 -40.74 -6.37 35.90
CA CYS F 109 -41.42 -5.89 34.70
C CYS F 109 -41.04 -6.77 33.52
N VAL F 110 -41.96 -6.89 32.58
CA VAL F 110 -41.74 -7.64 31.35
C VAL F 110 -41.88 -6.68 30.19
N ILE F 111 -40.82 -6.53 29.41
CA ILE F 111 -40.80 -5.61 28.28
C ILE F 111 -40.51 -6.41 27.01
N ALA F 112 -41.30 -6.16 25.97
CA ALA F 112 -41.17 -6.86 24.69
C ALA F 112 -41.44 -5.91 23.54
N TRP F 113 -40.88 -6.23 22.39
CA TRP F 113 -41.16 -5.47 21.17
C TRP F 113 -40.92 -6.38 19.96
N ASN F 114 -41.60 -6.06 18.87
CA ASN F 114 -41.49 -6.85 17.66
C ASN F 114 -40.14 -6.60 17.00
N SER F 115 -39.40 -7.67 16.72
CA SER F 115 -38.08 -7.57 16.11
C SER F 115 -38.06 -8.27 14.75
N ASN F 116 -39.16 -8.14 14.00
CA ASN F 116 -39.23 -8.77 12.69
C ASN F 116 -38.22 -8.18 11.72
N ASN F 117 -37.90 -6.90 11.87
CA ASN F 117 -36.93 -6.26 10.98
C ASN F 117 -35.50 -6.63 11.31
N LEU F 118 -35.27 -7.36 12.40
CA LEU F 118 -33.91 -7.73 12.79
C LEU F 118 -33.69 -9.23 12.83
N ASP F 119 -34.70 -10.02 13.20
CA ASP F 119 -34.51 -11.44 13.44
C ASP F 119 -35.22 -12.32 12.41
N SER F 120 -35.47 -11.79 11.21
CA SER F 120 -36.06 -12.57 10.13
C SER F 120 -35.13 -12.56 8.93
N LYS F 121 -35.04 -13.70 8.24
CA LYS F 121 -34.29 -13.83 7.01
C LYS F 121 -35.23 -14.28 5.90
N VAL F 122 -34.89 -13.92 4.66
CA VAL F 122 -35.76 -14.22 3.53
C VAL F 122 -35.96 -15.72 3.39
N GLY F 123 -34.95 -16.51 3.73
CA GLY F 123 -35.04 -17.95 3.74
C GLY F 123 -35.40 -18.56 5.08
N GLY F 124 -35.86 -17.76 6.04
CA GLY F 124 -36.17 -18.29 7.35
C GLY F 124 -34.99 -18.25 8.31
N ASN F 125 -35.14 -17.53 9.42
CA ASN F 125 -34.10 -17.46 10.44
C ASN F 125 -34.20 -18.68 11.35
N TYR F 126 -33.27 -19.62 11.19
CA TYR F 126 -33.26 -20.87 11.94
C TYR F 126 -32.20 -20.86 13.03
N ASN F 127 -31.86 -19.68 13.56
CA ASN F 127 -30.90 -19.59 14.65
C ASN F 127 -31.57 -19.53 16.01
N TYR F 128 -32.82 -19.08 16.09
CA TYR F 128 -33.52 -18.97 17.36
C TYR F 128 -34.27 -20.26 17.64
N LEU F 129 -34.02 -20.84 18.81
CA LEU F 129 -34.59 -22.14 19.18
C LEU F 129 -35.34 -22.03 20.50
N TYR F 130 -36.28 -22.96 20.69
CA TYR F 130 -36.95 -23.12 21.97
C TYR F 130 -37.08 -24.60 22.27
N ARG F 131 -37.16 -24.93 23.56
CA ARG F 131 -37.30 -26.31 23.98
C ARG F 131 -38.75 -26.75 23.78
N LEU F 132 -38.93 -27.88 23.12
CA LEU F 132 -40.26 -28.38 22.80
C LEU F 132 -40.68 -29.54 23.69
N PHE F 133 -39.74 -30.35 24.16
CA PHE F 133 -40.03 -31.49 25.00
C PHE F 133 -39.20 -31.43 26.28
N ARG F 134 -39.82 -31.84 27.38
CA ARG F 134 -39.14 -31.91 28.66
C ARG F 134 -39.96 -32.80 29.58
N LYS F 135 -39.28 -33.60 30.41
CA LYS F 135 -39.99 -34.54 31.27
C LYS F 135 -40.75 -33.84 32.40
N SER F 136 -40.33 -32.64 32.78
CA SER F 136 -41.00 -31.91 33.84
C SER F 136 -40.93 -30.42 33.53
N ASN F 137 -41.77 -29.65 34.20
CA ASN F 137 -41.80 -28.21 34.02
C ASN F 137 -40.64 -27.55 34.77
N LEU F 138 -40.19 -26.41 34.25
CA LEU F 138 -39.10 -25.69 34.88
C LEU F 138 -39.54 -25.04 36.18
N LYS F 139 -38.67 -25.07 37.18
CA LYS F 139 -38.85 -24.23 38.35
C LYS F 139 -38.63 -22.78 37.96
N PRO F 140 -39.07 -21.83 38.80
CA PRO F 140 -38.91 -20.42 38.46
C PRO F 140 -37.45 -20.04 38.26
N PHE F 141 -37.18 -19.31 37.17
CA PHE F 141 -35.85 -18.81 36.83
C PHE F 141 -34.84 -19.94 36.64
N GLU F 142 -35.31 -21.10 36.23
CA GLU F 142 -34.43 -22.22 35.93
C GLU F 142 -34.03 -22.17 34.47
N ARG F 143 -32.82 -22.66 34.18
CA ARG F 143 -32.25 -22.63 32.84
C ARG F 143 -31.87 -24.06 32.45
N ASP F 144 -32.40 -24.54 31.33
CA ASP F 144 -32.11 -25.87 30.83
C ASP F 144 -31.57 -25.74 29.41
N ILE F 145 -30.28 -26.01 29.22
CA ILE F 145 -29.65 -25.94 27.92
C ILE F 145 -29.16 -27.30 27.44
N SER F 146 -29.61 -28.38 28.08
CA SER F 146 -29.22 -29.72 27.65
C SER F 146 -29.88 -30.08 26.33
N THR F 147 -29.22 -30.95 25.58
CA THR F 147 -29.71 -31.42 24.29
C THR F 147 -29.84 -32.93 24.26
N GLU F 148 -30.25 -33.53 25.39
CA GLU F 148 -30.42 -34.97 25.45
C GLU F 148 -31.64 -35.40 24.63
N ILE F 149 -31.53 -36.55 23.97
CA ILE F 149 -32.64 -37.05 23.16
C ILE F 149 -33.82 -37.38 24.06
N TYR F 150 -34.99 -36.86 23.70
CA TYR F 150 -36.21 -37.04 24.49
C TYR F 150 -36.87 -38.37 24.14
N GLN F 151 -37.09 -39.20 25.16
CA GLN F 151 -37.72 -40.50 24.98
C GLN F 151 -39.23 -40.36 25.13
N ALA F 152 -39.95 -40.43 24.02
CA ALA F 152 -41.40 -40.29 24.03
C ALA F 152 -42.13 -41.62 24.13
N GLY F 153 -41.44 -42.75 24.04
CA GLY F 153 -42.10 -44.03 24.09
C GLY F 153 -41.52 -44.97 25.13
N SER F 154 -41.96 -46.23 25.10
CA SER F 154 -41.44 -47.21 26.06
C SER F 154 -40.03 -47.64 25.72
N THR F 155 -39.68 -47.64 24.44
CA THR F 155 -38.34 -48.06 24.04
C THR F 155 -37.33 -46.97 24.41
N PRO F 156 -36.26 -47.31 25.13
CA PRO F 156 -35.22 -46.31 25.41
C PRO F 156 -34.55 -45.87 24.12
N CYS F 157 -33.97 -44.67 24.15
CA CYS F 157 -33.39 -44.08 22.95
C CYS F 157 -31.88 -44.23 22.88
N ASN F 158 -31.21 -44.39 24.02
CA ASN F 158 -29.75 -44.54 24.07
C ASN F 158 -29.03 -43.36 23.40
N GLY F 159 -29.62 -42.18 23.47
CA GLY F 159 -28.98 -41.01 22.90
C GLY F 159 -29.03 -40.90 21.40
N VAL F 160 -29.84 -41.71 20.72
CA VAL F 160 -29.94 -41.69 19.28
C VAL F 160 -31.35 -41.23 18.91
N GLU F 161 -31.44 -40.13 18.18
CA GLU F 161 -32.75 -39.63 17.80
C GLU F 161 -33.32 -40.47 16.66
N GLY F 162 -34.66 -40.56 16.64
CA GLY F 162 -35.33 -41.38 15.64
C GLY F 162 -36.81 -41.46 15.94
N PHE F 163 -37.39 -42.61 15.62
CA PHE F 163 -38.80 -42.84 15.88
C PHE F 163 -39.04 -42.80 17.38
N ASN F 164 -39.96 -41.93 17.81
CA ASN F 164 -40.30 -41.71 19.21
C ASN F 164 -39.08 -41.29 20.04
N CYS F 165 -38.04 -40.78 19.39
CA CYS F 165 -36.83 -40.30 20.07
C CYS F 165 -36.48 -38.93 19.52
N TYR F 166 -36.85 -37.88 20.26
CA TYR F 166 -36.87 -36.52 19.73
C TYR F 166 -35.67 -35.70 20.19
N PHE F 167 -35.11 -34.93 19.28
CA PHE F 167 -34.23 -33.85 19.69
C PHE F 167 -35.08 -32.77 20.36
N PRO F 168 -34.75 -32.35 21.58
CA PRO F 168 -35.70 -31.54 22.36
C PRO F 168 -35.89 -30.11 21.87
N LEU F 169 -35.01 -29.58 21.03
CA LEU F 169 -35.09 -28.18 20.62
C LEU F 169 -35.74 -28.05 19.25
N GLN F 170 -36.59 -27.04 19.11
CA GLN F 170 -37.24 -26.72 17.85
C GLN F 170 -36.81 -25.33 17.39
N SER F 171 -36.71 -25.18 16.07
CA SER F 171 -36.33 -23.91 15.49
C SER F 171 -37.57 -23.10 15.14
N TYR F 172 -37.54 -21.81 15.46
CA TYR F 172 -38.57 -20.91 14.99
C TYR F 172 -38.43 -20.71 13.48
N GLY F 173 -39.54 -20.37 12.83
CA GLY F 173 -39.50 -20.12 11.41
C GLY F 173 -38.83 -18.79 11.13
N PHE F 174 -39.50 -17.71 11.52
CA PHE F 174 -38.99 -16.35 11.42
C PHE F 174 -38.64 -15.99 9.97
N GLN F 175 -39.70 -15.76 9.20
CA GLN F 175 -39.64 -15.18 7.88
C GLN F 175 -40.40 -13.87 7.89
N PRO F 176 -39.98 -12.88 7.09
CA PRO F 176 -40.65 -11.57 7.13
C PRO F 176 -42.13 -11.64 6.80
N THR F 177 -42.53 -12.66 6.04
CA THR F 177 -43.92 -12.82 5.61
C THR F 177 -44.78 -13.56 6.63
N ASN F 178 -44.23 -13.95 7.77
CA ASN F 178 -45.02 -14.65 8.78
C ASN F 178 -46.08 -13.75 9.39
N GLY F 179 -47.18 -14.35 9.81
CA GLY F 179 -48.17 -13.63 10.57
C GLY F 179 -47.62 -13.15 11.89
N VAL F 180 -48.27 -12.12 12.45
CA VAL F 180 -47.74 -11.44 13.64
C VAL F 180 -47.49 -12.43 14.76
N GLY F 181 -48.39 -13.40 14.93
CA GLY F 181 -48.23 -14.38 15.98
C GLY F 181 -46.95 -15.20 15.88
N TYR F 182 -46.33 -15.23 14.71
CA TYR F 182 -45.12 -16.02 14.49
C TYR F 182 -43.90 -15.17 14.17
N GLN F 183 -44.03 -13.85 14.21
CA GLN F 183 -42.87 -12.99 14.06
C GLN F 183 -42.04 -13.01 15.33
N PRO F 184 -40.76 -12.69 15.25
CA PRO F 184 -39.93 -12.66 16.45
C PRO F 184 -40.19 -11.45 17.32
N TYR F 185 -40.06 -11.66 18.63
CA TYR F 185 -40.17 -10.61 19.62
C TYR F 185 -39.01 -10.72 20.59
N ARG F 186 -38.31 -9.62 20.84
CA ARG F 186 -37.27 -9.58 21.86
C ARG F 186 -37.88 -9.19 23.18
N VAL F 187 -37.51 -9.93 24.23
CA VAL F 187 -38.09 -9.77 25.57
C VAL F 187 -36.98 -9.47 26.54
N VAL F 188 -37.24 -8.55 27.47
CA VAL F 188 -36.35 -8.27 28.60
C VAL F 188 -37.18 -8.35 29.87
N VAL F 189 -36.71 -9.11 30.85
CA VAL F 189 -37.41 -9.30 32.10
C VAL F 189 -36.51 -8.78 33.21
N LEU F 190 -36.87 -7.63 33.76
CA LEU F 190 -36.13 -7.03 34.87
C LEU F 190 -36.75 -7.51 36.18
N SER F 191 -35.96 -8.21 36.99
CA SER F 191 -36.37 -8.63 38.31
C SER F 191 -35.53 -7.88 39.34
N PHE F 192 -36.20 -7.36 40.38
CA PHE F 192 -35.57 -6.58 41.42
C PHE F 192 -35.59 -7.37 42.73
N GLU F 193 -34.42 -7.55 43.33
CA GLU F 193 -34.33 -8.25 44.60
C GLU F 193 -33.88 -7.30 45.69
N LEU F 194 -34.40 -7.53 46.90
CA LEU F 194 -34.14 -6.69 48.06
C LEU F 194 -33.78 -7.63 49.21
N LEU F 195 -32.51 -8.04 49.26
CA LEU F 195 -32.01 -8.92 50.30
C LEU F 195 -31.56 -8.11 51.52
N HIS F 196 -31.33 -8.81 52.62
CA HIS F 196 -30.80 -8.18 53.82
C HIS F 196 -29.33 -7.84 53.65
N ALA F 197 -29.06 -6.91 52.73
CA ALA F 197 -27.70 -6.54 52.34
C ALA F 197 -27.75 -5.11 51.83
N PRO F 198 -26.59 -4.43 51.76
CA PRO F 198 -26.58 -3.05 51.26
C PRO F 198 -27.14 -2.95 49.84
N ALA F 199 -27.97 -1.94 49.62
CA ALA F 199 -28.60 -1.71 48.33
C ALA F 199 -27.64 -0.96 47.41
N THR F 200 -27.29 -1.57 46.28
CA THR F 200 -26.33 -0.99 45.36
C THR F 200 -26.98 -0.33 44.14
N VAL F 201 -28.23 -0.64 43.84
CA VAL F 201 -28.92 -0.11 42.68
C VAL F 201 -30.09 0.72 43.17
N CYS F 202 -29.99 2.04 43.03
CA CYS F 202 -31.05 2.96 43.37
C CYS F 202 -31.41 3.77 42.14
N GLY F 203 -32.38 4.67 42.30
CA GLY F 203 -32.85 5.50 41.21
C GLY F 203 -32.28 6.91 41.27
N LYS F 204 -32.94 7.80 40.55
CA LYS F 204 -32.49 9.19 40.47
C LYS F 204 -32.63 9.89 41.83
N LYS F 205 -31.83 10.95 42.00
CA LYS F 205 -31.81 11.70 43.27
C LYS F 205 -33.16 12.30 43.62
N GLU G 14 -34.18 -31.55 -11.77
CA GLU G 14 -33.88 -32.97 -11.66
C GLU G 14 -33.33 -33.31 -10.29
N VAL G 15 -34.00 -34.23 -9.58
CA VAL G 15 -33.59 -34.55 -8.21
C VAL G 15 -32.40 -35.51 -8.26
N GLN G 16 -31.28 -35.07 -7.70
CA GLN G 16 -30.04 -35.82 -7.82
C GLN G 16 -29.04 -35.38 -6.76
N LEU G 17 -28.04 -36.22 -6.56
CA LEU G 17 -26.91 -35.94 -5.68
C LEU G 17 -25.65 -36.30 -6.44
N VAL G 18 -24.73 -35.34 -6.55
CA VAL G 18 -23.49 -35.52 -7.30
C VAL G 18 -22.33 -35.49 -6.32
N GLU G 19 -21.56 -36.57 -6.28
CA GLU G 19 -20.44 -36.70 -5.38
C GLU G 19 -19.14 -36.31 -6.06
N SER G 20 -18.14 -35.99 -5.26
CA SER G 20 -16.82 -35.62 -5.75
C SER G 20 -15.84 -35.67 -4.58
N GLY G 21 -14.57 -35.79 -4.91
CA GLY G 21 -13.50 -35.79 -3.92
C GLY G 21 -12.78 -37.10 -3.74
N GLY G 22 -13.20 -38.18 -4.40
CA GLY G 22 -12.52 -39.44 -4.26
C GLY G 22 -11.15 -39.41 -4.91
N GLY G 23 -10.24 -40.23 -4.39
CA GLY G 23 -8.91 -40.30 -4.96
C GLY G 23 -8.05 -41.28 -4.21
N LEU G 24 -6.75 -41.24 -4.53
CA LEU G 24 -5.75 -42.10 -3.91
C LEU G 24 -5.06 -41.34 -2.79
N VAL G 25 -4.97 -41.98 -1.63
CA VAL G 25 -4.44 -41.36 -0.42
C VAL G 25 -3.51 -42.34 0.28
N LYS G 26 -2.48 -41.80 0.97
CA LYS G 26 -1.61 -42.65 1.77
C LYS G 26 -2.18 -42.81 3.17
N PRO G 27 -1.89 -43.92 3.85
CA PRO G 27 -2.42 -44.12 5.19
C PRO G 27 -2.02 -42.98 6.13
N GLY G 28 -2.99 -42.50 6.89
CA GLY G 28 -2.79 -41.39 7.79
C GLY G 28 -3.15 -40.03 7.24
N GLU G 29 -3.21 -39.88 5.92
CA GLU G 29 -3.51 -38.59 5.31
C GLU G 29 -4.99 -38.29 5.42
N SER G 30 -5.40 -37.16 4.85
CA SER G 30 -6.76 -36.68 4.92
CA SER G 30 -6.76 -36.68 4.92
C SER G 30 -7.33 -36.48 3.52
N LEU G 31 -8.65 -36.58 3.43
CA LEU G 31 -9.37 -36.41 2.18
C LEU G 31 -10.81 -36.03 2.52
N ARG G 32 -11.40 -35.15 1.71
CA ARG G 32 -12.71 -34.60 2.00
C ARG G 32 -13.64 -34.83 0.81
N LEU G 33 -14.79 -35.45 1.07
CA LEU G 33 -15.74 -35.76 0.03
C LEU G 33 -16.87 -34.73 0.01
N SER G 34 -17.44 -34.52 -1.18
CA SER G 34 -18.50 -33.55 -1.37
C SER G 34 -19.69 -34.20 -2.06
N CYS G 35 -20.88 -33.71 -1.72
CA CYS G 35 -22.14 -34.22 -2.26
C CYS G 35 -23.00 -33.00 -2.56
N ALA G 36 -23.29 -32.74 -3.84
CA ALA G 36 -24.04 -31.58 -4.26
C ALA G 36 -25.50 -31.96 -4.52
N ALA G 37 -26.43 -31.23 -3.91
CA ALA G 37 -27.84 -31.58 -3.95
C ALA G 37 -28.59 -30.71 -4.95
N SER G 38 -29.51 -31.32 -5.69
CA SER G 38 -30.26 -30.65 -6.73
C SER G 38 -31.68 -31.18 -6.76
N GLY G 39 -32.64 -30.32 -7.04
CA GLY G 39 -34.00 -30.75 -7.25
C GLY G 39 -34.84 -30.97 -6.01
N PHE G 40 -34.35 -30.60 -4.83
CA PHE G 40 -35.13 -30.73 -3.62
C PHE G 40 -34.59 -29.77 -2.57
N THR G 41 -35.45 -29.43 -1.62
CA THR G 41 -35.04 -28.59 -0.49
C THR G 41 -34.07 -29.38 0.38
N PHE G 42 -32.78 -29.15 0.16
CA PHE G 42 -31.74 -29.92 0.85
C PHE G 42 -31.78 -29.71 2.35
N SER G 43 -32.18 -28.51 2.80
CA SER G 43 -32.18 -28.23 4.23
C SER G 43 -33.29 -28.93 4.99
N ASP G 44 -34.26 -29.53 4.28
CA ASP G 44 -35.37 -30.24 4.91
C ASP G 44 -35.05 -31.70 5.21
N TYR G 45 -33.97 -32.23 4.64
CA TYR G 45 -33.64 -33.64 4.77
C TYR G 45 -32.45 -33.83 5.68
N TYR G 46 -32.39 -35.00 6.31
CA TYR G 46 -31.16 -35.45 6.95
C TYR G 46 -30.37 -36.27 5.94
N MET G 47 -29.06 -36.16 6.03
CA MET G 47 -28.18 -36.82 5.07
C MET G 47 -27.35 -37.90 5.76
N THR G 48 -26.89 -38.85 4.96
CA THR G 48 -26.10 -39.96 5.46
C THR G 48 -24.99 -40.25 4.48
N TRP G 49 -23.91 -40.82 4.98
CA TRP G 49 -22.83 -41.37 4.18
C TRP G 49 -22.82 -42.88 4.32
N ILE G 50 -22.70 -43.57 3.20
CA ILE G 50 -22.71 -45.03 3.15
C ILE G 50 -21.57 -45.48 2.25
N ARG G 51 -20.76 -46.41 2.72
CA ARG G 51 -19.62 -46.92 1.95
C ARG G 51 -19.76 -48.41 1.74
N GLN G 52 -18.94 -48.93 0.83
CA GLN G 52 -18.96 -50.35 0.49
C GLN G 52 -17.53 -50.76 0.11
N ALA G 53 -16.88 -51.52 0.97
CA ALA G 53 -15.54 -52.01 0.66
C ALA G 53 -15.59 -53.00 -0.51
N PRO G 54 -14.50 -53.14 -1.25
CA PRO G 54 -14.52 -54.06 -2.40
C PRO G 54 -14.87 -55.47 -1.98
N GLY G 55 -15.83 -56.06 -2.68
CA GLY G 55 -16.27 -57.41 -2.38
C GLY G 55 -16.99 -57.58 -1.06
N LYS G 56 -17.43 -56.51 -0.44
CA LYS G 56 -18.11 -56.54 0.85
C LYS G 56 -19.50 -55.95 0.72
N GLY G 57 -20.23 -55.94 1.83
CA GLY G 57 -21.58 -55.43 1.85
C GLY G 57 -21.63 -53.94 2.11
N LEU G 58 -22.86 -53.43 2.20
CA LEU G 58 -23.08 -52.03 2.46
C LEU G 58 -22.87 -51.73 3.93
N GLU G 59 -22.22 -50.61 4.22
CA GLU G 59 -21.95 -50.19 5.60
C GLU G 59 -22.38 -48.73 5.77
N TRP G 60 -23.26 -48.50 6.75
CA TRP G 60 -23.64 -47.15 7.13
C TRP G 60 -22.48 -46.46 7.85
N VAL G 61 -22.19 -45.23 7.46
CA VAL G 61 -21.03 -44.49 7.98
C VAL G 61 -21.47 -43.38 8.94
N SER G 62 -22.28 -42.43 8.47
CA SER G 62 -22.59 -41.26 9.28
C SER G 62 -23.99 -40.75 8.97
N TYR G 63 -24.45 -39.84 9.84
CA TYR G 63 -25.77 -39.23 9.73
C TYR G 63 -25.67 -37.80 10.25
N ILE G 64 -26.29 -36.87 9.54
CA ILE G 64 -26.36 -35.48 9.99
C ILE G 64 -27.81 -35.01 9.94
N ARG G 65 -28.18 -34.23 10.93
CA ARG G 65 -29.53 -33.70 11.12
C ARG G 65 -29.86 -32.68 10.01
N SER G 66 -31.11 -32.21 10.01
CA SER G 66 -31.54 -31.21 9.05
C SER G 66 -30.62 -30.01 9.02
N SER G 67 -30.21 -29.55 10.21
CA SER G 67 -29.27 -28.44 10.32
C SER G 67 -28.08 -28.79 11.20
N GLY G 68 -27.87 -30.07 11.47
CA GLY G 68 -26.66 -30.51 12.11
C GLY G 68 -26.65 -30.51 13.62
N HIS G 69 -27.82 -30.43 14.26
CA HIS G 69 -27.82 -30.45 15.72
C HIS G 69 -27.67 -31.85 16.28
N THR G 70 -27.89 -32.88 15.46
CA THR G 70 -27.54 -34.25 15.83
C THR G 70 -26.66 -34.83 14.73
N ILE G 71 -25.65 -35.60 15.15
CA ILE G 71 -24.70 -36.23 14.24
C ILE G 71 -24.36 -37.61 14.81
N TYR G 72 -24.23 -38.60 13.94
CA TYR G 72 -23.92 -39.96 14.39
C TYR G 72 -22.93 -40.60 13.43
N TYR G 73 -22.04 -41.43 13.99
CA TYR G 73 -21.01 -42.12 13.21
C TYR G 73 -20.97 -43.59 13.59
N ALA G 74 -20.67 -44.43 12.61
CA ALA G 74 -20.36 -45.82 12.91
C ALA G 74 -19.07 -45.88 13.73
N ASP G 75 -19.00 -46.89 14.60
CA ASP G 75 -17.84 -47.01 15.49
C ASP G 75 -16.53 -47.16 14.72
N SER G 76 -16.58 -47.73 13.51
CA SER G 76 -15.36 -47.93 12.74
C SER G 76 -14.74 -46.62 12.25
N VAL G 77 -15.48 -45.51 12.29
CA VAL G 77 -14.99 -44.23 11.78
C VAL G 77 -15.10 -43.11 12.81
N LYS G 78 -15.61 -43.40 14.01
CA LYS G 78 -15.72 -42.37 15.04
C LYS G 78 -14.34 -41.82 15.41
N GLY G 79 -14.27 -40.51 15.59
CA GLY G 79 -13.05 -39.83 15.94
C GLY G 79 -12.16 -39.48 14.77
N ARG G 80 -12.33 -40.15 13.63
CA ARG G 80 -11.54 -39.88 12.43
C ARG G 80 -12.33 -39.23 11.31
N PHE G 81 -13.63 -39.51 11.22
CA PHE G 81 -14.48 -38.94 10.18
C PHE G 81 -15.36 -37.85 10.78
N THR G 82 -15.65 -36.83 9.97
CA THR G 82 -16.50 -35.73 10.40
C THR G 82 -17.46 -35.38 9.28
N ILE G 83 -18.76 -35.41 9.58
CA ILE G 83 -19.80 -35.05 8.63
C ILE G 83 -20.22 -33.62 8.90
N SER G 84 -20.56 -32.89 7.83
CA SER G 84 -21.00 -31.52 7.93
C SER G 84 -21.81 -31.16 6.69
N ARG G 85 -22.58 -30.09 6.79
CA ARG G 85 -23.36 -29.63 5.65
C ARG G 85 -23.35 -28.11 5.59
N ASP G 86 -23.55 -27.60 4.38
CA ASP G 86 -23.68 -26.17 4.12
C ASP G 86 -25.02 -25.98 3.40
N ASN G 87 -26.08 -25.74 4.17
CA ASN G 87 -27.39 -25.62 3.56
C ASN G 87 -27.45 -24.49 2.55
N ALA G 88 -26.64 -23.45 2.73
CA ALA G 88 -26.59 -22.37 1.74
C ALA G 88 -25.98 -22.87 0.43
N LYS G 89 -24.90 -23.63 0.50
CA LYS G 89 -24.27 -24.21 -0.68
C LYS G 89 -24.96 -25.47 -1.18
N ASN G 90 -26.02 -25.93 -0.49
CA ASN G 90 -26.75 -27.15 -0.86
C ASN G 90 -25.80 -28.35 -0.96
N SER G 91 -24.89 -28.47 0.00
CA SER G 91 -23.81 -29.43 -0.08
C SER G 91 -23.65 -30.21 1.22
N LEU G 92 -23.17 -31.44 1.07
CA LEU G 92 -22.84 -32.33 2.19
C LEU G 92 -21.37 -32.71 2.08
N TYR G 93 -20.70 -32.79 3.22
CA TYR G 93 -19.28 -33.08 3.25
C TYR G 93 -18.97 -34.22 4.20
N LEU G 94 -17.90 -34.95 3.90
CA LEU G 94 -17.35 -35.95 4.82
C LEU G 94 -15.84 -35.74 4.89
N GLN G 95 -15.38 -35.18 6.00
CA GLN G 95 -13.95 -34.98 6.23
C GLN G 95 -13.37 -36.26 6.82
N MET G 96 -12.46 -36.89 6.10
CA MET G 96 -11.86 -38.16 6.50
C MET G 96 -10.40 -37.89 6.87
N ASN G 97 -10.10 -37.95 8.15
CA ASN G 97 -8.73 -37.83 8.63
C ASN G 97 -8.25 -39.17 9.16
N SER G 98 -6.92 -39.31 9.25
CA SER G 98 -6.30 -40.53 9.75
C SER G 98 -6.83 -41.76 9.02
N LEU G 99 -6.87 -41.65 7.69
CA LEU G 99 -7.40 -42.73 6.86
C LEU G 99 -6.57 -44.00 7.03
N ARG G 100 -7.24 -45.13 6.91
CA ARG G 100 -6.63 -46.45 7.02
C ARG G 100 -6.91 -47.24 5.75
N VAL G 101 -6.17 -48.33 5.58
CA VAL G 101 -6.31 -49.13 4.35
C VAL G 101 -7.72 -49.68 4.22
N GLU G 102 -8.30 -50.15 5.33
CA GLU G 102 -9.66 -50.69 5.29
C GLU G 102 -10.71 -49.64 4.99
N ASP G 103 -10.37 -48.35 5.08
CA ASP G 103 -11.32 -47.32 4.65
C ASP G 103 -11.47 -47.26 3.15
N THR G 104 -10.69 -48.04 2.40
CA THR G 104 -10.82 -48.09 0.95
C THR G 104 -12.19 -48.68 0.59
N ALA G 105 -12.97 -47.90 -0.14
CA ALA G 105 -14.34 -48.26 -0.46
C ALA G 105 -14.89 -47.26 -1.48
N VAL G 106 -16.03 -47.60 -2.05
CA VAL G 106 -16.85 -46.65 -2.77
C VAL G 106 -17.76 -45.98 -1.77
N TYR G 107 -17.75 -44.66 -1.73
CA TYR G 107 -18.54 -43.90 -0.78
C TYR G 107 -19.75 -43.31 -1.49
N TYR G 108 -20.91 -43.48 -0.86
CA TYR G 108 -22.17 -42.93 -1.37
C TYR G 108 -22.73 -41.95 -0.35
N CYS G 109 -23.32 -40.87 -0.85
CA CYS G 109 -24.20 -40.06 -0.02
C CYS G 109 -25.64 -40.44 -0.34
N ALA G 110 -26.49 -40.43 0.68
CA ALA G 110 -27.88 -40.83 0.52
C ALA G 110 -28.75 -39.82 1.24
N ARG G 111 -29.83 -39.41 0.56
CA ARG G 111 -30.78 -38.49 1.13
C ARG G 111 -31.74 -39.24 2.05
N GLY G 112 -31.88 -38.76 3.28
CA GLY G 112 -32.77 -39.41 4.23
C GLY G 112 -34.21 -39.00 4.05
N GLY G 113 -34.84 -38.52 5.12
CA GLY G 113 -36.22 -38.09 5.06
C GLY G 113 -36.41 -36.72 5.70
N VAL G 114 -37.65 -36.27 5.68
CA VAL G 114 -38.02 -34.95 6.17
C VAL G 114 -38.57 -35.09 7.59
N LEU G 115 -37.78 -34.65 8.56
CA LEU G 115 -38.24 -34.62 9.95
C LEU G 115 -39.39 -33.64 10.10
N ARG G 116 -40.55 -34.15 10.50
CA ARG G 116 -41.69 -33.29 10.81
C ARG G 116 -42.07 -33.48 12.28
N PHE G 117 -43.06 -32.72 12.71
CA PHE G 117 -43.49 -32.75 14.10
C PHE G 117 -44.13 -34.10 14.41
N LEU G 118 -43.55 -34.84 15.35
CA LEU G 118 -44.08 -36.14 15.77
C LEU G 118 -44.13 -37.11 14.59
N GLU G 119 -43.08 -37.13 13.79
CA GLU G 119 -43.05 -38.00 12.61
C GLU G 119 -41.60 -38.29 12.24
N TRP G 120 -41.19 -39.54 12.38
CA TRP G 120 -39.97 -40.02 11.75
C TRP G 120 -40.32 -40.45 10.34
N PRO G 121 -39.69 -39.89 9.31
CA PRO G 121 -40.23 -40.05 7.95
C PRO G 121 -40.07 -41.47 7.43
N LEU G 122 -41.16 -42.01 6.87
CA LEU G 122 -41.11 -43.30 6.21
C LEU G 122 -40.52 -43.20 4.81
N ASN G 123 -40.62 -42.03 4.19
CA ASN G 123 -40.02 -41.78 2.89
C ASN G 123 -38.58 -41.36 3.10
N ALA G 124 -37.65 -42.27 2.86
CA ALA G 124 -36.24 -41.98 3.06
C ALA G 124 -35.39 -42.86 2.14
N PHE G 125 -34.13 -42.45 2.00
CA PHE G 125 -33.08 -43.23 1.33
C PHE G 125 -33.45 -43.60 -0.11
N ASP G 126 -34.26 -42.78 -0.77
CA ASP G 126 -34.69 -43.05 -2.13
C ASP G 126 -33.82 -42.38 -3.17
N ILE G 127 -32.82 -41.60 -2.77
CA ILE G 127 -31.93 -40.94 -3.73
C ILE G 127 -30.51 -41.00 -3.18
N TRP G 128 -29.61 -41.59 -3.96
CA TRP G 128 -28.22 -41.76 -3.58
C TRP G 128 -27.33 -41.03 -4.57
N GLY G 129 -26.09 -40.82 -4.17
CA GLY G 129 -25.10 -40.32 -5.09
C GLY G 129 -24.68 -41.40 -6.06
N GLN G 130 -23.85 -40.99 -7.03
CA GLN G 130 -23.34 -41.97 -7.98
C GLN G 130 -22.21 -42.80 -7.40
N GLY G 131 -21.69 -42.41 -6.24
CA GLY G 131 -20.55 -43.06 -5.64
C GLY G 131 -19.25 -42.45 -6.10
N THR G 132 -18.25 -42.48 -5.21
CA THR G 132 -16.91 -42.05 -5.52
C THR G 132 -15.94 -42.97 -4.80
N MET G 133 -14.84 -43.31 -5.45
CA MET G 133 -13.92 -44.32 -4.93
C MET G 133 -12.81 -43.65 -4.13
N VAL G 134 -12.58 -44.17 -2.93
CA VAL G 134 -11.49 -43.73 -2.06
C VAL G 134 -10.57 -44.91 -1.84
N THR G 135 -9.30 -44.77 -2.19
CA THR G 135 -8.31 -45.82 -2.04
C THR G 135 -7.19 -45.32 -1.14
N VAL G 136 -6.99 -46.01 -0.02
CA VAL G 136 -5.94 -45.66 0.93
C VAL G 136 -4.86 -46.72 0.80
N SER G 137 -3.71 -46.32 0.27
CA SER G 137 -2.63 -47.25 0.03
C SER G 137 -1.31 -46.49 -0.07
N SER G 138 -0.22 -47.21 0.15
CA SER G 138 1.11 -46.64 -0.01
C SER G 138 1.60 -46.65 -1.45
N ALA G 139 0.93 -47.39 -2.34
CA ALA G 139 1.36 -47.51 -3.71
C ALA G 139 1.02 -46.25 -4.51
N SER G 140 1.71 -46.08 -5.63
CA SER G 140 1.57 -44.91 -6.48
C SER G 140 0.73 -45.25 -7.70
N THR G 141 0.14 -44.22 -8.29
CA THR G 141 -0.69 -44.39 -9.47
C THR G 141 0.15 -44.88 -10.65
N LYS G 142 -0.49 -45.67 -11.51
CA LYS G 142 0.15 -46.07 -12.76
C LYS G 142 -0.92 -46.35 -13.81
N GLY G 143 -0.74 -45.77 -15.00
CA GLY G 143 -1.65 -45.99 -16.10
C GLY G 143 -1.45 -47.37 -16.71
N PRO G 144 -2.51 -47.90 -17.32
CA PRO G 144 -2.43 -49.24 -17.90
C PRO G 144 -1.88 -49.22 -19.32
N SER G 145 -1.38 -50.38 -19.73
CA SER G 145 -1.08 -50.67 -21.12
C SER G 145 -2.24 -51.48 -21.70
N VAL G 146 -2.64 -51.14 -22.92
CA VAL G 146 -3.78 -51.77 -23.56
C VAL G 146 -3.27 -52.54 -24.77
N PHE G 147 -3.39 -53.87 -24.71
CA PHE G 147 -2.96 -54.74 -25.78
C PHE G 147 -4.15 -55.44 -26.39
N PRO G 148 -4.18 -55.62 -27.71
CA PRO G 148 -5.33 -56.27 -28.35
C PRO G 148 -5.30 -57.78 -28.17
N LEU G 149 -6.49 -58.36 -28.12
CA LEU G 149 -6.70 -59.80 -28.21
C LEU G 149 -7.30 -60.04 -29.59
N ALA G 150 -6.43 -60.24 -30.58
CA ALA G 150 -6.87 -60.27 -31.97
C ALA G 150 -7.70 -61.54 -32.23
N PRO G 151 -8.74 -61.44 -33.06
CA PRO G 151 -9.58 -62.61 -33.32
C PRO G 151 -8.79 -63.71 -34.02
N SER G 152 -9.29 -64.93 -33.89
CA SER G 152 -8.59 -66.10 -34.42
C SER G 152 -8.50 -66.03 -35.94
N SER G 153 -7.33 -66.40 -36.46
CA SER G 153 -7.16 -66.50 -37.91
C SER G 153 -7.93 -67.68 -38.47
N LYS G 154 -8.12 -68.73 -37.68
CA LYS G 154 -8.88 -69.90 -38.13
C LYS G 154 -10.37 -69.59 -38.18
N SER G 155 -10.96 -69.30 -37.02
CA SER G 155 -12.38 -69.00 -36.86
C SER G 155 -13.22 -70.09 -37.56
N THR G 156 -14.38 -69.70 -38.08
CA THR G 156 -15.28 -70.59 -38.83
C THR G 156 -16.01 -69.74 -39.86
N SER G 157 -16.52 -70.41 -40.89
CA SER G 157 -17.32 -69.72 -41.90
C SER G 157 -18.74 -69.46 -41.42
N GLY G 158 -19.21 -70.18 -40.41
CA GLY G 158 -20.55 -69.94 -39.89
C GLY G 158 -20.66 -68.66 -39.09
N GLY G 159 -19.68 -68.39 -38.24
CA GLY G 159 -19.65 -67.15 -37.49
C GLY G 159 -19.20 -67.38 -36.06
N THR G 160 -19.51 -66.40 -35.23
CA THR G 160 -19.18 -66.39 -33.80
C THR G 160 -17.68 -66.52 -33.55
N ALA G 161 -16.95 -65.41 -33.66
CA ALA G 161 -15.55 -65.32 -33.28
C ALA G 161 -15.42 -64.44 -32.05
N ALA G 162 -14.20 -64.35 -31.52
CA ALA G 162 -13.98 -63.61 -30.29
C ALA G 162 -12.77 -62.72 -30.41
N LEU G 163 -12.89 -61.50 -29.89
CA LEU G 163 -11.81 -60.52 -29.83
C LEU G 163 -11.93 -59.77 -28.51
N GLY G 164 -10.89 -59.02 -28.17
CA GLY G 164 -10.93 -58.30 -26.92
C GLY G 164 -9.71 -57.42 -26.71
N CYS G 165 -9.61 -56.90 -25.49
CA CYS G 165 -8.52 -56.02 -25.08
C CYS G 165 -7.97 -56.48 -23.73
N LEU G 166 -6.66 -56.43 -23.59
CA LEU G 166 -5.99 -56.70 -22.33
C LEU G 166 -5.53 -55.37 -21.72
N VAL G 167 -6.06 -55.05 -20.55
CA VAL G 167 -5.71 -53.83 -19.82
C VAL G 167 -4.81 -54.25 -18.68
N LYS G 168 -3.50 -54.09 -18.85
CA LYS G 168 -2.52 -54.70 -17.98
C LYS G 168 -1.74 -53.65 -17.20
N ASP G 169 -1.47 -53.95 -15.92
CA ASP G 169 -0.53 -53.21 -15.09
C ASP G 169 -0.97 -51.78 -14.81
N TYR G 170 -2.04 -51.61 -14.04
CA TYR G 170 -2.51 -50.29 -13.63
C TYR G 170 -2.80 -50.27 -12.14
N PHE G 171 -2.88 -49.06 -11.59
CA PHE G 171 -3.20 -48.84 -10.20
C PHE G 171 -3.55 -47.38 -9.97
N PRO G 172 -4.56 -47.07 -9.15
CA PRO G 172 -5.44 -48.03 -8.49
C PRO G 172 -6.69 -48.35 -9.30
N GLU G 173 -7.62 -49.06 -8.69
CA GLU G 173 -8.92 -49.26 -9.31
C GLU G 173 -9.69 -47.94 -9.38
N PRO G 174 -10.64 -47.82 -10.32
CA PRO G 174 -10.98 -48.78 -11.37
C PRO G 174 -10.62 -48.31 -12.78
N VAL G 175 -10.68 -49.22 -13.76
CA VAL G 175 -10.65 -48.87 -15.17
C VAL G 175 -12.03 -49.16 -15.75
N THR G 176 -12.40 -48.41 -16.77
CA THR G 176 -13.65 -48.61 -17.49
C THR G 176 -13.35 -48.94 -18.94
N VAL G 177 -14.03 -49.95 -19.47
CA VAL G 177 -13.84 -50.39 -20.85
C VAL G 177 -15.17 -50.33 -21.56
N SER G 178 -15.20 -49.66 -22.70
CA SER G 178 -16.36 -49.65 -23.59
C SER G 178 -15.90 -50.01 -24.98
N TRP G 179 -16.85 -50.44 -25.81
CA TRP G 179 -16.54 -50.89 -27.17
C TRP G 179 -17.28 -50.02 -28.18
N ASN G 180 -16.55 -49.60 -29.21
CA ASN G 180 -17.10 -48.80 -30.31
C ASN G 180 -17.87 -47.60 -29.78
N SER G 181 -17.31 -46.93 -28.76
CA SER G 181 -17.89 -45.72 -28.19
C SER G 181 -19.32 -45.95 -27.71
N GLY G 182 -19.56 -47.14 -27.15
CA GLY G 182 -20.88 -47.48 -26.65
C GLY G 182 -21.81 -48.10 -27.66
N ALA G 183 -21.42 -48.15 -28.95
CA ALA G 183 -22.26 -48.73 -29.98
C ALA G 183 -22.15 -50.24 -30.06
N LEU G 184 -21.24 -50.85 -29.30
CA LEU G 184 -21.13 -52.31 -29.19
C LEU G 184 -21.26 -52.68 -27.72
N THR G 185 -22.43 -53.17 -27.34
CA THR G 185 -22.68 -53.63 -25.99
C THR G 185 -23.11 -55.09 -25.93
N SER G 186 -23.81 -55.58 -26.95
CA SER G 186 -24.28 -56.95 -26.95
C SER G 186 -23.11 -57.91 -27.07
N GLY G 187 -23.03 -58.85 -26.13
CA GLY G 187 -21.99 -59.87 -26.17
C GLY G 187 -20.67 -59.45 -25.59
N VAL G 188 -20.62 -58.39 -24.84
CA VAL G 188 -19.38 -57.92 -24.21
C VAL G 188 -19.27 -58.56 -22.84
N HIS G 189 -18.05 -58.92 -22.46
CA HIS G 189 -17.76 -59.38 -21.11
C HIS G 189 -16.47 -58.70 -20.66
N THR G 190 -16.59 -57.76 -19.72
CA THR G 190 -15.44 -57.12 -19.10
C THR G 190 -15.21 -57.80 -17.76
N PHE G 191 -14.10 -58.50 -17.64
CA PHE G 191 -13.89 -59.35 -16.48
C PHE G 191 -13.49 -58.53 -15.25
N PRO G 192 -13.79 -59.01 -14.06
CA PRO G 192 -13.28 -58.38 -12.84
C PRO G 192 -11.75 -58.38 -12.85
N ALA G 193 -11.18 -57.26 -12.42
CA ALA G 193 -9.72 -57.14 -12.38
C ALA G 193 -9.14 -58.14 -11.39
N VAL G 194 -7.91 -58.57 -11.67
CA VAL G 194 -7.15 -59.40 -10.75
C VAL G 194 -5.93 -58.61 -10.30
N LEU G 195 -5.55 -58.79 -9.05
CA LEU G 195 -4.38 -58.12 -8.49
C LEU G 195 -3.16 -59.00 -8.77
N GLN G 196 -2.25 -58.51 -9.59
CA GLN G 196 -1.05 -59.26 -9.92
C GLN G 196 -0.03 -59.13 -8.79
N SER G 197 0.92 -60.07 -8.77
CA SER G 197 1.93 -60.08 -7.72
C SER G 197 2.78 -58.81 -7.72
N SER G 198 2.80 -58.07 -8.82
CA SER G 198 3.55 -56.82 -8.88
C SER G 198 2.90 -55.69 -8.10
N GLY G 199 1.70 -55.90 -7.55
CA GLY G 199 0.94 -54.83 -6.96
C GLY G 199 0.08 -54.06 -7.94
N LEU G 200 0.12 -54.42 -9.23
CA LEU G 200 -0.67 -53.77 -10.26
C LEU G 200 -1.84 -54.66 -10.66
N TYR G 201 -2.90 -54.04 -11.16
CA TYR G 201 -4.08 -54.76 -11.58
C TYR G 201 -4.01 -55.12 -13.07
N SER G 202 -4.76 -56.15 -13.43
CA SER G 202 -4.86 -56.61 -14.80
C SER G 202 -6.31 -56.98 -15.09
N LEU G 203 -6.79 -56.60 -16.25
CA LEU G 203 -8.19 -56.76 -16.62
C LEU G 203 -8.29 -57.10 -18.10
N SER G 204 -9.28 -57.91 -18.43
CA SER G 204 -9.54 -58.29 -19.81
CA SER G 204 -9.55 -58.30 -19.81
C SER G 204 -11.01 -58.06 -20.14
N SER G 205 -11.27 -57.61 -21.35
CA SER G 205 -12.62 -57.36 -21.83
C SER G 205 -12.76 -57.98 -23.21
N VAL G 206 -13.76 -58.83 -23.39
CA VAL G 206 -13.92 -59.58 -24.62
C VAL G 206 -15.33 -59.40 -25.15
N VAL G 207 -15.49 -59.63 -26.45
CA VAL G 207 -16.78 -59.56 -27.12
C VAL G 207 -16.81 -60.59 -28.24
N THR G 208 -17.95 -61.26 -28.40
CA THR G 208 -18.14 -62.24 -29.47
C THR G 208 -18.94 -61.59 -30.60
N VAL G 209 -18.42 -61.71 -31.82
CA VAL G 209 -19.03 -61.09 -32.99
C VAL G 209 -19.05 -62.11 -34.12
N PRO G 210 -19.91 -61.91 -35.12
CA PRO G 210 -19.90 -62.83 -36.28
C PRO G 210 -18.54 -62.80 -36.97
N SER G 211 -18.10 -63.98 -37.42
CA SER G 211 -16.82 -64.07 -38.10
C SER G 211 -16.86 -63.41 -39.48
N SER G 212 -18.03 -63.36 -40.11
CA SER G 212 -18.19 -62.65 -41.37
C SER G 212 -18.12 -61.13 -41.22
N SER G 213 -18.14 -60.62 -39.99
CA SER G 213 -17.96 -59.20 -39.72
C SER G 213 -16.51 -58.78 -39.57
N LEU G 214 -15.59 -59.75 -39.42
CA LEU G 214 -14.21 -59.41 -39.11
C LEU G 214 -13.54 -58.61 -40.21
N GLY G 215 -14.03 -58.70 -41.44
CA GLY G 215 -13.45 -57.94 -42.54
C GLY G 215 -14.21 -56.67 -42.87
N THR G 216 -15.43 -56.55 -42.34
CA THR G 216 -16.31 -55.44 -42.66
C THR G 216 -16.58 -54.50 -41.51
N GLN G 217 -16.29 -54.90 -40.27
CA GLN G 217 -16.64 -54.13 -39.08
C GLN G 217 -15.40 -53.74 -38.30
N THR G 218 -15.35 -52.49 -37.87
CA THR G 218 -14.26 -52.02 -37.04
C THR G 218 -14.59 -52.26 -35.57
N TYR G 219 -13.59 -52.67 -34.80
CA TYR G 219 -13.76 -52.92 -33.38
C TYR G 219 -12.66 -52.19 -32.63
N ILE G 220 -13.06 -51.28 -31.75
CA ILE G 220 -12.15 -50.48 -30.95
C ILE G 220 -12.64 -50.51 -29.51
N CYS G 221 -11.75 -50.82 -28.58
CA CYS G 221 -12.07 -50.76 -27.16
C CYS G 221 -11.57 -49.43 -26.60
N ASN G 222 -12.39 -48.83 -25.74
CA ASN G 222 -12.11 -47.52 -25.18
C ASN G 222 -11.83 -47.71 -23.69
N VAL G 223 -10.55 -47.69 -23.33
CA VAL G 223 -10.12 -47.91 -21.95
C VAL G 223 -9.87 -46.55 -21.30
N ASN G 224 -10.45 -46.36 -20.12
CA ASN G 224 -10.32 -45.12 -19.38
C ASN G 224 -9.86 -45.44 -17.96
N HIS G 225 -8.79 -44.76 -17.52
CA HIS G 225 -8.24 -44.92 -16.18
C HIS G 225 -8.12 -43.53 -15.57
N LYS G 226 -9.21 -43.07 -14.95
CA LYS G 226 -9.24 -41.73 -14.37
C LYS G 226 -8.10 -41.44 -13.40
N PRO G 227 -7.71 -42.33 -12.48
CA PRO G 227 -6.67 -41.98 -11.51
C PRO G 227 -5.37 -41.47 -12.13
N SER G 228 -5.00 -41.97 -13.30
CA SER G 228 -3.77 -41.57 -13.96
C SER G 228 -4.00 -40.67 -15.16
N ASN G 229 -5.24 -40.25 -15.41
CA ASN G 229 -5.59 -39.52 -16.63
C ASN G 229 -5.10 -40.27 -17.87
N THR G 230 -5.59 -41.49 -18.03
CA THR G 230 -5.20 -42.38 -19.12
C THR G 230 -6.44 -42.78 -19.90
N LYS G 231 -6.52 -42.31 -21.15
CA LYS G 231 -7.55 -42.73 -22.09
C LYS G 231 -6.87 -43.34 -23.29
N VAL G 232 -7.24 -44.57 -23.63
CA VAL G 232 -6.65 -45.29 -24.75
C VAL G 232 -7.77 -45.89 -25.58
N ASP G 233 -7.75 -45.64 -26.88
CA ASP G 233 -8.64 -46.30 -27.84
C ASP G 233 -7.77 -47.22 -28.68
N LYS G 234 -7.97 -48.53 -28.54
CA LYS G 234 -7.14 -49.52 -29.19
C LYS G 234 -7.93 -50.22 -30.29
N LYS G 235 -7.36 -50.25 -31.50
CA LYS G 235 -7.98 -50.92 -32.62
C LYS G 235 -7.67 -52.41 -32.55
N VAL G 236 -8.69 -53.24 -32.67
CA VAL G 236 -8.56 -54.68 -32.61
C VAL G 236 -8.92 -55.24 -33.97
N GLU G 237 -7.96 -55.81 -34.66
CA GLU G 237 -8.16 -56.33 -36.01
C GLU G 237 -7.41 -57.66 -36.12
N PRO G 238 -7.83 -58.52 -37.03
CA PRO G 238 -7.10 -59.77 -37.25
C PRO G 238 -5.69 -59.51 -37.73
N LYS G 239 -4.79 -60.42 -37.38
CA LYS G 239 -3.40 -60.32 -37.80
C LYS G 239 -3.21 -61.00 -39.16
N SER G 240 -2.24 -60.52 -39.91
CA SER G 240 -1.90 -61.15 -41.20
C SER G 240 -0.50 -60.77 -41.64
N LEU H 2 -23.88 -38.91 23.26
CA LEU H 2 -23.91 -40.32 23.66
C LEU H 2 -24.43 -41.24 22.57
N PHE H 3 -23.62 -42.27 22.28
CA PHE H 3 -24.01 -43.31 21.33
C PHE H 3 -23.09 -44.50 21.62
N LEU H 4 -23.54 -45.38 22.53
CA LEU H 4 -22.86 -46.63 22.80
C LEU H 4 -23.76 -47.56 23.62
N VAL H 5 -24.22 -48.64 22.99
CA VAL H 5 -25.02 -49.67 23.68
C VAL H 5 -24.70 -51.02 23.04
N ALA H 6 -24.60 -52.06 23.87
CA ALA H 6 -24.28 -53.40 23.38
C ALA H 6 -24.72 -54.46 24.39
N ASP H 14 -26.94 -51.47 19.77
CA ASP H 14 -27.61 -51.10 18.52
C ASP H 14 -28.32 -52.29 17.90
N ILE H 15 -29.51 -52.03 17.35
CA ILE H 15 -30.30 -53.07 16.72
C ILE H 15 -29.52 -53.63 15.54
N GLN H 16 -29.42 -54.95 15.49
CA GLN H 16 -28.75 -55.64 14.41
C GLN H 16 -29.77 -56.30 13.49
N LEU H 17 -29.44 -56.36 12.20
CA LEU H 17 -30.27 -57.00 11.20
C LEU H 17 -29.58 -58.29 10.75
N THR H 18 -30.35 -59.38 10.69
CA THR H 18 -29.85 -60.67 10.24
C THR H 18 -30.62 -61.08 8.99
N GLN H 19 -29.90 -61.23 7.88
CA GLN H 19 -30.49 -61.63 6.62
C GLN H 19 -30.29 -63.12 6.40
N SER H 20 -31.28 -63.76 5.75
CA SER H 20 -31.27 -65.19 5.50
C SER H 20 -32.10 -65.49 4.27
N PRO H 21 -31.62 -66.34 3.36
CA PRO H 21 -30.34 -67.04 3.46
C PRO H 21 -29.15 -66.20 3.03
N SER H 22 -27.96 -66.77 3.13
CA SER H 22 -26.77 -66.08 2.64
C SER H 22 -26.72 -66.09 1.12
N SER H 23 -26.97 -67.25 0.53
CA SER H 23 -26.98 -67.42 -0.92
C SER H 23 -28.08 -68.41 -1.28
N LEU H 24 -28.63 -68.25 -2.49
CA LEU H 24 -29.68 -69.13 -2.96
C LEU H 24 -29.65 -69.20 -4.47
N SER H 25 -29.91 -70.38 -5.02
CA SER H 25 -30.06 -70.60 -6.45
C SER H 25 -31.46 -71.12 -6.72
N ALA H 26 -32.14 -70.51 -7.69
CA ALA H 26 -33.49 -70.91 -8.06
C ALA H 26 -33.60 -70.89 -9.57
N SER H 27 -34.80 -71.12 -10.07
CA SER H 27 -35.06 -71.18 -11.49
C SER H 27 -36.02 -70.08 -11.90
N VAL H 28 -36.00 -69.75 -13.19
CA VAL H 28 -36.88 -68.71 -13.71
C VAL H 28 -38.33 -69.12 -13.48
N GLY H 29 -39.08 -68.23 -12.83
CA GLY H 29 -40.46 -68.48 -12.49
C GLY H 29 -40.69 -68.92 -11.07
N ASP H 30 -39.66 -69.40 -10.40
CA ASP H 30 -39.80 -69.84 -9.01
C ASP H 30 -40.04 -68.65 -8.09
N ARG H 31 -40.68 -68.93 -6.96
CA ARG H 31 -40.89 -67.92 -5.93
C ARG H 31 -39.71 -67.94 -4.99
N VAL H 32 -39.09 -66.77 -4.80
CA VAL H 32 -37.92 -66.60 -3.95
C VAL H 32 -38.30 -65.76 -2.75
N THR H 33 -37.85 -66.16 -1.57
CA THR H 33 -38.14 -65.46 -0.33
C THR H 33 -36.85 -65.20 0.43
N ILE H 34 -36.58 -63.93 0.74
CA ILE H 34 -35.43 -63.53 1.55
C ILE H 34 -35.96 -62.96 2.86
N THR H 35 -35.33 -63.35 3.96
CA THR H 35 -35.78 -62.96 5.30
C THR H 35 -34.79 -61.99 5.92
N CYS H 36 -35.31 -60.94 6.56
CA CYS H 36 -34.52 -60.00 7.35
C CYS H 36 -35.08 -59.98 8.76
N ARG H 37 -34.21 -60.16 9.74
CA ARG H 37 -34.59 -60.23 11.14
C ARG H 37 -33.92 -59.12 11.93
N ALA H 38 -34.72 -58.35 12.66
CA ALA H 38 -34.22 -57.24 13.48
C ALA H 38 -34.09 -57.70 14.93
N SER H 39 -32.97 -57.38 15.55
CA SER H 39 -32.73 -57.81 16.94
C SER H 39 -33.75 -57.20 17.89
N GLN H 40 -34.28 -56.04 17.57
CA GLN H 40 -35.35 -55.42 18.35
C GLN H 40 -36.36 -54.82 17.39
N GLY H 41 -37.54 -54.51 17.90
CA GLY H 41 -38.58 -53.92 17.07
C GLY H 41 -38.15 -52.65 16.38
N ILE H 42 -38.43 -52.54 15.08
CA ILE H 42 -38.12 -51.34 14.32
C ILE H 42 -39.36 -50.86 13.57
N SER H 43 -40.54 -51.24 14.07
CA SER H 43 -41.83 -50.88 13.46
C SER H 43 -41.79 -51.32 12.00
N ASN H 44 -42.08 -50.44 11.04
CA ASN H 44 -41.99 -50.76 9.61
C ASN H 44 -40.93 -49.93 8.90
N TYR H 45 -39.93 -49.46 9.65
CA TYR H 45 -38.87 -48.62 9.07
C TYR H 45 -37.77 -49.52 8.50
N LEU H 46 -38.13 -50.24 7.45
CA LEU H 46 -37.21 -51.13 6.77
C LEU H 46 -37.31 -50.94 5.26
N ALA H 47 -36.17 -51.03 4.57
CA ALA H 47 -36.13 -50.89 3.13
C ALA H 47 -35.32 -52.03 2.52
N TRP H 48 -35.65 -52.37 1.27
CA TRP H 48 -35.00 -53.45 0.53
C TRP H 48 -34.30 -52.89 -0.69
N TYR H 49 -33.06 -53.32 -0.91
CA TYR H 49 -32.26 -52.87 -2.04
C TYR H 49 -31.88 -54.04 -2.94
N GLN H 50 -31.83 -53.79 -4.23
CA GLN H 50 -31.21 -54.69 -5.20
C GLN H 50 -29.92 -54.05 -5.68
N GLN H 51 -28.83 -54.82 -5.68
CA GLN H 51 -27.54 -54.31 -6.13
C GLN H 51 -26.91 -55.32 -7.07
N LYS H 52 -27.01 -55.06 -8.37
CA LYS H 52 -26.25 -55.82 -9.34
C LYS H 52 -24.76 -55.49 -9.16
N PRO H 53 -23.86 -56.38 -9.63
CA PRO H 53 -22.45 -56.32 -9.20
C PRO H 53 -21.78 -54.96 -9.31
N GLY H 54 -21.61 -54.44 -10.53
CA GLY H 54 -20.97 -53.15 -10.69
C GLY H 54 -21.94 -51.99 -10.79
N LYS H 55 -22.87 -51.88 -9.84
CA LYS H 55 -23.90 -50.86 -9.91
C LYS H 55 -24.20 -50.28 -8.54
N VAL H 56 -24.84 -49.12 -8.56
CA VAL H 56 -25.31 -48.44 -7.33
C VAL H 56 -26.50 -49.20 -6.77
N PRO H 57 -26.59 -49.40 -5.46
CA PRO H 57 -27.77 -50.05 -4.90
C PRO H 57 -29.06 -49.38 -5.35
N LYS H 58 -30.03 -50.19 -5.76
CA LYS H 58 -31.31 -49.73 -6.24
C LYS H 58 -32.38 -50.03 -5.21
N LEU H 59 -33.13 -49.00 -4.80
CA LEU H 59 -34.18 -49.18 -3.80
C LEU H 59 -35.39 -49.87 -4.44
N LEU H 60 -35.82 -50.97 -3.83
CA LEU H 60 -37.00 -51.70 -4.29
C LEU H 60 -38.21 -51.43 -3.41
N ILE H 61 -38.09 -51.69 -2.10
CA ILE H 61 -39.18 -51.51 -1.16
C ILE H 61 -38.72 -50.55 -0.08
N TYR H 62 -39.64 -49.72 0.40
CA TYR H 62 -39.42 -48.95 1.61
C TYR H 62 -40.70 -49.00 2.43
N ALA H 63 -40.59 -48.58 3.70
CA ALA H 63 -41.68 -48.70 4.65
C ALA H 63 -42.16 -50.15 4.76
N ALA H 64 -41.20 -51.08 4.69
CA ALA H 64 -41.40 -52.52 4.84
C ALA H 64 -42.16 -53.15 3.68
N SER H 65 -43.13 -52.42 3.11
CA SER H 65 -44.02 -53.01 2.13
C SER H 65 -44.37 -52.10 0.96
N THR H 66 -43.87 -50.86 0.91
CA THR H 66 -44.25 -49.93 -0.15
C THR H 66 -43.29 -50.08 -1.32
N LEU H 67 -43.85 -50.34 -2.50
CA LEU H 67 -43.05 -50.56 -3.70
C LEU H 67 -42.57 -49.22 -4.24
N GLN H 68 -41.28 -49.13 -4.54
CA GLN H 68 -40.72 -47.93 -5.16
C GLN H 68 -41.16 -47.83 -6.61
N SER H 69 -41.33 -46.59 -7.08
CA SER H 69 -41.78 -46.36 -8.44
C SER H 69 -40.82 -47.00 -9.45
N GLY H 70 -41.40 -47.64 -10.47
CA GLY H 70 -40.62 -48.30 -11.49
C GLY H 70 -40.24 -49.73 -11.19
N VAL H 71 -40.32 -50.15 -9.93
CA VAL H 71 -39.94 -51.53 -9.60
C VAL H 71 -41.00 -52.48 -10.11
N PRO H 72 -40.63 -53.61 -10.72
CA PRO H 72 -41.65 -54.56 -11.21
C PRO H 72 -42.54 -55.07 -10.10
N SER H 73 -43.81 -55.32 -10.44
CA SER H 73 -44.80 -55.72 -9.46
C SER H 73 -44.57 -57.13 -8.91
N ARG H 74 -43.64 -57.89 -9.46
CA ARG H 74 -43.31 -59.19 -8.89
C ARG H 74 -42.49 -59.09 -7.61
N PHE H 75 -41.95 -57.91 -7.30
CA PHE H 75 -41.31 -57.67 -6.02
C PHE H 75 -42.35 -57.22 -5.01
N SER H 76 -42.19 -57.68 -3.77
CA SER H 76 -43.14 -57.34 -2.72
C SER H 76 -42.45 -57.44 -1.37
N GLY H 77 -42.90 -56.61 -0.45
CA GLY H 77 -42.35 -56.61 0.90
C GLY H 77 -43.46 -56.76 1.91
N SER H 78 -43.12 -57.38 3.03
CA SER H 78 -44.07 -57.59 4.11
C SER H 78 -43.32 -57.70 5.42
N GLY H 79 -44.05 -57.49 6.51
CA GLY H 79 -43.50 -57.60 7.84
C GLY H 79 -43.65 -56.32 8.63
N SER H 80 -43.43 -56.46 9.94
CA SER H 80 -43.52 -55.35 10.88
C SER H 80 -42.92 -55.80 12.19
N GLY H 81 -42.18 -54.91 12.84
CA GLY H 81 -41.55 -55.24 14.10
C GLY H 81 -40.16 -55.82 13.94
N THR H 82 -40.09 -57.15 13.79
CA THR H 82 -38.80 -57.84 13.71
C THR H 82 -38.67 -58.82 12.56
N ASP H 83 -39.76 -59.30 11.97
CA ASP H 83 -39.70 -60.24 10.86
C ASP H 83 -40.10 -59.53 9.59
N PHE H 84 -39.22 -59.55 8.59
CA PHE H 84 -39.48 -58.96 7.29
C PHE H 84 -39.05 -59.94 6.21
N THR H 85 -39.84 -60.02 5.14
CA THR H 85 -39.54 -60.93 4.05
C THR H 85 -39.72 -60.19 2.73
N LEU H 86 -38.69 -60.26 1.88
CA LEU H 86 -38.81 -59.84 0.50
C LEU H 86 -39.14 -61.04 -0.36
N THR H 87 -40.09 -60.88 -1.27
CA THR H 87 -40.59 -61.99 -2.06
C THR H 87 -40.61 -61.61 -3.53
N ILE H 88 -39.96 -62.43 -4.35
CA ILE H 88 -39.99 -62.28 -5.80
C ILE H 88 -40.94 -63.36 -6.31
N SER H 89 -42.15 -62.96 -6.70
CA SER H 89 -43.21 -63.92 -7.01
C SER H 89 -42.78 -64.87 -8.14
N SER H 90 -42.21 -64.31 -9.21
CA SER H 90 -41.76 -65.10 -10.36
C SER H 90 -40.35 -64.62 -10.72
N LEU H 91 -39.34 -65.39 -10.34
CA LEU H 91 -37.95 -64.99 -10.59
C LEU H 91 -37.69 -64.87 -12.08
N GLN H 92 -36.94 -63.84 -12.45
CA GLN H 92 -36.62 -63.54 -13.83
C GLN H 92 -35.11 -63.48 -14.02
N PRO H 93 -34.61 -63.73 -15.23
CA PRO H 93 -33.15 -63.78 -15.42
C PRO H 93 -32.42 -62.53 -14.96
N GLU H 94 -33.02 -61.35 -15.15
CA GLU H 94 -32.38 -60.10 -14.78
C GLU H 94 -32.47 -59.79 -13.29
N ASP H 95 -32.92 -60.73 -12.47
CA ASP H 95 -32.96 -60.52 -11.04
C ASP H 95 -31.71 -61.00 -10.34
N VAL H 96 -30.76 -61.57 -11.07
CA VAL H 96 -29.50 -62.03 -10.49
C VAL H 96 -28.76 -60.84 -9.90
N ALA H 97 -28.71 -60.79 -8.57
CA ALA H 97 -28.07 -59.68 -7.87
C ALA H 97 -27.91 -60.08 -6.41
N THR H 98 -27.42 -59.13 -5.61
CA THR H 98 -27.38 -59.25 -4.17
C THR H 98 -28.40 -58.28 -3.57
N TYR H 99 -29.15 -58.75 -2.59
CA TYR H 99 -30.23 -57.97 -1.99
C TYR H 99 -29.90 -57.66 -0.53
N TYR H 100 -30.09 -56.40 -0.13
CA TYR H 100 -29.83 -55.97 1.23
C TYR H 100 -31.10 -55.40 1.85
N CYS H 101 -31.24 -55.60 3.16
CA CYS H 101 -32.25 -54.88 3.92
C CYS H 101 -31.57 -53.79 4.73
N GLN H 102 -32.29 -52.70 4.96
CA GLN H 102 -31.77 -51.57 5.73
C GLN H 102 -32.85 -51.10 6.70
N LYS H 103 -32.46 -50.95 7.96
CA LYS H 103 -33.34 -50.34 8.93
C LYS H 103 -33.12 -48.83 8.94
N TYR H 104 -34.20 -48.10 9.23
CA TYR H 104 -34.08 -46.66 9.42
C TYR H 104 -35.12 -46.19 10.43
N ASN H 105 -35.26 -46.96 11.53
CA ASN H 105 -36.12 -46.53 12.62
C ASN H 105 -35.54 -45.34 13.35
N ASN H 106 -34.22 -45.18 13.32
CA ASN H 106 -33.58 -44.01 13.91
C ASN H 106 -32.43 -43.60 12.99
N ALA H 107 -31.49 -42.82 13.53
CA ALA H 107 -30.42 -42.27 12.70
C ALA H 107 -29.42 -43.32 12.24
N LEU H 108 -29.37 -44.48 12.90
CA LEU H 108 -28.42 -45.53 12.54
C LEU H 108 -29.01 -46.36 11.41
N GLY H 109 -28.76 -45.95 10.17
CA GLY H 109 -29.27 -46.65 9.01
C GLY H 109 -28.52 -47.93 8.67
N THR H 110 -28.55 -48.89 9.60
CA THR H 110 -27.77 -50.13 9.49
C THR H 110 -28.30 -51.01 8.36
N PHE H 111 -27.39 -51.75 7.72
CA PHE H 111 -27.72 -52.72 6.69
C PHE H 111 -27.57 -54.14 7.21
N GLY H 112 -28.20 -55.08 6.49
CA GLY H 112 -27.93 -56.49 6.68
C GLY H 112 -26.73 -56.94 5.89
N GLN H 113 -26.41 -58.24 6.03
CA GLN H 113 -25.23 -58.78 5.37
C GLN H 113 -25.46 -59.03 3.88
N GLY H 114 -26.70 -59.14 3.45
CA GLY H 114 -26.97 -59.30 2.03
C GLY H 114 -27.20 -60.75 1.63
N THR H 115 -28.02 -60.93 0.60
CA THR H 115 -28.36 -62.25 0.08
C THR H 115 -28.08 -62.27 -1.41
N LYS H 116 -27.16 -63.13 -1.83
CA LYS H 116 -26.87 -63.30 -3.24
C LYS H 116 -27.86 -64.26 -3.87
N VAL H 117 -28.51 -63.83 -4.94
CA VAL H 117 -29.51 -64.63 -5.64
C VAL H 117 -28.91 -65.09 -6.96
N GLU H 118 -28.66 -66.38 -7.08
CA GLU H 118 -28.21 -67.00 -8.31
C GLU H 118 -29.40 -67.64 -9.02
N ILE H 119 -29.19 -68.01 -10.28
CA ILE H 119 -30.24 -68.61 -11.09
C ILE H 119 -29.74 -69.94 -11.64
N LYS H 120 -30.51 -71.00 -11.41
CA LYS H 120 -30.21 -72.31 -11.97
C LYS H 120 -30.87 -72.43 -13.34
N ARG H 121 -30.09 -72.85 -14.33
CA ARG H 121 -30.59 -73.01 -15.69
C ARG H 121 -30.11 -74.33 -16.26
N THR H 122 -30.38 -74.58 -17.54
CA THR H 122 -29.86 -75.82 -18.13
C THR H 122 -28.35 -75.71 -18.32
N VAL H 123 -27.71 -76.88 -18.44
CA VAL H 123 -26.26 -76.92 -18.61
C VAL H 123 -25.90 -76.33 -19.96
N ALA H 124 -24.81 -75.56 -20.00
CA ALA H 124 -24.34 -74.94 -21.23
C ALA H 124 -22.85 -75.11 -21.36
N ALA H 125 -22.41 -75.66 -22.49
CA ALA H 125 -20.99 -75.84 -22.73
C ALA H 125 -20.34 -74.50 -23.06
N PRO H 126 -19.11 -74.27 -22.62
CA PRO H 126 -18.43 -73.00 -22.93
C PRO H 126 -17.88 -73.00 -24.34
N SER H 127 -17.98 -71.84 -24.99
CA SER H 127 -17.24 -71.61 -26.22
C SER H 127 -15.83 -71.18 -25.85
N VAL H 128 -14.83 -71.88 -26.38
CA VAL H 128 -13.44 -71.70 -25.98
C VAL H 128 -12.69 -71.01 -27.10
N PHE H 129 -11.98 -69.94 -26.75
CA PHE H 129 -11.15 -69.17 -27.67
C PHE H 129 -9.79 -68.95 -27.03
N ILE H 130 -8.76 -68.89 -27.86
CA ILE H 130 -7.40 -68.67 -27.39
C ILE H 130 -6.81 -67.48 -28.13
N PHE H 131 -6.04 -66.67 -27.40
CA PHE H 131 -5.47 -65.43 -27.94
C PHE H 131 -3.96 -65.41 -27.70
N PRO H 132 -3.14 -65.34 -28.74
CA PRO H 132 -1.71 -65.18 -28.54
C PRO H 132 -1.40 -63.78 -28.01
N PRO H 133 -0.23 -63.58 -27.41
CA PRO H 133 0.14 -62.23 -26.97
C PRO H 133 0.41 -61.34 -28.16
N SER H 134 -0.01 -60.08 -28.04
CA SER H 134 0.16 -59.11 -29.13
C SER H 134 1.63 -58.81 -29.34
N ASP H 135 1.98 -58.44 -30.57
CA ASP H 135 3.35 -58.06 -30.86
C ASP H 135 3.74 -56.80 -30.09
N GLU H 136 2.80 -55.88 -29.91
CA GLU H 136 3.11 -54.67 -29.16
C GLU H 136 3.50 -55.01 -27.72
N GLN H 137 2.80 -55.97 -27.11
CA GLN H 137 3.16 -56.39 -25.77
C GLN H 137 4.50 -57.11 -25.76
N LEU H 138 4.79 -57.90 -26.81
CA LEU H 138 6.06 -58.60 -26.88
C LEU H 138 7.24 -57.65 -26.91
N LYS H 139 7.05 -56.46 -27.49
CA LYS H 139 8.10 -55.44 -27.45
C LYS H 139 8.43 -55.01 -26.02
N SER H 140 7.49 -55.20 -25.09
CA SER H 140 7.71 -54.81 -23.70
C SER H 140 8.46 -55.88 -22.91
N GLY H 141 8.56 -57.10 -23.42
CA GLY H 141 9.29 -58.15 -22.75
C GLY H 141 8.47 -59.15 -21.96
N THR H 142 7.15 -59.06 -22.01
CA THR H 142 6.27 -59.99 -21.32
C THR H 142 5.16 -60.45 -22.26
N ALA H 143 4.84 -61.73 -22.21
CA ALA H 143 3.80 -62.32 -23.04
C ALA H 143 2.64 -62.78 -22.17
N SER H 144 1.43 -62.37 -22.54
CA SER H 144 0.22 -62.83 -21.88
C SER H 144 -0.64 -63.59 -22.87
N VAL H 145 -0.89 -64.86 -22.58
CA VAL H 145 -1.78 -65.70 -23.39
C VAL H 145 -3.12 -65.80 -22.66
N VAL H 146 -4.21 -65.66 -23.40
CA VAL H 146 -5.54 -65.60 -22.82
C VAL H 146 -6.40 -66.72 -23.38
N CYS H 147 -7.14 -67.38 -22.49
CA CYS H 147 -8.10 -68.42 -22.84
C CYS H 147 -9.47 -67.94 -22.39
N LEU H 148 -10.42 -67.88 -23.31
CA LEU H 148 -11.76 -67.38 -23.02
C LEU H 148 -12.73 -68.55 -22.96
N LEU H 149 -13.50 -68.61 -21.88
CA LEU H 149 -14.60 -69.57 -21.73
C LEU H 149 -15.86 -68.73 -21.71
N ASN H 150 -16.62 -68.78 -22.79
CA ASN H 150 -17.70 -67.83 -23.02
C ASN H 150 -19.05 -68.51 -22.86
N ASN H 151 -19.87 -67.96 -21.96
CA ASN H 151 -21.26 -68.33 -21.79
C ASN H 151 -21.44 -69.83 -21.50
N PHE H 152 -21.17 -70.23 -20.27
CA PHE H 152 -21.35 -71.61 -19.83
C PHE H 152 -22.09 -71.64 -18.51
N TYR H 153 -22.61 -72.83 -18.18
CA TYR H 153 -23.25 -73.08 -16.90
C TYR H 153 -23.17 -74.57 -16.63
N PRO H 154 -22.87 -75.00 -15.39
CA PRO H 154 -22.67 -74.16 -14.20
C PRO H 154 -21.30 -73.49 -14.12
N ARG H 155 -21.04 -72.85 -12.98
CA ARG H 155 -19.83 -72.05 -12.80
C ARG H 155 -18.59 -72.92 -12.70
N GLU H 156 -18.73 -74.18 -12.31
CA GLU H 156 -17.59 -75.06 -12.14
C GLU H 156 -16.93 -75.30 -13.49
N ALA H 157 -15.66 -74.92 -13.62
CA ALA H 157 -14.92 -75.12 -14.86
C ALA H 157 -13.44 -75.23 -14.55
N LYS H 158 -12.74 -76.00 -15.38
CA LYS H 158 -11.30 -76.21 -15.22
C LYS H 158 -10.58 -75.83 -16.49
N VAL H 159 -9.59 -74.95 -16.37
CA VAL H 159 -8.74 -74.53 -17.48
C VAL H 159 -7.34 -75.08 -17.25
N GLN H 160 -6.81 -75.79 -18.24
CA GLN H 160 -5.51 -76.42 -18.16
C GLN H 160 -4.63 -75.86 -19.28
N TRP H 161 -3.62 -75.07 -18.91
CA TRP H 161 -2.69 -74.56 -19.91
C TRP H 161 -1.62 -75.59 -20.24
N LYS H 162 -1.29 -75.70 -21.52
CA LYS H 162 -0.26 -76.60 -22.01
C LYS H 162 0.68 -75.85 -22.94
N VAL H 163 1.99 -75.97 -22.69
CA VAL H 163 3.02 -75.35 -23.50
C VAL H 163 3.93 -76.46 -24.00
N ASP H 164 3.82 -76.79 -25.29
CA ASP H 164 4.50 -77.93 -25.89
C ASP H 164 4.17 -79.23 -25.14
N ASN H 165 2.88 -79.44 -24.90
CA ASN H 165 2.34 -80.58 -24.16
C ASN H 165 2.88 -80.66 -22.73
N ALA H 166 3.57 -79.63 -22.26
CA ALA H 166 3.99 -79.54 -20.86
C ALA H 166 2.92 -78.78 -20.09
N LEU H 167 2.22 -79.49 -19.21
CA LEU H 167 1.12 -78.89 -18.46
C LEU H 167 1.65 -77.82 -17.52
N GLN H 168 1.11 -76.61 -17.62
CA GLN H 168 1.59 -75.47 -16.88
C GLN H 168 0.86 -75.34 -15.55
N SER H 169 1.58 -74.84 -14.55
CA SER H 169 1.00 -74.62 -13.22
C SER H 169 1.73 -73.50 -12.51
N GLY H 170 0.98 -72.61 -11.87
CA GLY H 170 1.53 -71.56 -11.04
C GLY H 170 1.79 -70.25 -11.75
N ASN H 171 1.63 -70.19 -13.07
CA ASN H 171 1.94 -69.00 -13.85
C ASN H 171 0.69 -68.41 -14.52
N SER H 172 -0.48 -68.65 -13.94
CA SER H 172 -1.72 -68.16 -14.53
C SER H 172 -2.67 -67.68 -13.45
N GLN H 173 -3.50 -66.72 -13.80
CA GLN H 173 -4.61 -66.25 -12.98
C GLN H 173 -5.87 -66.24 -13.81
N GLU H 174 -7.02 -66.37 -13.16
CA GLU H 174 -8.28 -66.33 -13.86
C GLU H 174 -9.24 -65.36 -13.18
N SER H 175 -10.34 -65.08 -13.89
CA SER H 175 -11.37 -64.17 -13.43
C SER H 175 -12.68 -64.62 -14.04
N VAL H 176 -13.75 -64.60 -13.24
CA VAL H 176 -15.06 -65.08 -13.65
CA VAL H 176 -15.06 -65.08 -13.65
C VAL H 176 -16.06 -63.95 -13.55
N THR H 177 -16.81 -63.71 -14.61
CA THR H 177 -17.87 -62.73 -14.58
C THR H 177 -18.98 -63.20 -13.64
N GLU H 178 -19.95 -62.32 -13.40
CA GLU H 178 -21.15 -62.74 -12.70
C GLU H 178 -22.15 -63.29 -13.70
N GLN H 179 -23.23 -63.88 -13.17
CA GLN H 179 -24.26 -64.43 -14.04
C GLN H 179 -24.79 -63.37 -14.98
N ASP H 180 -24.84 -63.69 -16.27
CA ASP H 180 -25.36 -62.75 -17.23
C ASP H 180 -26.83 -62.47 -16.97
N SER H 181 -27.21 -61.20 -17.12
CA SER H 181 -28.57 -60.77 -16.81
C SER H 181 -29.60 -61.29 -17.80
N LYS H 182 -29.19 -61.83 -18.94
CA LYS H 182 -30.15 -62.31 -19.93
C LYS H 182 -30.20 -63.82 -20.02
N ASP H 183 -29.06 -64.51 -20.08
CA ASP H 183 -29.06 -65.96 -20.24
C ASP H 183 -28.55 -66.71 -19.01
N SER H 184 -28.18 -66.00 -17.95
CA SER H 184 -27.80 -66.61 -16.66
C SER H 184 -26.57 -67.50 -16.77
N THR H 185 -25.70 -67.26 -17.74
CA THR H 185 -24.47 -68.02 -17.88
C THR H 185 -23.30 -67.26 -17.27
N TYR H 186 -22.14 -67.92 -17.22
CA TYR H 186 -20.89 -67.34 -16.74
C TYR H 186 -19.89 -67.24 -17.89
N SER H 187 -18.84 -66.45 -17.66
CA SER H 187 -17.71 -66.39 -18.56
C SER H 187 -16.43 -66.34 -17.73
N LEU H 188 -15.35 -66.88 -18.28
CA LEU H 188 -14.10 -67.05 -17.55
C LEU H 188 -12.93 -66.61 -18.41
N SER H 189 -11.98 -65.91 -17.80
CA SER H 189 -10.79 -65.42 -18.48
C SER H 189 -9.56 -65.87 -17.72
N SER H 190 -8.74 -66.70 -18.36
CA SER H 190 -7.49 -67.17 -17.76
C SER H 190 -6.33 -66.57 -18.53
N THR H 191 -5.42 -65.92 -17.81
CA THR H 191 -4.28 -65.22 -18.40
C THR H 191 -2.99 -65.93 -17.99
N LEU H 192 -2.32 -66.53 -18.96
CA LEU H 192 -1.04 -67.19 -18.74
C LEU H 192 0.09 -66.20 -19.03
N THR H 193 0.98 -66.02 -18.06
CA THR H 193 2.02 -65.00 -18.13
C THR H 193 3.39 -65.65 -18.24
N LEU H 194 4.16 -65.25 -19.24
CA LEU H 194 5.53 -65.70 -19.43
C LEU H 194 6.40 -64.50 -19.82
N SER H 195 7.70 -64.69 -19.70
CA SER H 195 8.64 -63.69 -20.20
C SER H 195 8.77 -63.83 -21.72
N LYS H 196 9.24 -62.74 -22.36
CA LYS H 196 9.44 -62.78 -23.80
C LYS H 196 10.43 -63.87 -24.18
N ALA H 197 11.47 -64.07 -23.36
CA ALA H 197 12.44 -65.11 -23.63
C ALA H 197 11.81 -66.49 -23.55
N ASP H 198 11.02 -66.73 -22.49
CA ASP H 198 10.38 -68.03 -22.35
C ASP H 198 9.31 -68.26 -23.40
N TYR H 199 8.64 -67.19 -23.84
CA TYR H 199 7.57 -67.35 -24.83
C TYR H 199 8.11 -67.86 -26.16
N GLU H 200 9.26 -67.35 -26.58
CA GLU H 200 9.85 -67.74 -27.85
C GLU H 200 10.62 -69.06 -27.78
N LYS H 201 10.70 -69.68 -26.60
CA LYS H 201 11.32 -70.99 -26.45
C LYS H 201 10.37 -72.14 -26.77
N HIS H 202 9.13 -71.85 -27.14
CA HIS H 202 8.13 -72.89 -27.36
C HIS H 202 7.26 -72.53 -28.55
N LYS H 203 6.57 -73.53 -29.08
CA LYS H 203 5.77 -73.39 -30.29
C LYS H 203 4.27 -73.53 -30.01
N VAL H 204 3.82 -74.69 -29.55
CA VAL H 204 2.40 -74.97 -29.42
C VAL H 204 1.91 -74.49 -28.06
N TYR H 205 0.95 -73.57 -28.08
CA TYR H 205 0.28 -73.09 -26.89
C TYR H 205 -1.20 -73.45 -26.99
N ALA H 206 -1.74 -74.04 -25.92
CA ALA H 206 -3.12 -74.49 -25.92
C ALA H 206 -3.69 -74.51 -24.51
N CYS H 207 -4.99 -74.32 -24.42
CA CYS H 207 -5.73 -74.50 -23.18
CA CYS H 207 -5.73 -74.50 -23.18
C CYS H 207 -6.80 -75.56 -23.39
N GLU H 208 -6.95 -76.44 -22.40
CA GLU H 208 -7.90 -77.54 -22.46
C GLU H 208 -8.97 -77.32 -21.40
N VAL H 209 -10.22 -77.14 -21.84
CA VAL H 209 -11.33 -76.80 -20.96
C VAL H 209 -12.16 -78.05 -20.71
N THR H 210 -12.37 -78.37 -19.44
CA THR H 210 -13.23 -79.47 -19.04
C THR H 210 -14.44 -78.90 -18.31
N HIS H 211 -15.64 -79.32 -18.73
CA HIS H 211 -16.87 -78.79 -18.19
C HIS H 211 -17.97 -79.82 -18.35
N GLN H 212 -18.94 -79.77 -17.43
CA GLN H 212 -20.04 -80.74 -17.43
C GLN H 212 -20.76 -80.76 -18.78
N GLY H 213 -20.90 -79.60 -19.42
CA GLY H 213 -21.55 -79.53 -20.71
C GLY H 213 -20.75 -80.10 -21.86
N LEU H 214 -19.52 -80.52 -21.62
CA LEU H 214 -18.66 -81.13 -22.63
C LEU H 214 -18.54 -82.62 -22.37
N SER H 215 -18.87 -83.43 -23.38
CA SER H 215 -18.69 -84.87 -23.24
C SER H 215 -17.22 -85.25 -23.14
N SER H 216 -16.34 -84.46 -23.74
CA SER H 216 -14.90 -84.67 -23.69
C SER H 216 -14.21 -83.31 -23.65
N PRO H 217 -13.02 -83.23 -23.07
CA PRO H 217 -12.33 -81.94 -22.97
C PRO H 217 -12.07 -81.33 -24.34
N VAL H 218 -12.25 -80.00 -24.41
CA VAL H 218 -12.04 -79.22 -25.63
C VAL H 218 -10.70 -78.50 -25.52
N THR H 219 -9.92 -78.55 -26.60
CA THR H 219 -8.62 -77.90 -26.65
C THR H 219 -8.58 -76.93 -27.82
N LYS H 220 -8.21 -75.68 -27.55
CA LYS H 220 -7.94 -74.69 -28.57
C LYS H 220 -6.47 -74.32 -28.50
N SER H 221 -5.79 -74.38 -29.65
CA SER H 221 -4.34 -74.26 -29.70
C SER H 221 -3.92 -73.31 -30.81
N PHE H 222 -2.69 -72.81 -30.69
CA PHE H 222 -2.04 -72.03 -31.73
C PHE H 222 -0.55 -72.27 -31.66
N ASN H 223 0.12 -72.10 -32.81
CA ASN H 223 1.56 -72.18 -32.90
C ASN H 223 2.15 -70.78 -32.97
N ARG H 224 3.17 -70.53 -32.16
CA ARG H 224 3.82 -69.22 -32.14
C ARG H 224 4.42 -68.89 -33.50
N GLY H 225 3.82 -67.95 -34.22
CA GLY H 225 4.31 -67.58 -35.53
C GLY H 225 3.28 -67.74 -36.63
N GLU H 226 2.03 -68.00 -36.22
CA GLU H 226 0.93 -68.28 -37.15
C GLU H 226 1.23 -69.52 -37.99
N GLN I 1 -24.80 19.55 25.74
CA GLN I 1 -24.34 19.30 24.38
C GLN I 1 -23.04 18.50 24.40
N VAL I 2 -23.10 17.29 23.84
CA VAL I 2 -21.94 16.40 23.84
C VAL I 2 -20.84 17.00 22.98
N GLN I 3 -19.60 16.88 23.45
CA GLN I 3 -18.46 17.43 22.73
C GLN I 3 -17.22 16.63 23.08
N LEU I 4 -16.39 16.35 22.07
CA LEU I 4 -15.11 15.68 22.24
C LEU I 4 -14.04 16.52 21.57
N VAL I 5 -13.02 16.93 22.33
CA VAL I 5 -11.93 17.76 21.82
C VAL I 5 -10.62 17.02 22.04
N GLN I 6 -9.78 16.98 21.01
CA GLN I 6 -8.56 16.21 21.02
C GLN I 6 -7.35 17.14 21.11
N SER I 7 -6.17 16.54 21.26
CA SER I 7 -4.93 17.29 21.37
C SER I 7 -4.52 17.86 20.01
N GLY I 8 -3.53 18.76 20.05
CA GLY I 8 -3.07 19.42 18.85
C GLY I 8 -2.23 18.52 17.97
N ALA I 9 -1.93 19.04 16.77
CA ALA I 9 -1.17 18.26 15.80
C ALA I 9 0.24 18.01 16.31
N GLU I 10 0.83 16.91 15.83
CA GLU I 10 2.17 16.53 16.27
C GLU I 10 2.99 16.03 15.08
N VAL I 11 4.25 16.45 15.04
CA VAL I 11 5.22 15.99 14.06
C VAL I 11 6.19 15.06 14.78
N LYS I 12 6.34 13.84 14.28
CA LYS I 12 7.16 12.83 14.94
C LYS I 12 8.13 12.22 13.95
N LYS I 13 9.27 11.82 14.45
CA LYS I 13 10.24 11.19 13.58
C LYS I 13 10.04 9.67 13.57
N PRO I 14 10.46 8.99 12.50
CA PRO I 14 10.22 7.55 12.40
C PRO I 14 10.83 6.79 13.58
N GLY I 15 10.05 5.85 14.11
CA GLY I 15 10.46 5.07 15.26
C GLY I 15 10.00 5.63 16.60
N ALA I 16 9.53 6.88 16.63
CA ALA I 16 9.09 7.50 17.87
C ALA I 16 7.67 7.05 18.22
N SER I 17 7.12 7.63 19.29
CA SER I 17 5.77 7.33 19.71
C SER I 17 4.98 8.63 19.83
N VAL I 18 3.68 8.53 19.64
CA VAL I 18 2.78 9.66 19.77
C VAL I 18 1.65 9.24 20.70
N LYS I 19 1.20 10.16 21.54
CA LYS I 19 0.09 9.92 22.46
C LYS I 19 -0.94 11.01 22.22
N VAL I 20 -2.06 10.64 21.61
CA VAL I 20 -3.14 11.57 21.33
C VAL I 20 -4.15 11.51 22.47
N SER I 21 -4.61 12.68 22.91
CA SER I 21 -5.59 12.78 23.98
C SER I 21 -6.96 13.12 23.41
N CYS I 22 -7.99 12.85 24.21
CA CYS I 22 -9.37 13.10 23.78
C CYS I 22 -10.21 13.30 25.04
N LYS I 23 -10.64 14.53 25.29
CA LYS I 23 -11.51 14.83 26.42
C LYS I 23 -12.96 15.00 25.93
N ALA I 24 -13.89 14.35 26.63
CA ALA I 24 -15.30 14.40 26.29
C ALA I 24 -16.10 15.12 27.38
N SER I 25 -17.29 15.58 27.02
CA SER I 25 -18.15 16.28 27.96
C SER I 25 -19.59 16.23 27.46
N GLY I 26 -20.52 16.42 28.39
CA GLY I 26 -21.93 16.48 28.06
C GLY I 26 -22.67 15.15 28.08
N TYR I 27 -22.06 14.09 28.60
CA TYR I 27 -22.71 12.79 28.69
C TYR I 27 -22.01 11.98 29.77
N PRO I 28 -22.69 10.97 30.32
CA PRO I 28 -22.04 10.09 31.30
C PRO I 28 -20.88 9.32 30.68
N PHE I 29 -19.69 9.54 31.23
CA PHE I 29 -18.47 9.02 30.59
C PHE I 29 -18.38 7.51 30.69
N THR I 30 -18.80 6.94 31.82
CA THR I 30 -18.68 5.49 32.01
C THR I 30 -19.64 4.72 31.12
N SER I 31 -20.74 5.33 30.71
CA SER I 31 -21.79 4.60 29.99
C SER I 31 -21.40 4.28 28.55
N TYR I 32 -20.48 5.03 27.95
CA TYR I 32 -20.07 4.82 26.57
C TYR I 32 -18.60 4.44 26.49
N GLY I 33 -18.24 3.76 25.40
CA GLY I 33 -16.86 3.49 25.08
C GLY I 33 -16.32 4.51 24.07
N ILE I 34 -15.00 4.50 23.92
CA ILE I 34 -14.30 5.38 22.99
C ILE I 34 -13.69 4.53 21.89
N SER I 35 -13.96 4.90 20.64
CA SER I 35 -13.39 4.26 19.47
C SER I 35 -12.47 5.22 18.74
N TRP I 36 -11.45 4.66 18.09
CA TRP I 36 -10.43 5.45 17.41
C TRP I 36 -10.37 5.06 15.94
N VAL I 37 -10.41 6.07 15.06
CA VAL I 37 -10.43 5.88 13.62
C VAL I 37 -9.32 6.72 13.02
N ARG I 38 -8.63 6.16 12.04
CA ARG I 38 -7.49 6.79 11.38
C ARG I 38 -7.85 7.11 9.94
N GLN I 39 -7.31 8.23 9.43
CA GLN I 39 -7.55 8.60 8.03
C GLN I 39 -6.27 9.20 7.47
N ALA I 40 -5.65 8.48 6.53
CA ALA I 40 -4.47 9.00 5.85
C ALA I 40 -4.90 10.02 4.80
N PRO I 41 -3.99 10.91 4.40
CA PRO I 41 -4.37 11.96 3.44
C PRO I 41 -4.88 11.38 2.13
N GLY I 42 -6.10 11.75 1.77
CA GLY I 42 -6.72 11.28 0.54
C GLY I 42 -7.23 9.87 0.57
N GLN I 43 -7.41 9.30 1.75
CA GLN I 43 -7.81 7.91 1.92
C GLN I 43 -9.10 7.85 2.73
N GLY I 44 -9.60 6.63 2.93
CA GLY I 44 -10.81 6.43 3.70
C GLY I 44 -10.54 6.32 5.19
N LEU I 45 -11.59 5.98 5.92
CA LEU I 45 -11.50 5.76 7.36
C LEU I 45 -10.92 4.38 7.65
N GLU I 46 -10.13 4.31 8.72
CA GLU I 46 -9.47 3.06 9.12
C GLU I 46 -9.67 2.87 10.61
N TRP I 47 -10.41 1.82 10.98
CA TRP I 47 -10.64 1.54 12.38
C TRP I 47 -9.34 1.14 13.07
N MET I 48 -9.16 1.60 14.29
CA MET I 48 -7.97 1.29 15.07
C MET I 48 -8.25 0.42 16.29
N GLY I 49 -9.32 0.71 17.01
CA GLY I 49 -9.62 -0.07 18.20
C GLY I 49 -10.73 0.57 19.00
N TRP I 50 -10.98 -0.03 20.17
CA TRP I 50 -12.10 0.33 21.04
C TRP I 50 -11.69 0.06 22.47
N ILE I 51 -12.09 0.96 23.38
CA ILE I 51 -11.79 0.81 24.80
C ILE I 51 -13.06 1.07 25.60
N SER I 52 -13.22 0.32 26.69
CA SER I 52 -14.33 0.51 27.61
C SER I 52 -13.92 1.50 28.69
N THR I 53 -14.70 2.58 28.83
CA THR I 53 -14.44 3.55 29.88
C THR I 53 -14.87 3.06 31.25
N TYR I 54 -15.41 1.84 31.33
CA TYR I 54 -15.89 1.28 32.59
C TYR I 54 -14.89 0.35 33.24
N ASN I 55 -14.18 -0.48 32.46
CA ASN I 55 -13.25 -1.45 33.01
C ASN I 55 -11.91 -1.48 32.30
N GLY I 56 -11.74 -0.74 31.22
CA GLY I 56 -10.46 -0.64 30.54
C GLY I 56 -10.19 -1.71 29.51
N ASN I 57 -11.13 -2.62 29.27
CA ASN I 57 -10.95 -3.62 28.23
C ASN I 57 -10.76 -2.96 26.87
N THR I 58 -9.87 -3.52 26.07
CA THR I 58 -9.53 -2.93 24.78
C THR I 58 -9.54 -4.01 23.72
N ASN I 59 -10.16 -3.71 22.58
CA ASN I 59 -10.09 -4.55 21.39
C ASN I 59 -9.49 -3.70 20.27
N TYR I 60 -8.29 -4.06 19.82
CA TYR I 60 -7.62 -3.34 18.74
C TYR I 60 -7.73 -4.12 17.43
N ALA I 61 -7.50 -3.40 16.33
CA ALA I 61 -7.37 -4.04 15.03
C ALA I 61 -6.09 -4.86 14.98
N GLN I 62 -6.14 -5.97 14.23
CA GLN I 62 -4.97 -6.83 14.11
C GLN I 62 -3.80 -6.10 13.49
N LYS I 63 -4.08 -5.08 12.66
CA LYS I 63 -3.02 -4.30 12.03
C LYS I 63 -2.17 -3.58 13.06
N PHE I 64 -2.75 -3.18 14.19
CA PHE I 64 -2.07 -2.37 15.18
C PHE I 64 -1.77 -3.10 16.48
N GLN I 65 -2.04 -4.41 16.55
CA GLN I 65 -1.76 -5.15 17.78
C GLN I 65 -0.26 -5.26 18.00
N GLY I 66 0.19 -4.88 19.20
CA GLY I 66 1.59 -4.80 19.51
C GLY I 66 2.18 -3.41 19.43
N ARG I 67 1.46 -2.46 18.86
CA ARG I 67 1.91 -1.08 18.76
C ARG I 67 1.01 -0.07 19.45
N VAL I 68 -0.30 -0.32 19.50
CA VAL I 68 -1.27 0.65 20.00
C VAL I 68 -1.66 0.27 21.42
N THR I 69 -1.84 1.28 22.27
CA THR I 69 -2.39 1.09 23.61
C THR I 69 -3.39 2.20 23.87
N MET I 70 -4.59 1.81 24.29
CA MET I 70 -5.66 2.75 24.58
C MET I 70 -5.95 2.75 26.07
N THR I 71 -6.11 3.95 26.63
CA THR I 71 -6.28 4.11 28.07
C THR I 71 -7.37 5.14 28.33
N THR I 72 -7.84 5.16 29.58
CA THR I 72 -8.94 6.00 29.99
C THR I 72 -8.69 6.51 31.40
N ASP I 73 -8.88 7.82 31.59
CA ASP I 73 -8.83 8.44 32.92
C ASP I 73 -10.25 8.91 33.24
N THR I 74 -10.91 8.21 34.16
CA THR I 74 -12.31 8.50 34.43
C THR I 74 -12.47 9.85 35.11
N SER I 75 -11.55 10.21 36.01
CA SER I 75 -11.66 11.45 36.76
C SER I 75 -11.63 12.67 35.87
N THR I 76 -11.03 12.58 34.68
CA THR I 76 -10.95 13.71 33.75
C THR I 76 -11.80 13.52 32.51
N THR I 77 -12.55 12.41 32.41
CA THR I 77 -13.37 12.09 31.24
C THR I 77 -12.55 12.21 29.95
N THR I 78 -11.30 11.76 30.01
CA THR I 78 -10.35 11.87 28.92
C THR I 78 -9.91 10.47 28.48
N GLY I 79 -9.89 10.24 27.17
CA GLY I 79 -9.37 9.03 26.58
C GLY I 79 -8.02 9.30 25.93
N TYR I 80 -7.14 8.30 25.98
CA TYR I 80 -5.81 8.40 25.41
C TYR I 80 -5.57 7.28 24.41
N MET I 81 -4.85 7.60 23.34
CA MET I 81 -4.44 6.62 22.33
C MET I 81 -2.97 6.82 22.04
N GLU I 82 -2.19 5.75 22.17
CA GLU I 82 -0.74 5.79 21.98
C GLU I 82 -0.33 4.83 20.88
N LEU I 83 0.44 5.32 19.91
CA LEU I 83 0.98 4.51 18.83
C LEU I 83 2.49 4.54 18.90
N ARG I 84 3.11 3.38 19.11
CA ARG I 84 4.54 3.26 19.22
C ARG I 84 5.16 2.82 17.89
N ARG I 85 6.48 2.98 17.80
CA ARG I 85 7.24 2.62 16.61
C ARG I 85 6.62 3.23 15.36
N LEU I 86 6.56 4.56 15.36
CA LEU I 86 5.89 5.28 14.28
C LEU I 86 6.63 5.09 12.97
N ARG I 87 5.85 5.07 11.89
CA ARG I 87 6.37 4.90 10.54
C ARG I 87 5.77 6.01 9.67
N SER I 88 6.47 6.35 8.59
CA SER I 88 5.90 7.30 7.65
C SER I 88 4.56 6.81 7.11
N ASP I 89 4.33 5.50 7.14
CA ASP I 89 3.05 4.92 6.78
C ASP I 89 1.92 5.34 7.73
N ASP I 90 2.26 5.84 8.92
CA ASP I 90 1.26 6.20 9.92
C ASP I 90 0.79 7.65 9.82
N THR I 91 1.37 8.45 8.93
CA THR I 91 0.95 9.84 8.80
C THR I 91 -0.53 9.90 8.45
N ALA I 92 -1.33 10.44 9.35
CA ALA I 92 -2.79 10.45 9.18
C ALA I 92 -3.40 11.35 10.25
N VAL I 93 -4.67 11.68 10.03
CA VAL I 93 -5.47 12.36 11.04
C VAL I 93 -6.14 11.29 11.90
N TYR I 94 -5.92 11.36 13.21
CA TYR I 94 -6.44 10.36 14.12
C TYR I 94 -7.68 10.90 14.81
N TYR I 95 -8.81 10.22 14.64
CA TYR I 95 -10.08 10.68 15.16
C TYR I 95 -10.47 9.92 16.42
N CYS I 96 -11.36 10.54 17.18
CA CYS I 96 -11.83 10.03 18.46
C CYS I 96 -13.34 10.17 18.46
N ALA I 97 -14.05 9.11 18.84
CA ALA I 97 -15.50 9.13 18.75
C ALA I 97 -16.13 8.38 19.91
N ARG I 98 -17.30 8.86 20.32
CA ARG I 98 -18.10 8.14 21.31
C ARG I 98 -18.71 6.91 20.67
N ASP I 99 -18.52 5.75 21.31
CA ASP I 99 -18.86 4.48 20.70
C ASP I 99 -20.20 3.98 21.23
N TYR I 100 -21.05 3.52 20.31
CA TYR I 100 -22.24 2.75 20.64
C TYR I 100 -22.32 1.50 19.79
N THR I 101 -21.18 0.83 19.58
CA THR I 101 -21.12 -0.45 18.90
C THR I 101 -20.72 -1.60 19.82
N ARG I 102 -20.23 -1.30 21.02
CA ARG I 102 -19.92 -2.32 22.01
C ARG I 102 -20.09 -1.73 23.39
N GLY I 103 -20.86 -2.42 24.24
CA GLY I 103 -21.19 -1.89 25.54
C GLY I 103 -19.97 -1.77 26.44
N ALA I 104 -19.95 -0.70 27.23
CA ALA I 104 -18.79 -0.46 28.09
C ALA I 104 -18.77 -1.40 29.28
N TRP I 105 -19.94 -1.89 29.69
CA TRP I 105 -20.03 -2.71 30.89
C TRP I 105 -19.76 -4.19 30.63
N PHE I 106 -20.32 -4.74 29.55
CA PHE I 106 -20.24 -6.17 29.29
C PHE I 106 -19.50 -6.52 28.01
N GLY I 107 -19.16 -5.54 27.18
CA GLY I 107 -18.34 -5.80 26.01
C GLY I 107 -19.04 -6.55 24.91
N GLU I 108 -20.35 -6.38 24.76
CA GLU I 108 -21.11 -7.05 23.72
C GLU I 108 -21.56 -6.04 22.68
N SER I 109 -21.73 -6.53 21.45
CA SER I 109 -22.03 -5.66 20.32
C SER I 109 -23.36 -4.94 20.53
N LEU I 110 -23.43 -3.69 20.04
CA LEU I 110 -24.58 -2.83 20.24
C LEU I 110 -25.15 -2.36 18.90
N ILE I 111 -26.41 -1.94 18.95
CA ILE I 111 -27.11 -1.44 17.75
C ILE I 111 -26.86 0.06 17.70
N GLY I 112 -25.77 0.45 17.06
CA GLY I 112 -25.44 1.86 16.94
C GLY I 112 -24.12 2.06 16.22
N GLY I 113 -23.56 3.25 16.37
CA GLY I 113 -22.32 3.57 15.70
C GLY I 113 -21.48 4.60 16.42
N PHE I 114 -20.48 5.13 15.72
CA PHE I 114 -19.64 6.20 16.26
C PHE I 114 -20.34 7.54 16.08
N ASP I 115 -20.51 8.28 17.17
CA ASP I 115 -21.15 9.59 17.11
C ASP I 115 -20.34 10.62 17.88
N ASN I 116 -20.61 11.89 17.59
CA ASN I 116 -19.92 13.01 18.22
C ASN I 116 -18.41 12.82 18.15
N TRP I 117 -17.90 12.76 16.93
CA TRP I 117 -16.47 12.61 16.70
C TRP I 117 -15.71 13.84 17.17
N GLY I 118 -14.44 13.64 17.50
CA GLY I 118 -13.55 14.74 17.81
C GLY I 118 -13.14 15.48 16.56
N GLN I 119 -12.52 16.65 16.77
CA GLN I 119 -12.09 17.45 15.63
C GLN I 119 -10.97 16.77 14.86
N GLY I 120 -10.21 15.91 15.50
CA GLY I 120 -9.13 15.19 14.84
C GLY I 120 -7.77 15.71 15.28
N THR I 121 -6.79 14.81 15.25
CA THR I 121 -5.40 15.14 15.57
C THR I 121 -4.53 14.60 14.44
N LEU I 122 -3.83 15.50 13.75
CA LEU I 122 -2.98 15.12 12.64
C LEU I 122 -1.58 14.82 13.14
N VAL I 123 -1.15 13.57 12.97
CA VAL I 123 0.19 13.14 13.33
C VAL I 123 0.99 12.95 12.05
N THR I 124 2.03 13.76 11.87
CA THR I 124 2.91 13.66 10.71
C THR I 124 4.19 12.96 11.11
N VAL I 125 4.53 11.90 10.40
CA VAL I 125 5.70 11.08 10.69
C VAL I 125 6.62 11.15 9.48
N SER I 126 7.78 11.79 9.65
CA SER I 126 8.84 11.78 8.64
C SER I 126 10.13 12.16 9.33
N SER I 127 11.23 12.02 8.59
CA SER I 127 12.54 12.41 9.09
C SER I 127 12.94 13.81 8.67
N ALA I 128 12.08 14.50 7.90
CA ALA I 128 12.41 15.85 7.46
C ALA I 128 12.37 16.82 8.64
N SER I 129 13.15 17.89 8.51
CA SER I 129 13.20 18.97 9.49
C SER I 129 12.55 20.23 8.90
N THR I 130 12.10 21.10 9.80
CA THR I 130 11.40 22.31 9.39
C THR I 130 12.21 23.08 8.37
N LYS I 131 11.62 23.33 7.21
CA LYS I 131 12.31 23.95 6.10
C LYS I 131 11.33 24.83 5.33
N GLY I 132 11.77 26.05 5.02
CA GLY I 132 10.95 26.97 4.27
C GLY I 132 11.00 26.69 2.78
N PRO I 133 9.99 27.17 2.05
CA PRO I 133 9.89 26.85 0.63
C PRO I 133 10.76 27.78 -0.22
N SER I 134 11.08 27.28 -1.40
CA SER I 134 11.68 28.09 -2.46
C SER I 134 10.59 28.36 -3.48
N VAL I 135 10.33 29.65 -3.74
CA VAL I 135 9.26 30.04 -4.65
C VAL I 135 9.86 30.41 -5.99
N PHE I 136 9.50 29.65 -7.02
CA PHE I 136 9.95 29.90 -8.37
C PHE I 136 8.78 30.33 -9.25
N PRO I 137 9.01 31.20 -10.23
CA PRO I 137 7.90 31.71 -11.03
C PRO I 137 7.55 30.79 -12.20
N LEU I 138 6.24 30.66 -12.43
CA LEU I 138 5.72 30.04 -13.64
C LEU I 138 5.34 31.18 -14.58
N ALA I 139 6.29 31.58 -15.41
CA ALA I 139 6.10 32.77 -16.22
C ALA I 139 5.09 32.52 -17.34
N PRO I 140 4.32 33.54 -17.71
CA PRO I 140 3.43 33.41 -18.86
C PRO I 140 4.24 33.42 -20.16
N SER I 141 3.76 32.67 -21.14
CA SER I 141 4.45 32.51 -22.41
C SER I 141 3.42 32.41 -23.52
N SER I 142 3.90 32.22 -24.75
CA SER I 142 2.99 31.97 -25.86
C SER I 142 2.30 30.62 -25.76
N LYS I 143 2.87 29.68 -25.00
CA LYS I 143 2.26 28.37 -24.75
C LYS I 143 1.42 28.35 -23.48
N SER I 144 0.94 29.53 -23.03
CA SER I 144 0.05 29.60 -21.87
C SER I 144 -1.05 30.63 -22.06
N THR I 145 -1.31 31.05 -23.30
CA THR I 145 -2.36 32.02 -23.61
C THR I 145 -3.37 31.41 -24.57
N SER I 146 -4.64 31.77 -24.40
CA SER I 146 -5.69 31.30 -25.29
C SER I 146 -6.87 32.26 -25.20
N GLY I 147 -7.35 32.70 -26.36
CA GLY I 147 -8.52 33.57 -26.40
C GLY I 147 -8.36 34.88 -25.67
N GLY I 148 -7.13 35.38 -25.53
CA GLY I 148 -6.88 36.58 -24.78
C GLY I 148 -6.74 36.38 -23.29
N THR I 149 -6.43 35.17 -22.85
CA THR I 149 -6.26 34.85 -21.44
C THR I 149 -4.92 34.15 -21.25
N ALA I 150 -4.05 34.74 -20.44
CA ALA I 150 -2.76 34.17 -20.12
C ALA I 150 -2.79 33.54 -18.73
N ALA I 151 -2.02 32.46 -18.57
CA ALA I 151 -1.91 31.74 -17.32
C ALA I 151 -0.50 31.89 -16.77
N LEU I 152 -0.39 32.20 -15.49
CA LEU I 152 0.89 32.32 -14.82
C LEU I 152 0.72 31.80 -13.38
N GLY I 153 1.84 31.51 -12.74
CA GLY I 153 1.76 30.99 -11.39
C GLY I 153 3.08 31.01 -10.67
N CYS I 154 3.06 30.46 -9.46
CA CYS I 154 4.24 30.31 -8.61
C CYS I 154 4.40 28.86 -8.22
N LEU I 155 5.65 28.39 -8.20
CA LEU I 155 5.99 27.04 -7.77
C LEU I 155 6.57 27.15 -6.36
N VAL I 156 5.82 26.66 -5.37
CA VAL I 156 6.25 26.67 -3.97
C VAL I 156 6.82 25.28 -3.69
N LYS I 157 8.15 25.18 -3.69
CA LYS I 157 8.81 23.88 -3.73
C LYS I 157 9.67 23.65 -2.48
N ASP I 158 9.68 22.40 -2.03
CA ASP I 158 10.60 21.89 -1.02
C ASP I 158 10.48 22.55 0.35
N TYR I 159 9.30 22.42 0.98
CA TYR I 159 9.08 22.92 2.33
C TYR I 159 8.58 21.80 3.23
N PHE I 160 8.63 22.04 4.54
CA PHE I 160 8.18 21.10 5.54
C PHE I 160 8.13 21.81 6.89
N PRO I 161 7.08 21.60 7.70
CA PRO I 161 5.92 20.80 7.31
C PRO I 161 4.86 21.64 6.62
N GLU I 162 3.64 21.13 6.52
CA GLU I 162 2.54 21.92 6.02
C GLU I 162 2.05 22.89 7.09
N PRO I 163 1.35 23.97 6.70
CA PRO I 163 1.02 24.38 5.34
C PRO I 163 1.77 25.61 4.85
N VAL I 164 1.53 25.97 3.60
CA VAL I 164 1.89 27.28 3.05
C VAL I 164 0.61 27.97 2.61
N THR I 165 0.60 29.28 2.74
CA THR I 165 -0.51 30.10 2.29
C THR I 165 -0.03 30.97 1.13
N VAL I 166 -0.78 30.96 0.04
CA VAL I 166 -0.42 31.70 -1.17
C VAL I 166 -1.54 32.68 -1.49
N SER I 167 -1.22 33.96 -1.57
CA SER I 167 -2.13 34.98 -2.07
C SER I 167 -1.47 35.69 -3.25
N TRP I 168 -2.26 36.48 -3.98
CA TRP I 168 -1.78 37.17 -5.17
C TRP I 168 -2.02 38.67 -5.05
N ASN I 169 -0.97 39.46 -5.31
CA ASN I 169 -1.01 40.91 -5.27
C ASN I 169 -1.55 41.40 -3.92
N SER I 170 -0.99 40.85 -2.85
CA SER I 170 -1.34 41.22 -1.48
C SER I 170 -2.83 41.05 -1.20
N GLY I 171 -3.45 40.04 -1.80
CA GLY I 171 -4.86 39.77 -1.60
C GLY I 171 -5.78 40.49 -2.57
N ALA I 172 -5.25 41.31 -3.46
CA ALA I 172 -6.08 42.05 -4.40
C ALA I 172 -6.58 41.20 -5.56
N LEU I 173 -5.88 40.12 -5.90
CA LEU I 173 -6.24 39.26 -7.02
C LEU I 173 -6.73 37.93 -6.48
N THR I 174 -8.04 37.69 -6.57
CA THR I 174 -8.63 36.42 -6.17
C THR I 174 -9.36 35.71 -7.31
N SER I 175 -9.94 36.46 -8.25
CA SER I 175 -10.71 35.86 -9.33
C SER I 175 -9.79 35.09 -10.27
N GLY I 176 -10.13 33.83 -10.51
CA GLY I 176 -9.37 33.00 -11.44
C GLY I 176 -8.15 32.35 -10.83
N VAL I 177 -8.01 32.36 -9.52
CA VAL I 177 -6.86 31.79 -8.85
C VAL I 177 -7.15 30.35 -8.48
N HIS I 178 -6.18 29.46 -8.73
CA HIS I 178 -6.24 28.07 -8.31
C HIS I 178 -4.95 27.75 -7.57
N THR I 179 -5.05 27.47 -6.28
CA THR I 179 -3.92 26.98 -5.50
C THR I 179 -4.12 25.49 -5.25
N PHE I 180 -3.23 24.67 -5.81
CA PHE I 180 -3.41 23.23 -5.79
C PHE I 180 -3.03 22.65 -4.43
N PRO I 181 -3.65 21.53 -4.05
CA PRO I 181 -3.21 20.83 -2.84
C PRO I 181 -1.76 20.40 -2.94
N ALA I 182 -1.07 20.41 -1.80
CA ALA I 182 0.33 20.06 -1.77
C ALA I 182 0.52 18.57 -2.02
N VAL I 183 1.64 18.24 -2.67
CA VAL I 183 2.05 16.86 -2.87
C VAL I 183 3.34 16.64 -2.11
N LEU I 184 3.50 15.44 -1.55
CA LEU I 184 4.70 15.09 -0.82
C LEU I 184 5.71 14.48 -1.79
N GLN I 185 6.84 15.14 -1.97
CA GLN I 185 7.86 14.67 -2.88
C GLN I 185 8.65 13.51 -2.26
N SER I 186 9.38 12.79 -3.12
CA SER I 186 10.18 11.67 -2.65
C SER I 186 11.28 12.11 -1.69
N SER I 187 11.60 13.41 -1.67
CA SER I 187 12.58 13.95 -0.74
C SER I 187 12.04 14.05 0.68
N GLY I 188 10.76 13.77 0.89
CA GLY I 188 10.12 14.04 2.15
C GLY I 188 9.64 15.47 2.31
N LEU I 189 9.87 16.32 1.32
CA LEU I 189 9.45 17.71 1.36
C LEU I 189 8.22 17.93 0.50
N TYR I 190 7.36 18.84 0.93
CA TYR I 190 6.13 19.13 0.21
C TYR I 190 6.40 20.12 -0.94
N SER I 191 5.50 20.11 -1.91
CA SER I 191 5.59 20.99 -3.07
C SER I 191 4.18 21.34 -3.53
N LEU I 192 4.01 22.57 -4.00
CA LEU I 192 2.69 23.10 -4.29
C LEU I 192 2.82 24.19 -5.34
N SER I 193 1.80 24.29 -6.20
CA SER I 193 1.75 25.33 -7.22
C SER I 193 0.45 26.11 -7.10
N SER I 194 0.54 27.40 -7.40
CA SER I 194 -0.61 28.30 -7.39
C SER I 194 -0.58 29.11 -8.67
N VAL I 195 -1.64 28.98 -9.47
CA VAL I 195 -1.71 29.60 -10.79
C VAL I 195 -2.93 30.50 -10.86
N VAL I 196 -2.91 31.41 -11.84
CA VAL I 196 -4.00 32.36 -12.03
C VAL I 196 -4.05 32.71 -13.51
N THR I 197 -5.25 32.87 -14.03
CA THR I 197 -5.47 33.26 -15.42
C THR I 197 -5.88 34.72 -15.47
N VAL I 198 -5.17 35.51 -16.28
CA VAL I 198 -5.39 36.95 -16.36
C VAL I 198 -5.50 37.33 -17.83
N PRO I 199 -6.06 38.51 -18.12
CA PRO I 199 -6.09 38.98 -19.51
C PRO I 199 -4.68 39.13 -20.06
N SER I 200 -4.46 38.57 -21.26
CA SER I 200 -3.12 38.63 -21.84
C SER I 200 -2.70 40.07 -22.12
N SER I 201 -3.67 40.97 -22.35
CA SER I 201 -3.35 42.39 -22.48
C SER I 201 -2.88 42.99 -21.17
N SER I 202 -3.22 42.38 -20.03
CA SER I 202 -2.78 42.87 -18.74
C SER I 202 -1.31 42.58 -18.46
N LEU I 203 -0.67 41.72 -19.26
CA LEU I 203 0.71 41.36 -18.98
C LEU I 203 1.65 42.55 -19.14
N GLY I 204 1.29 43.52 -19.99
CA GLY I 204 2.10 44.71 -20.16
C GLY I 204 1.71 45.88 -19.29
N THR I 205 0.68 45.75 -18.47
CA THR I 205 0.20 46.86 -17.64
C THR I 205 0.04 46.53 -16.17
N GLN I 206 -0.09 45.26 -15.79
CA GLN I 206 -0.35 44.88 -14.41
C GLN I 206 0.80 44.04 -13.88
N THR I 207 1.22 44.33 -12.65
CA THR I 207 2.25 43.55 -11.97
C THR I 207 1.61 42.43 -11.16
N TYR I 208 2.12 41.21 -11.33
CA TYR I 208 1.57 40.04 -10.67
C TYR I 208 2.60 39.47 -9.70
N ILE I 209 2.26 39.48 -8.42
CA ILE I 209 3.16 39.03 -7.35
C ILE I 209 2.40 38.02 -6.50
N CYS I 210 2.98 36.84 -6.30
CA CYS I 210 2.43 35.86 -5.39
C CYS I 210 3.10 36.01 -4.03
N ASN I 211 2.31 35.89 -2.97
CA ASN I 211 2.78 36.06 -1.61
C ASN I 211 2.70 34.71 -0.91
N VAL I 212 3.86 34.08 -0.72
CA VAL I 212 3.96 32.75 -0.14
C VAL I 212 4.40 32.88 1.31
N ASN I 213 3.65 32.26 2.22
CA ASN I 213 3.90 32.37 3.65
C ASN I 213 3.91 30.97 4.25
N HIS I 214 5.02 30.61 4.90
CA HIS I 214 5.20 29.31 5.55
C HIS I 214 5.53 29.56 7.02
N LYS I 215 4.48 29.70 7.83
CA LYS I 215 4.66 30.04 9.24
C LYS I 215 5.58 29.09 10.00
N PRO I 216 5.55 27.75 9.80
CA PRO I 216 6.44 26.88 10.57
C PRO I 216 7.91 27.27 10.53
N SER I 217 8.36 27.95 9.46
CA SER I 217 9.76 28.34 9.34
C SER I 217 9.94 29.85 9.35
N ASN I 218 8.91 30.62 9.68
CA ASN I 218 8.98 32.08 9.68
C ASN I 218 9.42 32.61 8.31
N THR I 219 8.83 32.05 7.26
CA THR I 219 9.23 32.34 5.89
C THR I 219 8.11 33.09 5.17
N LYS I 220 8.38 34.35 4.82
CA LYS I 220 7.49 35.13 3.98
C LYS I 220 8.25 35.51 2.72
N VAL I 221 7.71 35.15 1.56
CA VAL I 221 8.34 35.40 0.27
C VAL I 221 7.31 36.03 -0.66
N ASP I 222 7.71 37.11 -1.32
CA ASP I 222 6.95 37.71 -2.42
C ASP I 222 7.74 37.50 -3.70
N LYS I 223 7.09 36.98 -4.74
CA LYS I 223 7.75 36.68 -5.99
C LYS I 223 6.99 37.32 -7.14
N LYS I 224 7.67 38.17 -7.90
CA LYS I 224 7.08 38.77 -9.09
C LYS I 224 7.11 37.77 -10.23
N VAL I 225 6.02 37.74 -11.00
CA VAL I 225 5.88 36.81 -12.12
C VAL I 225 5.65 37.64 -13.37
N GLU I 226 6.65 37.67 -14.25
CA GLU I 226 6.60 38.46 -15.46
C GLU I 226 7.02 37.61 -16.64
N PRO I 227 6.66 38.00 -17.86
CA PRO I 227 7.00 37.19 -19.04
C PRO I 227 8.50 36.96 -19.15
N LYS I 228 8.86 35.86 -19.80
CA LYS I 228 10.25 35.47 -19.93
C LYS I 228 10.99 36.43 -20.85
N SER I 229 12.21 36.79 -20.45
CA SER I 229 13.06 37.67 -21.24
C SER I 229 14.15 36.87 -21.95
N CYS I 230 14.83 37.51 -22.89
CA CYS I 230 15.75 36.82 -23.77
C CYS I 230 17.14 37.45 -23.75
N ASP I 231 18.14 36.60 -23.92
CA ASP I 231 19.53 37.02 -24.12
C ASP I 231 20.37 35.80 -24.50
N LYS I 232 20.90 35.79 -25.73
CA LYS I 232 21.73 34.69 -26.20
C LYS I 232 23.17 34.77 -25.67
N GLU J 1 -12.63 -11.85 8.04
CA GLU J 1 -12.52 -10.42 7.78
C GLU J 1 -13.53 -10.00 6.71
N ILE J 2 -14.62 -9.37 7.14
CA ILE J 2 -15.66 -8.94 6.22
C ILE J 2 -15.21 -7.73 5.42
N VAL J 3 -15.39 -7.79 4.11
CA VAL J 3 -15.00 -6.71 3.19
C VAL J 3 -16.26 -6.02 2.70
N LEU J 4 -16.28 -4.69 2.80
CA LEU J 4 -17.37 -3.86 2.27
C LEU J 4 -16.86 -3.08 1.08
N THR J 5 -17.61 -3.13 -0.03
CA THR J 5 -17.26 -2.41 -1.25
C THR J 5 -18.42 -1.50 -1.63
N GLN J 6 -18.17 -0.19 -1.62
CA GLN J 6 -19.20 0.79 -1.95
C GLN J 6 -19.27 1.02 -3.46
N SER J 7 -20.44 1.49 -3.90
CA SER J 7 -20.71 1.66 -5.30
C SER J 7 -21.75 2.76 -5.44
N PRO J 8 -21.58 3.69 -6.39
CA PRO J 8 -20.40 3.77 -7.26
C PRO J 8 -19.26 4.53 -6.59
N GLY J 9 -18.14 4.69 -7.29
CA GLY J 9 -17.07 5.51 -6.74
C GLY J 9 -17.47 6.96 -6.57
N THR J 10 -18.13 7.53 -7.57
CA THR J 10 -18.55 8.92 -7.56
C THR J 10 -19.97 9.01 -8.09
N LEU J 11 -20.82 9.77 -7.40
CA LEU J 11 -22.18 10.02 -7.84
C LEU J 11 -22.25 11.45 -8.34
N SER J 12 -22.49 11.62 -9.64
CA SER J 12 -22.57 12.94 -10.26
C SER J 12 -24.04 13.30 -10.42
N LEU J 13 -24.56 14.15 -9.54
CA LEU J 13 -25.95 14.55 -9.59
C LEU J 13 -26.05 16.05 -9.37
N SER J 14 -27.19 16.61 -9.70
CA SER J 14 -27.50 18.01 -9.44
C SER J 14 -28.40 18.12 -8.22
N PRO J 15 -28.44 19.29 -7.57
CA PRO J 15 -29.28 19.43 -6.37
C PRO J 15 -30.74 19.17 -6.68
N GLY J 16 -31.43 18.59 -5.69
CA GLY J 16 -32.82 18.20 -5.82
C GLY J 16 -33.04 16.78 -6.28
N GLU J 17 -32.03 16.14 -6.88
CA GLU J 17 -32.19 14.80 -7.40
C GLU J 17 -32.06 13.76 -6.28
N ARG J 18 -32.44 12.53 -6.62
CA ARG J 18 -32.35 11.41 -5.68
C ARG J 18 -31.03 10.69 -5.85
N ALA J 19 -30.41 10.36 -4.71
CA ALA J 19 -29.09 9.73 -4.69
C ALA J 19 -29.21 8.41 -3.95
N THR J 20 -28.84 7.33 -4.63
CA THR J 20 -28.88 5.98 -4.06
C THR J 20 -27.48 5.39 -4.12
N LEU J 21 -26.89 5.12 -2.94
CA LEU J 21 -25.56 4.53 -2.84
C LEU J 21 -25.67 3.20 -2.11
N SER J 22 -24.85 2.24 -2.53
CA SER J 22 -24.90 0.88 -2.00
C SER J 22 -23.51 0.39 -1.59
N CYS J 23 -23.48 -0.55 -0.65
CA CYS J 23 -22.28 -1.32 -0.36
C CYS J 23 -22.62 -2.78 -0.20
N ARG J 24 -21.77 -3.65 -0.75
CA ARG J 24 -21.93 -5.10 -0.65
C ARG J 24 -20.88 -5.65 0.30
N ALA J 25 -21.27 -6.69 1.05
CA ALA J 25 -20.40 -7.32 2.04
C ALA J 25 -19.94 -8.69 1.53
N SER J 26 -18.66 -9.01 1.77
CA SER J 26 -18.11 -10.29 1.32
C SER J 26 -18.80 -11.46 2.00
N GLN J 27 -19.34 -11.25 3.20
CA GLN J 27 -20.11 -12.23 3.93
C GLN J 27 -21.41 -11.58 4.36
N THR J 28 -22.36 -12.40 4.79
CA THR J 28 -23.60 -11.86 5.32
C THR J 28 -23.32 -11.10 6.62
N VAL J 29 -23.98 -9.96 6.80
CA VAL J 29 -23.78 -9.10 7.96
C VAL J 29 -25.14 -8.74 8.53
N SER J 30 -25.24 -8.80 9.86
CA SER J 30 -26.49 -8.51 10.53
C SER J 30 -26.92 -7.06 10.25
N SER J 31 -28.23 -6.87 10.08
CA SER J 31 -28.74 -5.53 9.81
C SER J 31 -28.55 -4.61 11.00
N THR J 32 -28.49 -5.17 12.22
CA THR J 32 -28.33 -4.33 13.40
C THR J 32 -26.97 -3.65 13.44
N SER J 33 -25.93 -4.27 12.88
CA SER J 33 -24.57 -3.79 13.02
C SER J 33 -24.03 -3.10 11.76
N LEU J 34 -24.89 -2.42 11.00
CA LEU J 34 -24.46 -1.66 9.84
C LEU J 34 -24.75 -0.18 10.05
N ALA J 35 -23.81 0.67 9.65
CA ALA J 35 -23.92 2.11 9.88
C ALA J 35 -23.41 2.89 8.68
N TRP J 36 -23.96 4.08 8.49
CA TRP J 36 -23.56 5.00 7.42
C TRP J 36 -23.05 6.30 8.04
N TYR J 37 -21.97 6.84 7.46
CA TYR J 37 -21.39 8.09 7.94
C TYR J 37 -21.22 9.06 6.77
N GLN J 38 -21.26 10.35 7.10
CA GLN J 38 -21.01 11.42 6.14
C GLN J 38 -19.79 12.23 6.58
N GLN J 39 -18.97 12.63 5.61
CA GLN J 39 -17.79 13.44 5.89
C GLN J 39 -17.73 14.58 4.89
N LYS J 40 -18.04 15.80 5.33
CA LYS J 40 -17.96 16.96 4.46
C LYS J 40 -16.50 17.39 4.29
N PRO J 41 -16.17 18.02 3.17
CA PRO J 41 -14.76 18.38 2.91
C PRO J 41 -14.18 19.23 4.03
N GLY J 42 -13.14 18.69 4.67
CA GLY J 42 -12.45 19.39 5.73
C GLY J 42 -13.01 19.21 7.12
N GLN J 43 -14.01 18.35 7.30
CA GLN J 43 -14.63 18.15 8.60
C GLN J 43 -14.49 16.69 9.03
N ALA J 44 -14.77 16.45 10.31
CA ALA J 44 -14.80 15.09 10.83
C ALA J 44 -16.08 14.39 10.36
N PRO J 45 -16.05 13.07 10.24
CA PRO J 45 -17.27 12.35 9.87
C PRO J 45 -18.34 12.44 10.95
N ARG J 46 -19.60 12.43 10.50
CA ARG J 46 -20.74 12.40 11.42
C ARG J 46 -21.60 11.18 11.10
N LEU J 47 -22.22 10.62 12.13
CA LEU J 47 -23.08 9.46 11.96
C LEU J 47 -24.40 9.87 11.32
N LEU J 48 -24.78 9.15 10.27
CA LEU J 48 -26.06 9.37 9.60
C LEU J 48 -27.10 8.32 9.98
N ILE J 49 -26.76 7.05 9.82
CA ILE J 49 -27.71 5.96 10.02
C ILE J 49 -26.99 4.82 10.74
N TYR J 50 -27.68 4.21 11.70
CA TYR J 50 -27.19 3.03 12.40
C TYR J 50 -28.26 1.94 12.33
N GLY J 51 -27.82 0.70 12.48
CA GLY J 51 -28.75 -0.42 12.35
C GLY J 51 -29.40 -0.49 10.99
N ALA J 52 -28.66 -0.13 9.94
CA ALA J 52 -29.09 -0.22 8.54
C ALA J 52 -30.19 0.78 8.19
N SER J 53 -31.19 0.95 9.05
CA SER J 53 -32.35 1.77 8.74
C SER J 53 -32.67 2.86 9.75
N SER J 54 -32.11 2.82 10.96
CA SER J 54 -32.46 3.78 12.00
C SER J 54 -31.69 5.08 11.81
N ARG J 55 -32.42 6.19 11.90
CA ARG J 55 -31.85 7.51 11.66
C ARG J 55 -31.18 8.05 12.92
N ALA J 56 -29.99 8.63 12.75
CA ALA J 56 -29.26 9.19 13.88
C ALA J 56 -29.90 10.50 14.35
N THR J 57 -29.62 10.85 15.60
CA THR J 57 -30.22 12.03 16.21
C THR J 57 -29.79 13.30 15.47
N GLY J 58 -30.77 14.08 15.02
CA GLY J 58 -30.52 15.33 14.34
C GLY J 58 -30.47 15.24 12.83
N ILE J 59 -30.38 14.05 12.26
CA ILE J 59 -30.28 13.91 10.80
C ILE J 59 -31.64 14.21 10.18
N PRO J 60 -31.71 14.99 9.10
CA PRO J 60 -33.00 15.34 8.50
C PRO J 60 -33.61 14.20 7.71
N ASP J 61 -34.90 14.37 7.37
CA ASP J 61 -35.71 13.32 6.78
C ASP J 61 -35.25 12.88 5.39
N ARG J 62 -34.26 13.55 4.80
CA ARG J 62 -33.87 13.21 3.44
C ARG J 62 -33.06 11.92 3.39
N PHE J 63 -32.51 11.49 4.51
CA PHE J 63 -31.67 10.31 4.58
C PHE J 63 -32.47 9.09 5.00
N SER J 64 -32.10 7.94 4.47
CA SER J 64 -32.78 6.70 4.78
C SER J 64 -31.93 5.54 4.31
N GLY J 65 -31.88 4.48 5.11
CA GLY J 65 -31.08 3.32 4.80
C GLY J 65 -31.95 2.07 4.78
N SER J 66 -31.53 1.10 3.98
CA SER J 66 -32.26 -0.15 3.87
C SER J 66 -31.32 -1.23 3.40
N GLY J 67 -31.83 -2.46 3.38
CA GLY J 67 -31.07 -3.61 2.94
C GLY J 67 -30.88 -4.63 4.04
N SER J 68 -30.33 -5.77 3.64
CA SER J 68 -30.08 -6.87 4.56
C SER J 68 -29.11 -7.83 3.90
N GLY J 69 -28.64 -8.79 4.69
CA GLY J 69 -27.72 -9.80 4.16
C GLY J 69 -26.40 -9.23 3.72
N THR J 70 -26.30 -8.82 2.45
CA THR J 70 -25.07 -8.30 1.90
C THR J 70 -25.23 -7.01 1.10
N ASP J 71 -26.43 -6.60 0.75
CA ASP J 71 -26.66 -5.43 -0.10
C ASP J 71 -27.43 -4.39 0.70
N PHE J 72 -26.74 -3.34 1.14
CA PHE J 72 -27.34 -2.24 1.88
C PHE J 72 -27.21 -0.96 1.05
N THR J 73 -28.25 -0.15 1.07
CA THR J 73 -28.26 1.07 0.28
C THR J 73 -28.59 2.28 1.15
N LEU J 74 -27.93 3.39 0.87
CA LEU J 74 -28.22 4.68 1.48
C LEU J 74 -28.84 5.58 0.41
N THR J 75 -29.99 6.17 0.72
CA THR J 75 -30.72 6.99 -0.22
C THR J 75 -30.93 8.39 0.33
N ILE J 76 -30.93 9.37 -0.57
CA ILE J 76 -31.17 10.77 -0.25
C ILE J 76 -32.29 11.25 -1.16
N SER J 77 -33.47 11.51 -0.56
CA SER J 77 -34.66 11.81 -1.34
C SER J 77 -34.45 13.01 -2.26
N ARG J 78 -34.12 14.15 -1.67
CA ARG J 78 -33.90 15.38 -2.42
C ARG J 78 -32.55 15.96 -2.05
N LEU J 79 -31.63 16.00 -3.01
CA LEU J 79 -30.30 16.53 -2.75
C LEU J 79 -30.34 18.03 -2.47
N GLU J 80 -29.39 18.47 -1.65
CA GLU J 80 -29.26 19.88 -1.30
C GLU J 80 -27.79 20.25 -1.36
N PRO J 81 -27.45 21.55 -1.35
CA PRO J 81 -26.03 21.93 -1.44
C PRO J 81 -25.15 21.30 -0.38
N GLU J 82 -25.60 21.27 0.88
CA GLU J 82 -24.76 20.71 1.94
C GLU J 82 -24.63 19.20 1.87
N ASP J 83 -25.39 18.53 0.99
CA ASP J 83 -25.41 17.08 0.92
C ASP J 83 -24.24 16.51 0.10
N PHE J 84 -23.54 17.34 -0.66
CA PHE J 84 -22.48 16.86 -1.53
C PHE J 84 -21.22 16.64 -0.69
N ALA J 85 -20.91 15.38 -0.41
CA ALA J 85 -19.76 15.04 0.43
C ALA J 85 -19.35 13.60 0.11
N VAL J 86 -18.65 12.96 1.04
CA VAL J 86 -18.26 11.56 0.93
C VAL J 86 -18.97 10.78 2.01
N TYR J 87 -19.52 9.62 1.64
CA TYR J 87 -20.31 8.79 2.54
C TYR J 87 -19.65 7.43 2.71
N TYR J 88 -19.66 6.93 3.94
CA TYR J 88 -18.95 5.70 4.30
C TYR J 88 -19.90 4.66 4.87
N CYS J 89 -19.73 3.43 4.39
CA CYS J 89 -20.47 2.26 4.85
C CYS J 89 -19.61 1.52 5.88
N GLN J 90 -20.24 1.08 6.98
CA GLN J 90 -19.51 0.50 8.10
C GLN J 90 -20.30 -0.63 8.75
N GLN J 91 -19.59 -1.70 9.12
CA GLN J 91 -20.20 -2.84 9.80
C GLN J 91 -19.36 -3.24 11.01
N HIS J 92 -20.03 -3.79 12.02
CA HIS J 92 -19.32 -4.42 13.14
C HIS J 92 -19.98 -5.73 13.52
N ASP J 93 -20.41 -6.51 12.52
CA ASP J 93 -20.85 -7.88 12.74
C ASP J 93 -19.70 -8.71 13.29
N THR J 94 -18.67 -8.91 12.49
CA THR J 94 -17.43 -9.52 12.93
C THR J 94 -16.32 -8.50 12.78
N SER J 95 -15.67 -8.17 13.88
CA SER J 95 -14.64 -7.12 13.96
C SER J 95 -15.30 -5.79 13.56
N LEU J 96 -14.63 -4.94 12.79
CA LEU J 96 -15.21 -3.66 12.38
C LEU J 96 -14.45 -3.18 11.16
N THR J 97 -15.17 -2.92 10.07
CA THR J 97 -14.55 -2.47 8.83
C THR J 97 -15.38 -1.34 8.22
N PHE J 98 -14.73 -0.57 7.35
CA PHE J 98 -15.35 0.52 6.64
C PHE J 98 -15.38 0.24 5.14
N GLY J 99 -16.32 0.90 4.46
CA GLY J 99 -16.34 0.86 3.01
C GLY J 99 -15.38 1.86 2.42
N GLY J 100 -15.14 1.72 1.11
CA GLY J 100 -14.24 2.62 0.43
C GLY J 100 -14.71 4.05 0.43
N GLY J 101 -16.02 4.27 0.49
CA GLY J 101 -16.56 5.62 0.43
C GLY J 101 -17.08 5.99 -0.94
N THR J 102 -18.20 6.72 -0.98
CA THR J 102 -18.78 7.21 -2.22
C THR J 102 -18.87 8.72 -2.15
N LYS J 103 -18.39 9.40 -3.18
CA LYS J 103 -18.43 10.85 -3.27
C LYS J 103 -19.61 11.30 -4.11
N VAL J 104 -20.38 12.26 -3.59
CA VAL J 104 -21.52 12.83 -4.30
C VAL J 104 -21.09 14.21 -4.79
N GLU J 105 -20.88 14.33 -6.09
CA GLU J 105 -20.41 15.56 -6.71
C GLU J 105 -21.55 16.28 -7.44
N ILE J 106 -21.32 17.57 -7.67
CA ILE J 106 -22.27 18.40 -8.40
C ILE J 106 -22.15 18.11 -9.89
N LYS J 107 -23.22 17.61 -10.48
CA LYS J 107 -23.22 17.33 -11.92
C LYS J 107 -23.36 18.62 -12.71
N ARG J 108 -22.67 18.68 -13.84
CA ARG J 108 -22.76 19.81 -14.75
C ARG J 108 -22.47 19.33 -16.17
N THR J 109 -22.56 20.28 -17.11
CA THR J 109 -22.24 19.98 -18.49
C THR J 109 -20.75 19.73 -18.66
N VAL J 110 -20.39 18.98 -19.70
CA VAL J 110 -19.00 18.66 -19.96
C VAL J 110 -18.26 19.93 -20.36
N ALA J 111 -17.03 20.08 -19.86
CA ALA J 111 -16.20 21.23 -20.17
C ALA J 111 -14.78 20.75 -20.45
N ALA J 112 -14.28 21.05 -21.66
CA ALA J 112 -12.95 20.62 -22.05
C ALA J 112 -11.89 21.47 -21.34
N PRO J 113 -10.75 20.88 -20.98
CA PRO J 113 -9.72 21.63 -20.26
C PRO J 113 -8.92 22.54 -21.19
N SER J 114 -8.44 23.65 -20.62
CA SER J 114 -7.43 24.48 -21.25
C SER J 114 -6.06 24.05 -20.74
N VAL J 115 -5.18 23.66 -21.65
CA VAL J 115 -3.90 23.05 -21.30
C VAL J 115 -2.79 24.06 -21.53
N PHE J 116 -1.93 24.22 -20.53
CA PHE J 116 -0.80 25.14 -20.60
C PHE J 116 0.42 24.43 -20.04
N ILE J 117 1.59 24.78 -20.57
CA ILE J 117 2.84 24.17 -20.15
C ILE J 117 3.81 25.27 -19.73
N PHE J 118 4.56 24.99 -18.66
CA PHE J 118 5.48 25.96 -18.07
C PHE J 118 6.87 25.35 -17.99
N PRO J 119 7.86 25.92 -18.69
CA PRO J 119 9.23 25.44 -18.54
C PRO J 119 9.80 25.82 -17.18
N PRO J 120 10.84 25.14 -16.72
CA PRO J 120 11.44 25.51 -15.43
C PRO J 120 12.09 26.89 -15.48
N SER J 121 11.93 27.63 -14.39
CA SER J 121 12.50 28.96 -14.32
C SER J 121 14.02 28.89 -14.30
N ASP J 122 14.65 29.96 -14.80
CA ASP J 122 16.10 30.04 -14.76
C ASP J 122 16.62 30.07 -13.33
N GLU J 123 15.83 30.63 -12.40
CA GLU J 123 16.24 30.63 -10.99
C GLU J 123 16.32 29.22 -10.44
N GLN J 124 15.30 28.40 -10.71
CA GLN J 124 15.29 27.03 -10.20
C GLN J 124 16.40 26.20 -10.81
N LEU J 125 16.68 26.41 -12.11
CA LEU J 125 17.76 25.68 -12.75
C LEU J 125 19.10 25.96 -12.09
N LYS J 126 19.29 27.16 -11.52
CA LYS J 126 20.52 27.44 -10.78
C LYS J 126 20.62 26.62 -9.50
N SER J 127 19.50 26.11 -8.99
CA SER J 127 19.52 25.23 -7.82
C SER J 127 19.91 23.80 -8.18
N GLY J 128 19.89 23.45 -9.46
CA GLY J 128 20.22 22.11 -9.90
C GLY J 128 19.02 21.22 -10.13
N THR J 129 17.81 21.75 -10.04
CA THR J 129 16.59 20.98 -10.22
C THR J 129 15.70 21.68 -11.24
N ALA J 130 15.06 20.89 -12.09
CA ALA J 130 14.13 21.40 -13.10
C ALA J 130 12.77 20.78 -12.88
N SER J 131 11.75 21.63 -12.77
CA SER J 131 10.36 21.19 -12.66
C SER J 131 9.57 21.74 -13.83
N VAL J 132 9.01 20.86 -14.64
CA VAL J 132 8.11 21.21 -15.73
C VAL J 132 6.68 21.02 -15.23
N VAL J 133 5.81 21.98 -15.51
CA VAL J 133 4.45 22.00 -14.99
C VAL J 133 3.48 22.02 -16.14
N CYS J 134 2.48 21.14 -16.09
CA CYS J 134 1.40 21.05 -17.07
C CYS J 134 0.11 21.38 -16.34
N LEU J 135 -0.60 22.40 -16.80
CA LEU J 135 -1.81 22.88 -16.14
C LEU J 135 -3.03 22.54 -16.99
N LEU J 136 -3.99 21.86 -16.37
CA LEU J 136 -5.31 21.60 -16.97
C LEU J 136 -6.31 22.43 -16.17
N ASN J 137 -6.97 23.37 -16.84
CA ASN J 137 -7.71 24.42 -16.16
C ASN J 137 -9.19 24.35 -16.48
N ASN J 138 -10.03 24.34 -15.43
CA ASN J 138 -11.47 24.49 -15.52
C ASN J 138 -12.09 23.51 -16.51
N PHE J 139 -12.09 22.25 -16.09
CA PHE J 139 -12.64 21.17 -16.89
C PHE J 139 -13.63 20.35 -16.07
N TYR J 140 -14.42 19.54 -16.78
CA TYR J 140 -15.37 18.62 -16.19
C TYR J 140 -15.67 17.54 -17.21
N PRO J 141 -15.77 16.26 -16.82
CA PRO J 141 -15.65 15.75 -15.46
C PRO J 141 -14.21 15.63 -14.99
N ARG J 142 -14.03 14.98 -13.83
CA ARG J 142 -12.74 14.99 -13.16
C ARG J 142 -11.71 14.11 -13.86
N GLU J 143 -12.17 13.09 -14.58
CA GLU J 143 -11.27 12.12 -15.22
C GLU J 143 -10.46 12.81 -16.32
N ALA J 144 -9.14 12.90 -16.11
CA ALA J 144 -8.24 13.47 -17.09
C ALA J 144 -6.91 12.73 -17.01
N LYS J 145 -6.29 12.49 -18.16
CA LYS J 145 -5.03 11.75 -18.25
C LYS J 145 -3.94 12.66 -18.78
N VAL J 146 -2.82 12.72 -18.08
CA VAL J 146 -1.65 13.49 -18.49
C VAL J 146 -0.52 12.54 -18.76
N GLN J 147 0.12 12.77 -19.90
CA GLN J 147 1.15 11.90 -20.43
C GLN J 147 2.37 12.73 -20.82
N TRP J 148 3.42 12.69 -19.99
CA TRP J 148 4.62 13.47 -20.28
C TRP J 148 5.46 12.80 -21.35
N LYS J 149 5.94 13.60 -22.31
CA LYS J 149 6.81 13.11 -23.38
C LYS J 149 8.02 14.03 -23.46
N VAL J 150 9.21 13.43 -23.37
CA VAL J 150 10.47 14.16 -23.48
C VAL J 150 11.21 13.58 -24.67
N ASP J 151 11.31 14.37 -25.76
CA ASP J 151 11.84 13.89 -27.03
C ASP J 151 11.07 12.65 -27.51
N ASN J 152 9.74 12.75 -27.44
CA ASN J 152 8.81 11.71 -27.85
C ASN J 152 8.93 10.43 -27.02
N ALA J 153 9.65 10.47 -25.91
CA ALA J 153 9.76 9.35 -25.00
C ALA J 153 8.75 9.53 -23.87
N LEU J 154 7.88 8.56 -23.73
CA LEU J 154 6.84 8.56 -22.72
C LEU J 154 7.44 8.46 -21.33
N GLN J 155 7.19 9.45 -20.49
CA GLN J 155 7.74 9.45 -19.14
C GLN J 155 6.73 8.82 -18.17
N SER J 156 7.26 8.06 -17.21
CA SER J 156 6.42 7.42 -16.20
C SER J 156 7.18 7.38 -14.89
N GLY J 157 6.48 7.67 -13.79
CA GLY J 157 7.07 7.60 -12.47
C GLY J 157 7.85 8.82 -12.03
N ASN J 158 8.02 9.82 -12.91
CA ASN J 158 8.76 11.02 -12.59
C ASN J 158 7.87 12.26 -12.58
N SER J 159 6.56 12.07 -12.41
CA SER J 159 5.62 13.19 -12.38
C SER J 159 4.60 12.95 -11.28
N GLN J 160 4.21 14.03 -10.60
CA GLN J 160 3.14 14.01 -9.63
C GLN J 160 2.07 15.00 -10.06
N GLU J 161 0.82 14.72 -9.70
CA GLU J 161 -0.25 15.65 -10.02
C GLU J 161 -1.13 15.89 -8.80
N SER J 162 -1.93 16.95 -8.89
CA SER J 162 -2.78 17.40 -7.81
C SER J 162 -4.01 18.07 -8.41
N VAL J 163 -5.16 17.85 -7.80
CA VAL J 163 -6.44 18.30 -8.33
C VAL J 163 -7.13 19.16 -7.29
N THR J 164 -7.75 20.26 -7.74
CA THR J 164 -8.52 21.11 -6.87
C THR J 164 -9.89 20.49 -6.60
N GLU J 165 -10.62 21.10 -5.67
CA GLU J 165 -12.00 20.73 -5.45
C GLU J 165 -12.89 21.38 -6.51
N GLN J 166 -14.13 20.92 -6.58
CA GLN J 166 -15.09 21.53 -7.47
C GLN J 166 -15.19 23.03 -7.16
N ASP J 167 -15.02 23.85 -8.18
CA ASP J 167 -15.09 25.28 -7.97
C ASP J 167 -16.50 25.68 -7.53
N SER J 168 -16.58 26.53 -6.51
CA SER J 168 -17.86 26.89 -5.93
C SER J 168 -18.79 27.60 -6.91
N LYS J 169 -18.25 28.13 -8.00
CA LYS J 169 -19.05 28.88 -8.97
C LYS J 169 -19.47 28.03 -10.16
N ASP J 170 -18.51 27.43 -10.86
CA ASP J 170 -18.80 26.67 -12.07
C ASP J 170 -18.63 25.17 -11.92
N SER J 171 -18.31 24.68 -10.71
CA SER J 171 -18.26 23.25 -10.43
C SER J 171 -17.28 22.51 -11.34
N THR J 172 -16.23 23.18 -11.78
CA THR J 172 -15.19 22.55 -12.59
C THR J 172 -14.01 22.15 -11.70
N TYR J 173 -13.12 21.36 -12.29
CA TYR J 173 -11.88 20.94 -11.63
C TYR J 173 -10.68 21.56 -12.35
N SER J 174 -9.55 21.57 -11.65
CA SER J 174 -8.28 21.93 -12.26
C SER J 174 -7.20 20.97 -11.75
N LEU J 175 -6.24 20.68 -12.63
CA LEU J 175 -5.21 19.69 -12.35
C LEU J 175 -3.85 20.26 -12.68
N SER J 176 -2.86 19.94 -11.84
CA SER J 176 -1.49 20.39 -12.03
C SER J 176 -0.58 19.16 -12.00
N SER J 177 0.06 18.85 -13.13
CA SER J 177 0.98 17.73 -13.22
C SER J 177 2.39 18.29 -13.34
N THR J 178 3.28 17.88 -12.44
CA THR J 178 4.63 18.42 -12.34
C THR J 178 5.64 17.32 -12.66
N LEU J 179 6.37 17.50 -13.76
CA LEU J 179 7.47 16.61 -14.14
C LEU J 179 8.75 17.13 -13.53
N THR J 180 9.51 16.24 -12.87
CA THR J 180 10.71 16.64 -12.15
C THR J 180 11.92 15.96 -12.77
N LEU J 181 12.91 16.76 -13.17
CA LEU J 181 14.19 16.25 -13.63
C LEU J 181 15.31 17.00 -12.92
N SER J 182 16.51 16.43 -12.99
CA SER J 182 17.68 17.18 -12.58
C SER J 182 18.07 18.15 -13.68
N LYS J 183 18.86 19.17 -13.30
CA LYS J 183 19.34 20.12 -14.31
C LYS J 183 20.12 19.41 -15.41
N ALA J 184 20.96 18.44 -15.04
CA ALA J 184 21.72 17.71 -16.04
C ALA J 184 20.80 16.97 -17.02
N ASP J 185 19.84 16.21 -16.48
CA ASP J 185 18.91 15.49 -17.36
C ASP J 185 18.07 16.46 -18.17
N TYR J 186 17.69 17.60 -17.58
CA TYR J 186 16.88 18.57 -18.30
C TYR J 186 17.63 19.17 -19.49
N GLU J 187 18.94 19.35 -19.36
CA GLU J 187 19.74 19.95 -20.42
C GLU J 187 20.13 18.96 -21.50
N LYS J 188 19.80 17.67 -21.33
CA LYS J 188 20.11 16.65 -22.33
C LYS J 188 19.04 16.50 -23.40
N HIS J 189 17.90 17.19 -23.28
CA HIS J 189 16.78 16.94 -24.16
C HIS J 189 16.16 18.25 -24.63
N LYS J 190 15.48 18.19 -25.76
CA LYS J 190 14.95 19.36 -26.46
C LYS J 190 13.45 19.53 -26.24
N VAL J 191 12.64 18.60 -26.72
CA VAL J 191 11.19 18.77 -26.77
C VAL J 191 10.57 18.23 -25.50
N TYR J 192 9.88 19.10 -24.76
CA TYR J 192 9.15 18.74 -23.56
C TYR J 192 7.66 18.99 -23.80
N ALA J 193 6.84 17.98 -23.55
CA ALA J 193 5.42 18.08 -23.86
C ALA J 193 4.60 17.25 -22.90
N CYS J 194 3.33 17.65 -22.72
CA CYS J 194 2.35 16.86 -22.00
CA CYS J 194 2.35 16.86 -22.00
C CYS J 194 1.11 16.70 -22.88
N GLU J 195 0.63 15.47 -22.98
CA GLU J 195 -0.52 15.12 -23.81
C GLU J 195 -1.72 14.88 -22.91
N VAL J 196 -2.77 15.65 -23.10
CA VAL J 196 -3.95 15.63 -22.25
C VAL J 196 -5.10 14.97 -23.01
N THR J 197 -5.61 13.88 -22.47
CA THR J 197 -6.81 13.24 -23.00
C THR J 197 -7.95 13.46 -22.01
N HIS J 198 -9.10 13.89 -22.53
CA HIS J 198 -10.25 14.20 -21.69
C HIS J 198 -11.51 14.08 -22.53
N GLN J 199 -12.63 13.85 -21.84
CA GLN J 199 -13.90 13.61 -22.53
C GLN J 199 -14.30 14.80 -23.39
N GLY J 200 -14.03 16.02 -22.93
CA GLY J 200 -14.39 17.21 -23.69
C GLY J 200 -13.53 17.47 -24.91
N LEU J 201 -12.45 16.71 -25.09
CA LEU J 201 -11.57 16.88 -26.23
C LEU J 201 -11.84 15.76 -27.23
N SER J 202 -12.13 16.14 -28.48
CA SER J 202 -12.35 15.14 -29.53
C SER J 202 -11.10 14.32 -29.78
N SER J 203 -9.93 14.93 -29.65
CA SER J 203 -8.64 14.26 -29.81
C SER J 203 -7.68 14.80 -28.76
N PRO J 204 -6.69 14.02 -28.35
CA PRO J 204 -5.75 14.48 -27.32
C PRO J 204 -5.05 15.77 -27.74
N VAL J 205 -4.96 16.70 -26.79
CA VAL J 205 -4.33 17.99 -26.99
C VAL J 205 -2.93 17.93 -26.40
N THR J 206 -1.94 18.39 -27.16
CA THR J 206 -0.55 18.39 -26.74
C THR J 206 -0.02 19.81 -26.71
N LYS J 207 0.55 20.21 -25.57
CA LYS J 207 1.27 21.47 -25.42
C LYS J 207 2.75 21.14 -25.20
N SER J 208 3.62 21.85 -25.93
CA SER J 208 5.03 21.52 -25.94
C SER J 208 5.86 22.80 -26.03
N PHE J 209 7.13 22.65 -25.62
CA PHE J 209 8.13 23.69 -25.80
C PHE J 209 9.47 23.04 -26.06
N ASN J 210 10.37 23.80 -26.67
CA ASN J 210 11.76 23.37 -26.84
C ASN J 210 12.63 24.16 -25.87
N ARG J 211 13.54 23.47 -25.20
CA ARG J 211 14.42 24.13 -24.24
C ARG J 211 15.24 25.21 -24.94
N GLY J 212 15.10 26.44 -24.49
CA GLY J 212 15.85 27.55 -25.04
C GLY J 212 15.17 28.32 -26.14
N GLU J 213 13.99 27.88 -26.59
CA GLU J 213 13.22 28.67 -27.54
C GLU J 213 12.79 29.98 -26.90
N CYS J 214 12.93 31.06 -27.65
CA CYS J 214 12.88 32.37 -27.02
C CYS J 214 12.21 33.41 -27.92
C1 NAG K . 36.60 -6.92 -5.41
C2 NAG K . 37.55 -8.07 -5.20
C3 NAG K . 37.96 -8.66 -6.55
C4 NAG K . 36.73 -9.04 -7.37
C5 NAG K . 35.76 -7.85 -7.46
C6 NAG K . 34.43 -8.24 -8.07
C7 NAG K . 39.13 -8.25 -3.32
C8 NAG K . 40.36 -7.69 -2.68
N2 NAG K . 38.73 -7.66 -4.45
O3 NAG K . 38.77 -9.82 -6.33
O4 NAG K . 37.11 -9.42 -8.68
O5 NAG K . 35.46 -7.35 -6.15
O6 NAG K . 33.70 -9.08 -7.20
O7 NAG K . 38.52 -9.20 -2.84
C1 NAG K . 36.76 -10.81 -8.85
C2 NAG K . 36.42 -11.08 -10.31
C3 NAG K . 36.12 -12.56 -10.52
C4 NAG K . 37.20 -13.45 -9.92
C5 NAG K . 37.55 -13.02 -8.50
C6 NAG K . 38.76 -13.74 -7.95
C7 NAG K . 35.44 -9.16 -11.47
C8 NAG K . 34.16 -8.46 -11.85
N2 NAG K . 35.30 -10.27 -10.75
O3 NAG K . 35.98 -12.82 -11.91
O4 NAG K . 36.67 -14.77 -9.81
O5 NAG K . 37.84 -11.62 -8.46
O6 NAG K . 38.98 -13.39 -6.59
O7 NAG K . 36.54 -8.73 -11.80
C1 BMA K . 36.99 -15.71 -10.86
C2 BMA K . 36.47 -17.02 -10.23
C3 BMA K . 36.19 -18.14 -11.23
C4 BMA K . 35.64 -17.63 -12.57
C5 BMA K . 36.47 -16.44 -13.10
C6 BMA K . 35.92 -15.92 -14.44
O2 BMA K . 35.23 -16.77 -9.58
O3 BMA K . 35.24 -19.03 -10.64
O4 BMA K . 35.64 -18.69 -13.52
O5 BMA K . 36.42 -15.38 -12.11
O6 BMA K . 36.51 -14.65 -14.75
C1 MAN K . 35.64 -20.42 -10.68
C2 MAN K . 34.34 -21.22 -10.52
C3 MAN K . 33.84 -21.09 -9.07
C4 MAN K . 34.93 -21.54 -8.09
C5 MAN K . 36.19 -20.68 -8.29
C6 MAN K . 37.35 -21.14 -7.41
O2 MAN K . 34.55 -22.63 -10.74
O3 MAN K . 32.63 -21.82 -8.86
O4 MAN K . 34.47 -21.40 -6.76
O5 MAN K . 36.62 -20.74 -9.69
O6 MAN K . 38.41 -20.19 -7.54
C1 MAN K . 37.18 -14.74 -16.03
C2 MAN K . 38.52 -13.95 -15.91
C3 MAN K . 38.22 -12.47 -15.88
C4 MAN K . 37.47 -12.06 -17.14
C5 MAN K . 36.13 -12.82 -17.20
C6 MAN K . 35.37 -12.56 -18.48
O2 MAN K . 39.35 -14.16 -17.06
O3 MAN K . 39.41 -11.69 -15.73
O4 MAN K . 37.23 -10.67 -17.13
O5 MAN K . 36.37 -14.26 -17.12
O6 MAN K . 35.41 -11.17 -18.75
C1 FUC K . 32.58 -9.67 -7.85
C2 FUC K . 32.31 -10.97 -7.10
C3 FUC K . 31.97 -10.67 -5.63
C4 FUC K . 30.78 -9.70 -5.55
C5 FUC K . 31.05 -8.46 -6.43
C6 FUC K . 29.83 -7.57 -6.59
O2 FUC K . 33.42 -11.87 -7.19
O3 FUC K . 31.60 -11.85 -4.93
O4 FUC K . 29.59 -10.36 -5.98
O5 FUC K . 31.47 -8.82 -7.77
C1 NAG L . -31.26 2.64 22.56
C2 NAG L . -31.70 3.38 23.83
C3 NAG L . -32.72 4.46 23.48
C4 NAG L . -32.20 5.37 22.37
C5 NAG L . -31.69 4.55 21.18
C6 NAG L . -30.98 5.40 20.14
C7 NAG L . -31.85 2.41 26.07
C8 NAG L . -32.53 1.39 26.94
N2 NAG L . -32.25 2.45 24.80
O3 NAG L . -33.00 5.23 24.64
O4 NAG L . -33.24 6.22 21.91
O5 NAG L . -30.75 3.58 21.63
O6 NAG L . -29.75 5.90 20.66
O7 NAG L . -30.97 3.15 26.51
C1 NAG L . -32.84 7.58 22.20
C2 NAG L . -33.51 8.52 21.20
C3 NAG L . -33.11 9.96 21.51
C4 NAG L . -33.37 10.31 22.97
C5 NAG L . -32.80 9.23 23.90
C6 NAG L . -33.22 9.42 25.35
C7 NAG L . -33.93 7.48 19.03
C8 NAG L . -33.41 7.23 17.65
N2 NAG L . -33.14 8.18 19.83
O3 NAG L . -33.85 10.84 20.66
O4 NAG L . -32.68 11.51 23.29
O5 NAG L . -33.24 7.93 23.52
O6 NAG L . -32.61 8.44 26.18
O7 NAG L . -35.02 7.05 19.40
C1 BMA L . -33.44 12.72 23.21
C2 BMA L . -32.47 13.72 23.87
C3 BMA L . -32.75 15.18 23.52
C4 BMA L . -33.17 15.36 22.05
C5 BMA L . -34.29 14.38 21.68
C6 BMA L . -34.74 14.54 20.21
O2 BMA L . -31.14 13.46 23.44
O3 BMA L . -31.56 15.94 23.75
O4 BMA L . -33.61 16.70 21.83
O5 BMA L . -33.79 13.05 21.87
O6 BMA L . -35.68 13.51 19.86
C1 MAN L . -31.67 16.73 24.95
C2 MAN L . -30.74 17.97 24.76
C3 MAN L . -29.28 17.53 24.88
C4 MAN L . -29.04 16.80 26.21
C5 MAN L . -29.96 15.57 26.31
C6 MAN L . -29.85 14.88 27.65
O2 MAN L . -30.95 18.96 25.76
O3 MAN L . -28.38 18.63 24.72
O4 MAN L . -27.67 16.39 26.31
O5 MAN L . -31.35 15.97 26.13
O6 MAN L . -30.64 13.69 27.62
C1 MAN L . -36.95 14.12 19.52
C2 MAN L . -38.07 13.22 20.12
C3 MAN L . -38.21 11.94 19.30
C4 MAN L . -38.50 12.30 17.85
C5 MAN L . -37.33 13.12 17.27
C6 MAN L . -37.59 13.60 15.86
O2 MAN L . -39.35 13.85 20.06
O3 MAN L . -39.22 11.07 19.81
O4 MAN L . -38.66 11.11 17.07
O5 MAN L . -37.11 14.31 18.10
O6 MAN L . -38.10 12.52 15.10
C1 FUC L . -29.21 6.92 19.81
C2 FUC L . -28.28 7.78 20.66
C3 FUC L . -27.13 6.92 21.20
C4 FUC L . -26.38 6.24 20.05
C5 FUC L . -27.36 5.51 19.12
C6 FUC L . -26.72 5.06 17.83
O2 FUC L . -28.98 8.43 21.72
O3 FUC L . -26.19 7.73 21.92
O4 FUC L . -25.63 7.20 19.30
O5 FUC L . -28.49 6.34 18.75
N1 IMD M . 38.78 -2.95 -6.37
C2 IMD M . 38.43 -2.30 -7.50
N3 IMD M . 39.54 -1.78 -8.07
C4 IMD M . 40.60 -2.11 -7.30
C5 IMD M . 40.13 -2.85 -6.23
CL CL N . 32.63 45.05 13.99
CL CL O . 37.13 25.55 3.25
N GLU P . 37.22 28.15 15.82
CA GLU P . 35.88 27.67 15.54
C GLU P . 35.77 27.11 14.11
O GLU P . 36.49 27.52 13.19
CB GLU P . 34.86 28.80 15.77
CG GLU P . 35.50 30.08 16.33
CD GLU P . 34.49 31.07 16.92
OE1 GLU P . 34.12 32.04 16.22
OE2 GLU P . 34.10 30.89 18.08
OXT GLU P . 34.97 26.22 13.83
N GLY Q . 30.20 23.84 2.61
CA GLY Q . 29.88 22.70 1.77
C GLY Q . 29.74 23.06 0.30
O GLY Q . 29.78 24.23 -0.08
OXT GLY Q . 29.57 22.18 -0.55
C1 PGE R . 25.31 57.78 12.35
O1 PGE R . 26.23 58.74 11.83
C2 PGE R . 25.98 56.43 12.48
O2 PGE R . 26.55 56.28 13.76
C3 PGE R . 27.97 56.20 13.76
C4 PGE R . 28.61 57.59 13.69
O4 PGE R . 27.32 61.15 15.18
C6 PGE R . 27.92 60.28 16.14
C5 PGE R . 28.75 59.24 15.41
O3 PGE R . 27.92 58.52 14.50
CL CL S . 42.37 40.29 15.05
CL CL T . 34.94 44.91 18.01
C1 GOL U . 35.50 5.65 7.94
O1 GOL U . 35.11 4.33 8.20
C2 GOL U . 36.27 5.65 6.59
O2 GOL U . 35.54 5.03 5.58
C3 GOL U . 36.53 7.15 6.26
O3 GOL U . 35.43 7.62 5.55
N1 IMD V . 23.55 -2.71 3.85
C2 IMD V . 23.43 -3.14 5.13
N3 IMD V . 22.99 -2.10 5.88
C4 IMD V . 22.84 -1.03 5.08
C5 IMD V . 23.19 -1.41 3.80
N GLY W . 7.31 -4.93 23.92
CA GLY W . 7.95 -5.75 22.91
C GLY W . 7.36 -5.58 21.51
O GLY W . 8.01 -5.02 20.62
OXT GLY W . 6.23 -6.00 21.23
N1 IMD X . 27.24 -16.06 14.61
C2 IMD X . 28.40 -15.69 14.02
N3 IMD X . 29.20 -15.13 14.95
C4 IMD X . 28.55 -15.15 16.14
C5 IMD X . 27.31 -15.75 15.92
CL CL Y . 0.08 -17.01 -22.21
O1 PG4 Z . 1.86 -4.42 -14.44
C1 PG4 Z . 3.10 -4.26 -15.06
C2 PG4 Z . 3.51 -2.78 -15.10
O2 PG4 Z . 4.90 -2.66 -14.94
C3 PG4 Z . 5.30 -1.86 -13.86
C4 PG4 Z . 6.69 -2.31 -13.38
O3 PG4 Z . 6.50 -3.49 -12.65
C5 PG4 Z . 6.82 -3.46 -11.29
C6 PG4 Z . 7.16 -4.89 -10.87
O4 PG4 Z . 6.06 -5.71 -11.14
C7 PG4 Z . 6.16 -7.04 -10.70
C8 PG4 Z . 6.37 -7.96 -11.90
O5 PG4 Z . 6.96 -9.17 -11.53
N GLY AA . 10.72 -0.24 -1.93
CA GLY AA . 11.45 0.32 -0.80
C GLY AA . 12.47 -0.64 -0.21
O GLY AA . 12.45 -0.95 0.98
OXT GLY AA . 13.35 -1.13 -0.91
N1 IMD BA . -36.61 -0.78 20.42
C2 IMD BA . -35.40 -0.85 19.84
N3 IMD BA . -34.46 -1.01 20.80
C4 IMD BA . -35.08 -1.04 22.00
C5 IMD BA . -36.44 -0.89 21.76
CL CL CA . -33.24 -15.02 40.82
CL CL DA . -30.74 -29.52 13.14
CL CL EA . -24.36 -50.90 8.55
C1 PEG FA . -8.43 -29.30 6.58
O1 PEG FA . -8.62 -30.32 7.52
C2 PEG FA . -8.04 -29.89 5.22
O2 PEG FA . -9.19 -30.28 4.50
C3 PEG FA . -8.92 -30.90 3.28
C4 PEG FA . -8.06 -32.14 3.50
O4 PEG FA . -8.01 -32.90 2.33
N GLU GA . -24.26 -37.89 20.70
CA GLU GA . -23.52 -37.23 19.63
C GLU GA . -24.40 -36.20 18.90
O GLU GA . -24.06 -35.03 18.76
CB GLU GA . -22.96 -38.26 18.64
CG GLU GA . -22.55 -39.58 19.28
CD GLU GA . -21.96 -40.57 18.28
OE1 GLU GA . -22.26 -40.47 17.07
OE2 GLU GA . -21.19 -41.46 18.71
OXT GLU GA . -25.49 -36.51 18.40
CL CL HA . -30.53 -49.12 16.82
C1 GOL IA . -22.91 -62.05 0.53
O1 GOL IA . -22.62 -63.34 0.07
C2 GOL IA . -22.36 -61.03 -0.53
O2 GOL IA . -23.36 -60.58 -1.38
C3 GOL IA . -21.71 -59.88 0.29
O3 GOL IA . -21.09 -59.04 -0.64
N GLY JA . -31.00 -46.22 -8.68
CA GLY JA . -30.67 -45.79 -7.34
C GLY JA . -31.79 -45.98 -6.32
O GLY JA . -31.55 -46.03 -5.11
OXT GLY JA . -32.96 -46.10 -6.66
C1 GOL KA . -23.98 -13.82 24.03
O1 GOL KA . -23.43 -13.55 25.29
C2 GOL KA . -25.42 -13.27 24.06
O2 GOL KA . -25.43 -11.90 24.27
C3 GOL KA . -26.03 -13.65 22.70
O3 GOL KA . -26.10 -15.05 22.69
C1 GOL LA . -15.61 -2.07 18.13
O1 GOL LA . -16.93 -1.62 18.20
C2 GOL LA . -15.60 -3.52 18.66
O2 GOL LA . -14.91 -3.64 19.87
C3 GOL LA . -14.95 -4.35 17.54
O3 GOL LA . -15.82 -5.43 17.29
N GLY MA . -12.08 26.03 -6.66
CA GLY MA . -11.31 26.72 -5.63
C GLY MA . -9.87 26.96 -6.02
O GLY MA . -9.11 27.60 -5.29
OXT GLY MA . -9.42 26.51 -7.08
N1 IMD NA . -14.86 -3.09 38.00
C2 IMD NA . -13.92 -2.55 37.19
N3 IMD NA . -13.93 -1.21 37.34
C4 IMD NA . -14.86 -0.90 38.25
C5 IMD NA . -15.45 -2.08 38.68
N GLY OA . -9.37 4.52 35.50
CA GLY OA . -9.03 3.38 34.67
C GLY OA . -10.21 2.48 34.29
O GLY OA . -11.11 2.89 33.56
OXT GLY OA . -10.28 1.33 34.71
O1 PG4 PA . -12.68 10.55 -5.91
C1 PG4 PA . -13.79 10.22 -5.11
C2 PG4 PA . -13.82 8.71 -4.85
O2 PG4 PA . -14.27 8.47 -3.53
C3 PG4 PA . -13.36 7.74 -2.77
C4 PG4 PA . -13.54 8.02 -1.28
O3 PG4 PA . -12.98 9.25 -0.91
C5 PG4 PA . -11.88 9.12 -0.05
C6 PG4 PA . -11.71 10.34 0.86
O4 PG4 PA . -11.55 11.53 0.15
C7 PG4 PA . -11.24 12.62 0.98
C8 PG4 PA . -12.44 13.55 1.08
O5 PG4 PA . -12.37 14.32 2.25
CL CL QA . -11.14 -0.56 8.24
#